data_2JUN
#
_entry.id   2JUN
#
_cell.length_a   1.000
_cell.length_b   1.000
_cell.length_c   1.000
_cell.angle_alpha   90.00
_cell.angle_beta   90.00
_cell.angle_gamma   90.00
#
_symmetry.space_group_name_H-M   'P 1'
#
loop_
_entity.id
_entity.type
_entity.pdbx_description
1 polymer Midline-1
2 non-polymer 'ZINC ION'
#
_entity_poly.entity_id   1
_entity_poly.type   'polypeptide(L)'
_entity_poly.pdbx_seq_one_letter_code
;AEKVLCQFCDQDPAQDAVKTCVTCEVSYCDECLKATHPNKKPFTGHRLIEPIPDSHIRGLMCLEHEDEKVNMYCVTDDQL
ICALCKLVGRHRDHQVAALSE
;
_entity_poly.pdbx_strand_id   A
#
# COMPACT_ATOMS: atom_id res chain seq x y z
N ALA A 1 -5.89 6.91 -15.68
CA ALA A 1 -5.10 6.60 -14.50
C ALA A 1 -5.86 6.95 -13.22
N GLU A 2 -6.11 5.93 -12.40
CA GLU A 2 -6.84 6.12 -11.15
C GLU A 2 -5.88 6.09 -9.96
N LYS A 3 -4.84 6.91 -10.02
CA LYS A 3 -3.86 6.98 -8.94
C LYS A 3 -4.01 8.28 -8.14
N VAL A 4 -4.06 8.15 -6.83
CA VAL A 4 -4.20 9.30 -5.95
C VAL A 4 -2.85 9.95 -5.68
N LEU A 5 -2.79 11.27 -5.83
CA LEU A 5 -1.56 12.02 -5.60
C LEU A 5 -1.32 12.22 -4.10
N CYS A 6 -0.04 12.21 -3.71
CA CYS A 6 0.31 12.39 -2.31
C CYS A 6 -0.32 13.70 -1.83
N GLN A 7 -1.39 13.56 -1.04
CA GLN A 7 -2.09 14.71 -0.50
C GLN A 7 -1.20 15.50 0.46
N PHE A 8 -0.23 14.81 1.04
CA PHE A 8 0.69 15.44 1.98
C PHE A 8 2.02 15.78 1.31
N CYS A 9 1.94 16.24 0.06
CA CYS A 9 3.13 16.59 -0.68
C CYS A 9 3.10 18.10 -0.95
N ASP A 10 4.27 18.72 -0.80
CA ASP A 10 4.40 20.16 -1.02
C ASP A 10 5.57 20.45 -1.96
N GLN A 11 5.66 19.70 -3.05
CA GLN A 11 6.73 19.89 -4.02
C GLN A 11 6.34 20.92 -5.08
N ASP A 12 5.16 20.74 -5.66
CA ASP A 12 4.66 21.65 -6.69
C ASP A 12 5.57 21.62 -7.92
N PRO A 13 5.29 20.68 -8.83
CA PRO A 13 4.19 19.72 -8.67
C PRO A 13 4.45 18.71 -7.55
N ALA A 14 3.39 18.12 -7.02
CA ALA A 14 3.51 17.14 -5.96
C ALA A 14 3.76 15.74 -6.52
N GLN A 15 4.03 14.78 -5.63
CA GLN A 15 4.29 13.41 -6.05
C GLN A 15 3.04 12.55 -5.87
N ASP A 16 3.17 11.28 -6.22
CA ASP A 16 2.04 10.34 -6.10
C ASP A 16 2.32 9.29 -5.03
N ALA A 17 1.29 8.96 -4.26
CA ALA A 17 1.42 7.96 -3.20
C ALA A 17 1.48 6.55 -3.77
N VAL A 18 2.58 5.86 -3.51
CA VAL A 18 2.77 4.49 -4.00
C VAL A 18 2.71 3.49 -2.85
N LYS A 19 2.81 3.98 -1.63
CA LYS A 19 2.76 3.13 -0.44
C LYS A 19 1.74 3.65 0.56
N THR A 20 1.47 2.84 1.59
CA THR A 20 0.51 3.22 2.62
C THR A 20 0.80 2.49 3.93
N CYS A 21 0.86 3.25 5.01
CA CYS A 21 1.13 2.67 6.31
C CYS A 21 -0.20 2.42 7.02
N VAL A 22 -0.39 1.18 7.44
CA VAL A 22 -1.62 0.79 8.14
C VAL A 22 -1.66 1.37 9.54
N THR A 23 -0.52 1.37 10.21
CA THR A 23 -0.42 1.90 11.57
C THR A 23 -0.65 3.41 11.59
N CYS A 24 -0.47 4.04 10.44
CA CYS A 24 -0.66 5.48 10.35
C CYS A 24 -2.10 5.74 9.86
N GLU A 25 -2.65 4.74 9.18
CA GLU A 25 -4.00 4.85 8.65
C GLU A 25 -4.09 5.92 7.58
N VAL A 26 -3.02 6.08 6.81
CA VAL A 26 -2.98 7.08 5.75
C VAL A 26 -2.05 6.63 4.62
N SER A 27 -2.35 7.09 3.41
CA SER A 27 -1.55 6.74 2.24
C SER A 27 -0.65 7.90 1.83
N TYR A 28 0.65 7.63 1.75
CA TYR A 28 1.62 8.65 1.37
C TYR A 28 2.58 8.12 0.31
N CYS A 29 3.49 8.98 -0.14
CA CYS A 29 4.47 8.58 -1.15
C CYS A 29 5.75 8.17 -0.43
N ASP A 30 6.70 7.69 -1.22
CA ASP A 30 7.99 7.25 -0.70
C ASP A 30 8.71 8.39 0.02
N GLU A 31 8.71 9.56 -0.61
CA GLU A 31 9.36 10.74 -0.05
C GLU A 31 8.89 10.97 1.39
N CYS A 32 7.62 11.32 1.54
CA CYS A 32 7.06 11.58 2.85
C CYS A 32 7.32 10.35 3.73
N LEU A 33 7.03 9.18 3.17
CA LEU A 33 7.22 7.92 3.88
C LEU A 33 8.61 7.86 4.51
N LYS A 34 9.57 8.53 3.87
CA LYS A 34 10.94 8.55 4.37
C LYS A 34 11.05 9.39 5.63
N ALA A 35 10.42 10.56 5.60
CA ALA A 35 10.44 11.46 6.75
C ALA A 35 9.60 10.92 7.90
N THR A 36 8.36 10.55 7.59
CA THR A 36 7.46 10.01 8.61
C THR A 36 8.06 8.78 9.28
N HIS A 37 8.69 7.93 8.48
CA HIS A 37 9.31 6.71 9.01
C HIS A 37 10.83 6.82 8.98
N PRO A 38 11.40 7.37 10.06
CA PRO A 38 12.85 7.55 10.19
C PRO A 38 13.58 6.22 10.36
N ASN A 39 14.89 6.23 10.08
CA ASN A 39 15.70 5.02 10.20
C ASN A 39 15.60 4.43 11.60
N LYS A 40 15.39 3.11 11.66
CA LYS A 40 15.27 2.43 12.94
C LYS A 40 15.30 0.91 12.75
N LYS A 41 14.51 0.42 11.81
CA LYS A 41 14.45 -1.00 11.51
C LYS A 41 13.93 -1.78 12.73
N PRO A 42 13.46 -3.02 12.48
CA PRO A 42 13.44 -3.59 11.14
C PRO A 42 12.42 -2.93 10.23
N PHE A 43 11.45 -2.24 10.84
CA PHE A 43 10.41 -1.55 10.08
C PHE A 43 9.83 -0.40 10.88
N THR A 44 10.65 0.19 11.75
CA THR A 44 10.21 1.30 12.58
C THR A 44 8.90 0.98 13.30
N GLY A 45 8.72 -0.30 13.61
CA GLY A 45 7.51 -0.72 14.30
C GLY A 45 6.25 -0.30 13.57
N HIS A 46 6.37 -0.09 12.26
CA HIS A 46 5.23 0.32 11.44
C HIS A 46 4.94 -0.71 10.35
N ARG A 47 3.67 -1.08 10.22
CA ARG A 47 3.26 -2.06 9.21
C ARG A 47 2.76 -1.36 7.95
N LEU A 48 2.75 -2.08 6.84
CA LEU A 48 2.29 -1.53 5.57
C LEU A 48 1.50 -2.58 4.79
N ILE A 49 1.06 -2.20 3.59
CA ILE A 49 0.30 -3.10 2.74
C ILE A 49 1.16 -3.69 1.63
N GLU A 50 1.72 -4.86 1.88
CA GLU A 50 2.57 -5.53 0.91
C GLU A 50 3.81 -4.70 0.61
N PRO A 51 4.70 -4.60 1.60
CA PRO A 51 5.96 -3.84 1.48
C PRO A 51 6.94 -4.49 0.52
N ILE A 52 8.15 -3.95 0.45
CA ILE A 52 9.19 -4.49 -0.42
C ILE A 52 10.41 -4.90 0.38
N PRO A 53 10.33 -6.08 1.03
CA PRO A 53 11.42 -6.62 1.83
C PRO A 53 12.61 -7.07 0.98
N ASP A 54 13.66 -7.53 1.64
CA ASP A 54 14.85 -8.00 0.94
C ASP A 54 14.51 -9.11 -0.05
N SER A 55 13.43 -9.82 0.22
CA SER A 55 12.99 -10.91 -0.64
C SER A 55 12.45 -10.38 -1.96
N HIS A 56 13.09 -10.77 -3.05
CA HIS A 56 12.67 -10.34 -4.38
C HIS A 56 12.93 -11.42 -5.42
N ILE A 57 11.88 -11.81 -6.13
CA ILE A 57 11.99 -12.84 -7.15
C ILE A 57 11.11 -12.52 -8.36
N ARG A 58 9.83 -12.30 -8.11
CA ARG A 58 8.89 -11.98 -9.19
C ARG A 58 7.83 -11.00 -8.70
N GLY A 59 6.89 -11.49 -7.89
CA GLY A 59 5.83 -10.65 -7.37
C GLY A 59 5.98 -10.39 -5.89
N LEU A 60 4.88 -10.02 -5.24
CA LEU A 60 4.89 -9.74 -3.81
C LEU A 60 3.70 -10.40 -3.12
N MET A 61 3.86 -10.69 -1.83
CA MET A 61 2.80 -11.32 -1.05
C MET A 61 2.20 -10.33 -0.06
N CYS A 62 1.09 -10.72 0.55
CA CYS A 62 0.43 -9.86 1.52
C CYS A 62 1.21 -9.92 2.83
N LEU A 63 0.72 -9.17 3.81
CA LEU A 63 1.36 -9.12 5.13
C LEU A 63 1.40 -10.50 5.76
N GLU A 64 0.23 -11.09 5.99
CA GLU A 64 0.13 -12.41 6.59
C GLU A 64 -0.83 -13.30 5.81
N HIS A 65 -0.64 -13.35 4.50
CA HIS A 65 -1.49 -14.17 3.63
C HIS A 65 -0.66 -14.87 2.57
N GLU A 66 -0.02 -15.97 2.95
CA GLU A 66 0.80 -16.74 2.02
C GLU A 66 -0.07 -17.62 1.12
N ASP A 67 -1.17 -18.11 1.67
CA ASP A 67 -2.08 -18.96 0.92
C ASP A 67 -2.79 -18.17 -0.17
N GLU A 68 -2.88 -16.85 0.01
CA GLU A 68 -3.53 -15.99 -0.95
C GLU A 68 -2.64 -14.81 -1.32
N LYS A 69 -2.24 -14.74 -2.59
CA LYS A 69 -1.38 -13.67 -3.06
C LYS A 69 -2.20 -12.44 -3.41
N VAL A 70 -1.52 -11.34 -3.71
CA VAL A 70 -2.18 -10.08 -4.05
C VAL A 70 -2.63 -10.10 -5.51
N ASN A 71 -3.93 -9.93 -5.73
CA ASN A 71 -4.49 -9.92 -7.07
C ASN A 71 -5.49 -8.77 -7.24
N MET A 72 -5.37 -7.76 -6.39
CA MET A 72 -6.26 -6.61 -6.44
C MET A 72 -5.48 -5.31 -6.24
N TYR A 73 -6.15 -4.18 -6.43
CA TYR A 73 -5.51 -2.88 -6.28
C TYR A 73 -6.44 -1.91 -5.55
N CYS A 74 -5.88 -1.21 -4.58
CA CYS A 74 -6.66 -0.24 -3.80
C CYS A 74 -6.28 1.16 -4.26
N VAL A 75 -7.31 1.99 -4.45
CA VAL A 75 -7.10 3.37 -4.87
C VAL A 75 -6.78 4.28 -3.68
N THR A 76 -7.62 4.21 -2.66
CA THR A 76 -7.42 5.02 -1.46
C THR A 76 -6.01 4.88 -0.92
N ASP A 77 -5.42 3.70 -1.14
CA ASP A 77 -4.07 3.43 -0.66
C ASP A 77 -3.07 3.49 -1.81
N ASP A 78 -3.57 3.31 -3.03
CA ASP A 78 -2.72 3.34 -4.22
C ASP A 78 -1.71 2.20 -4.19
N GLN A 79 -2.09 1.08 -3.58
CA GLN A 79 -1.21 -0.07 -3.49
C GLN A 79 -1.93 -1.35 -3.92
N LEU A 80 -1.20 -2.46 -3.92
CA LEU A 80 -1.77 -3.75 -4.31
C LEU A 80 -2.24 -4.52 -3.09
N ILE A 81 -3.36 -5.23 -3.23
CA ILE A 81 -3.92 -6.02 -2.14
C ILE A 81 -4.42 -7.37 -2.64
N CYS A 82 -4.92 -8.18 -1.72
CA CYS A 82 -5.44 -9.49 -2.09
C CYS A 82 -6.96 -9.48 -1.87
N ALA A 83 -7.64 -10.31 -2.66
CA ALA A 83 -9.09 -10.43 -2.58
C ALA A 83 -9.53 -10.79 -1.17
N LEU A 84 -8.66 -11.51 -0.44
CA LEU A 84 -8.97 -11.92 0.91
C LEU A 84 -8.98 -10.72 1.86
N CYS A 85 -8.32 -9.64 1.46
CA CYS A 85 -8.27 -8.45 2.26
C CYS A 85 -9.58 -7.68 2.09
N LYS A 86 -10.06 -7.67 0.84
CA LYS A 86 -11.30 -6.99 0.50
C LYS A 86 -12.51 -7.76 1.03
N LEU A 87 -12.34 -9.06 1.22
CA LEU A 87 -13.42 -9.90 1.73
C LEU A 87 -13.60 -9.72 3.23
N VAL A 88 -12.50 -9.85 3.97
CA VAL A 88 -12.53 -9.69 5.42
C VAL A 88 -13.17 -8.37 5.81
N GLY A 89 -12.85 -7.32 5.06
CA GLY A 89 -13.41 -6.01 5.35
C GLY A 89 -12.35 -4.92 5.36
N ARG A 90 -11.09 -5.33 5.44
CA ARG A 90 -9.97 -4.38 5.45
C ARG A 90 -10.07 -3.40 4.28
N HIS A 91 -10.64 -3.87 3.18
CA HIS A 91 -10.79 -3.04 1.99
C HIS A 91 -12.18 -3.23 1.37
N ARG A 92 -13.19 -3.38 2.22
CA ARG A 92 -14.55 -3.58 1.75
C ARG A 92 -15.11 -2.29 1.15
N ASP A 93 -15.05 -1.21 1.93
CA ASP A 93 -15.55 0.08 1.47
C ASP A 93 -14.52 0.78 0.60
N HIS A 94 -13.37 0.14 0.42
CA HIS A 94 -12.31 0.71 -0.40
C HIS A 94 -12.60 0.53 -1.88
N GLN A 95 -12.36 1.58 -2.66
CA GLN A 95 -12.61 1.53 -4.10
C GLN A 95 -11.47 0.82 -4.82
N VAL A 96 -11.67 -0.46 -5.12
CA VAL A 96 -10.65 -1.25 -5.81
C VAL A 96 -11.11 -1.63 -7.21
N ALA A 97 -10.23 -2.28 -7.96
CA ALA A 97 -10.55 -2.71 -9.32
C ALA A 97 -10.06 -4.12 -9.59
N ALA A 98 -10.98 -5.02 -9.91
CA ALA A 98 -10.64 -6.41 -10.19
C ALA A 98 -11.10 -6.82 -11.58
N LEU A 99 -10.65 -7.98 -12.03
CA LEU A 99 -11.02 -8.50 -13.35
C LEU A 99 -12.53 -8.61 -13.48
N SER A 100 -13.00 -8.79 -14.72
CA SER A 100 -14.43 -8.91 -14.98
C SER A 100 -14.69 -9.90 -16.11
N GLU A 101 -15.65 -10.81 -15.90
CA GLU A 101 -15.99 -11.80 -16.90
C GLU A 101 -16.52 -11.15 -18.17
N ALA A 1 -4.53 7.40 -16.35
CA ALA A 1 -3.33 7.86 -15.65
C ALA A 1 -3.68 8.91 -14.60
N GLU A 2 -4.59 8.55 -13.68
CA GLU A 2 -5.00 9.45 -12.63
C GLU A 2 -4.34 9.09 -11.30
N LYS A 3 -4.76 7.97 -10.73
CA LYS A 3 -4.21 7.50 -9.47
C LYS A 3 -4.39 8.55 -8.37
N VAL A 4 -3.95 8.22 -7.16
CA VAL A 4 -4.07 9.14 -6.03
C VAL A 4 -2.78 9.90 -5.80
N LEU A 5 -2.90 11.21 -5.59
CA LEU A 5 -1.73 12.05 -5.35
C LEU A 5 -1.48 12.25 -3.86
N CYS A 6 -0.22 12.36 -3.48
CA CYS A 6 0.14 12.55 -2.09
C CYS A 6 -0.49 13.86 -1.61
N GLN A 7 -1.61 13.72 -0.92
CA GLN A 7 -2.32 14.88 -0.39
C GLN A 7 -1.51 15.58 0.69
N PHE A 8 -0.55 14.86 1.26
CA PHE A 8 0.30 15.41 2.32
C PHE A 8 1.71 15.66 1.79
N CYS A 9 1.81 16.14 0.56
CA CYS A 9 3.09 16.42 -0.04
C CYS A 9 3.34 17.92 0.02
N ASP A 10 4.61 18.28 0.22
CA ASP A 10 5.00 19.68 0.29
C ASP A 10 6.19 19.96 -0.62
N GLN A 11 6.11 19.47 -1.85
CA GLN A 11 7.18 19.66 -2.82
C GLN A 11 6.90 20.88 -3.71
N ASP A 12 5.69 20.93 -4.26
CA ASP A 12 5.29 22.03 -5.13
C ASP A 12 6.18 22.09 -6.37
N PRO A 13 5.78 21.34 -7.42
CA PRO A 13 4.57 20.51 -7.37
C PRO A 13 4.73 19.32 -6.45
N ALA A 14 3.60 18.75 -6.03
CA ALA A 14 3.61 17.59 -5.14
C ALA A 14 3.86 16.31 -5.92
N GLN A 15 3.89 15.19 -5.20
CA GLN A 15 4.13 13.89 -5.82
C GLN A 15 2.96 12.95 -5.58
N ASP A 16 3.07 11.73 -6.09
CA ASP A 16 2.02 10.73 -5.93
C ASP A 16 2.38 9.73 -4.84
N ALA A 17 1.37 9.10 -4.26
CA ALA A 17 1.57 8.12 -3.19
C ALA A 17 1.37 6.71 -3.71
N VAL A 18 2.41 5.88 -3.61
CA VAL A 18 2.35 4.50 -4.07
C VAL A 18 2.38 3.53 -2.90
N LYS A 19 2.66 4.07 -1.71
CA LYS A 19 2.72 3.25 -0.50
C LYS A 19 1.61 3.64 0.48
N THR A 20 1.34 2.76 1.44
CA THR A 20 0.32 3.01 2.44
C THR A 20 0.60 2.26 3.73
N CYS A 21 0.54 2.96 4.85
CA CYS A 21 0.79 2.35 6.13
C CYS A 21 -0.55 2.07 6.81
N VAL A 22 -0.66 0.87 7.38
CA VAL A 22 -1.88 0.45 8.05
C VAL A 22 -2.01 1.13 9.42
N THR A 23 -0.96 1.02 10.22
CA THR A 23 -0.95 1.62 11.54
C THR A 23 -1.21 3.12 11.48
N CYS A 24 -0.96 3.70 10.32
CA CYS A 24 -1.18 5.12 10.13
C CYS A 24 -2.58 5.34 9.58
N GLU A 25 -3.06 4.34 8.85
CA GLU A 25 -4.38 4.38 8.25
C GLU A 25 -4.46 5.48 7.19
N VAL A 26 -3.36 5.70 6.49
CA VAL A 26 -3.30 6.71 5.44
C VAL A 26 -2.33 6.30 4.34
N SER A 27 -2.58 6.79 3.13
CA SER A 27 -1.73 6.47 1.98
C SER A 27 -0.83 7.65 1.64
N TYR A 28 0.48 7.45 1.74
CA TYR A 28 1.44 8.50 1.45
C TYR A 28 2.48 8.01 0.43
N CYS A 29 3.40 8.89 0.07
CA CYS A 29 4.44 8.54 -0.88
C CYS A 29 5.70 8.17 -0.11
N ASP A 30 6.70 7.70 -0.85
CA ASP A 30 7.96 7.30 -0.27
C ASP A 30 8.61 8.45 0.49
N GLU A 31 8.61 9.63 -0.14
CA GLU A 31 9.20 10.82 0.46
C GLU A 31 8.65 11.04 1.87
N CYS A 32 7.37 11.36 1.96
CA CYS A 32 6.75 11.59 3.25
C CYS A 32 7.00 10.37 4.13
N LEU A 33 6.78 9.19 3.55
CA LEU A 33 6.98 7.94 4.26
C LEU A 33 8.35 7.90 4.94
N LYS A 34 9.30 8.64 4.35
CA LYS A 34 10.65 8.69 4.90
C LYS A 34 10.71 9.53 6.16
N ALA A 35 10.01 10.66 6.14
CA ALA A 35 9.97 11.55 7.30
C ALA A 35 9.07 10.98 8.40
N THR A 36 8.04 10.25 8.00
CA THR A 36 7.11 9.66 8.94
C THR A 36 7.68 8.38 9.55
N HIS A 37 8.29 7.56 8.71
CA HIS A 37 8.88 6.30 9.16
C HIS A 37 10.40 6.39 9.18
N PRO A 38 10.96 6.82 10.31
CA PRO A 38 12.41 6.96 10.47
C PRO A 38 13.12 5.60 10.52
N ASN A 39 14.40 5.63 10.89
CA ASN A 39 15.19 4.40 10.97
C ASN A 39 15.34 3.76 9.60
N LYS A 40 15.83 2.52 9.59
CA LYS A 40 16.02 1.79 8.35
C LYS A 40 15.47 0.37 8.46
N LYS A 41 15.69 -0.26 9.62
CA LYS A 41 15.22 -1.61 9.86
C LYS A 41 14.78 -1.79 11.31
N PRO A 42 13.99 -2.83 11.57
CA PRO A 42 13.54 -3.76 10.54
C PRO A 42 12.55 -3.13 9.56
N PHE A 43 11.53 -2.47 10.11
CA PHE A 43 10.52 -1.82 9.29
C PHE A 43 9.99 -0.57 9.99
N THR A 44 10.88 0.22 10.57
CA THR A 44 10.50 1.43 11.27
C THR A 44 9.43 1.15 12.31
N GLY A 45 9.36 -0.09 12.78
CA GLY A 45 8.38 -0.47 13.78
C GLY A 45 6.97 -0.15 13.34
N HIS A 46 6.76 -0.06 12.03
CA HIS A 46 5.44 0.25 11.49
C HIS A 46 4.96 -0.87 10.56
N ARG A 47 3.67 -1.16 10.62
CA ARG A 47 3.08 -2.21 9.79
C ARG A 47 2.38 -1.61 8.58
N LEU A 48 2.55 -2.25 7.43
CA LEU A 48 1.93 -1.78 6.19
C LEU A 48 1.48 -2.96 5.33
N ILE A 49 1.10 -2.66 4.09
CA ILE A 49 0.64 -3.70 3.17
C ILE A 49 1.64 -3.90 2.04
N GLU A 50 1.95 -5.15 1.74
CA GLU A 50 2.89 -5.48 0.68
C GLU A 50 4.26 -4.87 0.95
N PRO A 51 4.98 -5.46 1.92
CA PRO A 51 6.31 -4.99 2.31
C PRO A 51 7.36 -5.26 1.23
N ILE A 52 8.38 -4.41 1.17
CA ILE A 52 9.44 -4.56 0.19
C ILE A 52 10.82 -4.37 0.83
N PRO A 53 11.26 -5.38 1.60
CA PRO A 53 12.56 -5.35 2.28
C PRO A 53 13.72 -5.45 1.30
N ASP A 54 13.65 -6.42 0.40
CA ASP A 54 14.70 -6.61 -0.59
C ASP A 54 14.11 -7.08 -1.92
N SER A 55 13.09 -6.37 -2.40
CA SER A 55 12.44 -6.70 -3.66
C SER A 55 12.01 -8.17 -3.67
N HIS A 56 11.60 -8.64 -4.84
CA HIS A 56 11.16 -10.03 -4.98
C HIS A 56 11.15 -10.45 -6.45
N ILE A 57 10.64 -9.57 -7.31
CA ILE A 57 10.58 -9.84 -8.73
C ILE A 57 9.91 -11.20 -9.01
N ARG A 58 8.64 -11.30 -8.64
CA ARG A 58 7.89 -12.54 -8.84
C ARG A 58 6.46 -12.39 -8.33
N GLY A 59 6.32 -12.14 -7.04
CA GLY A 59 4.99 -11.98 -6.45
C GLY A 59 5.04 -11.85 -4.94
N LEU A 60 4.62 -10.69 -4.45
CA LEU A 60 4.62 -10.43 -3.00
C LEU A 60 3.37 -11.04 -2.35
N MET A 61 3.44 -11.24 -1.04
CA MET A 61 2.33 -11.81 -0.30
C MET A 61 1.70 -10.76 0.62
N CYS A 62 0.55 -11.08 1.19
CA CYS A 62 -0.13 -10.16 2.08
C CYS A 62 0.57 -10.20 3.44
N LEU A 63 0.04 -9.40 4.36
CA LEU A 63 0.59 -9.31 5.70
C LEU A 63 0.54 -10.67 6.40
N GLU A 64 -0.67 -11.19 6.57
CA GLU A 64 -0.86 -12.49 7.21
C GLU A 64 -1.81 -13.37 6.40
N HIS A 65 -1.53 -13.50 5.11
CA HIS A 65 -2.36 -14.30 4.22
C HIS A 65 -1.50 -15.09 3.23
N GLU A 66 -0.93 -16.20 3.71
CA GLU A 66 -0.09 -17.04 2.87
C GLU A 66 -0.94 -17.92 1.95
N ASP A 67 -2.10 -18.33 2.44
CA ASP A 67 -3.00 -19.18 1.67
C ASP A 67 -3.61 -18.39 0.50
N GLU A 68 -3.63 -17.07 0.63
CA GLU A 68 -4.19 -16.22 -0.41
C GLU A 68 -3.22 -15.10 -0.78
N LYS A 69 -2.75 -15.11 -2.02
CA LYS A 69 -1.82 -14.10 -2.49
C LYS A 69 -2.55 -12.84 -2.94
N VAL A 70 -1.80 -11.79 -3.23
CA VAL A 70 -2.38 -10.53 -3.67
C VAL A 70 -2.75 -10.58 -5.15
N ASN A 71 -4.03 -10.36 -5.44
CA ASN A 71 -4.50 -10.38 -6.82
C ASN A 71 -5.45 -9.21 -7.08
N MET A 72 -5.33 -8.17 -6.27
CA MET A 72 -6.18 -6.98 -6.41
C MET A 72 -5.35 -5.72 -6.25
N TYR A 73 -5.99 -4.57 -6.49
CA TYR A 73 -5.32 -3.28 -6.36
C TYR A 73 -6.24 -2.24 -5.77
N CYS A 74 -5.74 -1.48 -4.80
CA CYS A 74 -6.52 -0.45 -4.16
C CYS A 74 -6.07 0.91 -4.69
N VAL A 75 -7.05 1.75 -5.00
CA VAL A 75 -6.78 3.08 -5.52
C VAL A 75 -6.49 4.07 -4.38
N THR A 76 -7.38 4.12 -3.41
CA THR A 76 -7.23 5.01 -2.27
C THR A 76 -5.86 4.84 -1.62
N ASP A 77 -5.32 3.63 -1.71
CA ASP A 77 -4.01 3.34 -1.13
C ASP A 77 -2.94 3.29 -2.21
N ASP A 78 -3.36 3.06 -3.45
CA ASP A 78 -2.43 2.98 -4.57
C ASP A 78 -1.47 1.82 -4.41
N GLN A 79 -1.93 0.75 -3.75
CA GLN A 79 -1.09 -0.41 -3.52
C GLN A 79 -1.83 -1.69 -3.92
N LEU A 80 -1.14 -2.82 -3.81
CA LEU A 80 -1.73 -4.11 -4.15
C LEU A 80 -2.32 -4.78 -2.92
N ILE A 81 -3.35 -5.61 -3.14
CA ILE A 81 -3.99 -6.32 -2.04
C ILE A 81 -4.55 -7.66 -2.51
N CYS A 82 -5.16 -8.40 -1.59
CA CYS A 82 -5.72 -9.70 -1.92
C CYS A 82 -7.25 -9.60 -1.80
N ALA A 83 -7.92 -10.44 -2.58
CA ALA A 83 -9.37 -10.47 -2.58
C ALA A 83 -9.92 -10.76 -1.19
N LEU A 84 -9.14 -11.50 -0.40
CA LEU A 84 -9.55 -11.85 0.95
C LEU A 84 -9.58 -10.61 1.85
N CYS A 85 -8.85 -9.59 1.45
CA CYS A 85 -8.80 -8.36 2.21
C CYS A 85 -10.07 -7.55 1.91
N LYS A 86 -10.46 -7.57 0.65
CA LYS A 86 -11.64 -6.85 0.18
C LYS A 86 -12.92 -7.55 0.67
N LEU A 87 -12.82 -8.85 0.91
CA LEU A 87 -13.96 -9.64 1.37
C LEU A 87 -14.23 -9.37 2.84
N VAL A 88 -13.19 -9.49 3.67
CA VAL A 88 -13.32 -9.27 5.11
C VAL A 88 -13.93 -7.91 5.39
N GLY A 89 -13.54 -6.91 4.61
CA GLY A 89 -14.06 -5.57 4.80
C GLY A 89 -12.96 -4.52 4.86
N ARG A 90 -11.73 -4.97 5.09
CA ARG A 90 -10.59 -4.06 5.18
C ARG A 90 -10.53 -3.14 3.96
N HIS A 91 -11.00 -3.64 2.82
CA HIS A 91 -11.01 -2.87 1.59
C HIS A 91 -12.35 -3.00 0.87
N ARG A 92 -13.43 -2.98 1.64
CA ARG A 92 -14.77 -3.10 1.08
C ARG A 92 -15.25 -1.75 0.54
N ASP A 93 -15.16 -0.72 1.36
CA ASP A 93 -15.59 0.62 0.97
C ASP A 93 -14.57 1.25 0.02
N HIS A 94 -13.44 0.58 -0.16
CA HIS A 94 -12.39 1.08 -1.05
C HIS A 94 -12.75 0.81 -2.51
N GLN A 95 -12.21 1.62 -3.41
CA GLN A 95 -12.47 1.48 -4.83
C GLN A 95 -11.33 0.74 -5.52
N VAL A 96 -11.55 -0.56 -5.77
CA VAL A 96 -10.53 -1.39 -6.43
C VAL A 96 -10.99 -1.81 -7.81
N ALA A 97 -10.13 -2.53 -8.52
CA ALA A 97 -10.44 -3.01 -9.86
C ALA A 97 -10.38 -4.53 -9.94
N ALA A 98 -11.41 -5.12 -10.53
CA ALA A 98 -11.47 -6.57 -10.66
C ALA A 98 -11.01 -7.02 -12.04
N LEU A 99 -10.43 -8.21 -12.11
CA LEU A 99 -9.94 -8.75 -13.38
C LEU A 99 -10.54 -10.14 -13.65
N SER A 100 -10.39 -11.04 -12.68
CA SER A 100 -10.92 -12.39 -12.82
C SER A 100 -11.40 -12.92 -11.48
N GLU A 101 -12.57 -13.56 -11.49
CA GLU A 101 -13.14 -14.11 -10.27
C GLU A 101 -12.71 -15.56 -10.07
N ALA A 1 -4.06 11.31 -14.51
CA ALA A 1 -3.97 11.40 -13.07
C ALA A 1 -4.84 10.35 -12.40
N GLU A 2 -4.77 9.13 -12.90
CA GLU A 2 -5.56 8.03 -12.35
C GLU A 2 -5.20 7.77 -10.89
N LYS A 3 -3.96 7.35 -10.66
CA LYS A 3 -3.48 7.07 -9.31
C LYS A 3 -3.57 8.32 -8.43
N VAL A 4 -3.78 8.11 -7.13
CA VAL A 4 -3.88 9.21 -6.19
C VAL A 4 -2.54 9.90 -6.00
N LEU A 5 -2.56 11.22 -5.90
CA LEU A 5 -1.34 12.01 -5.72
C LEU A 5 -1.06 12.24 -4.24
N CYS A 6 0.21 12.18 -3.86
CA CYS A 6 0.59 12.39 -2.47
C CYS A 6 0.02 13.73 -2.02
N GLN A 7 -1.01 13.65 -1.19
CA GLN A 7 -1.66 14.84 -0.65
C GLN A 7 -0.71 15.63 0.24
N PHE A 8 0.27 14.95 0.80
CA PHE A 8 1.25 15.58 1.68
C PHE A 8 2.55 15.85 0.93
N CYS A 9 2.43 16.25 -0.32
CA CYS A 9 3.61 16.55 -1.13
C CYS A 9 3.61 18.04 -1.47
N ASP A 10 4.79 18.63 -1.40
CA ASP A 10 4.95 20.06 -1.69
C ASP A 10 6.10 20.28 -2.68
N GLN A 11 6.13 19.46 -3.73
CA GLN A 11 7.17 19.58 -4.75
C GLN A 11 6.77 20.58 -5.82
N ASP A 12 5.56 20.45 -6.33
CA ASP A 12 5.06 21.35 -7.37
C ASP A 12 5.89 21.21 -8.64
N PRO A 13 5.52 20.24 -9.49
CA PRO A 13 4.39 19.35 -9.23
C PRO A 13 4.67 18.39 -8.08
N ALA A 14 3.61 17.90 -7.44
CA ALA A 14 3.74 16.97 -6.34
C ALA A 14 3.97 15.55 -6.84
N GLN A 15 4.27 14.63 -5.92
CA GLN A 15 4.52 13.24 -6.28
C GLN A 15 3.26 12.40 -6.08
N ASP A 16 3.36 11.11 -6.37
CA ASP A 16 2.23 10.19 -6.22
C ASP A 16 2.48 9.20 -5.09
N ALA A 17 1.41 8.78 -4.43
CA ALA A 17 1.51 7.84 -3.33
C ALA A 17 1.64 6.41 -3.85
N VAL A 18 2.74 5.74 -3.48
CA VAL A 18 2.98 4.37 -3.91
C VAL A 18 2.86 3.41 -2.74
N LYS A 19 3.04 3.93 -1.53
CA LYS A 19 2.95 3.10 -0.33
C LYS A 19 1.82 3.58 0.57
N THR A 20 1.48 2.77 1.57
CA THR A 20 0.42 3.11 2.51
C THR A 20 0.60 2.40 3.84
N CYS A 21 0.52 3.16 4.93
CA CYS A 21 0.68 2.58 6.25
C CYS A 21 -0.70 2.25 6.80
N VAL A 22 -0.78 1.10 7.47
CA VAL A 22 -2.02 0.64 8.06
C VAL A 22 -2.28 1.31 9.40
N THR A 23 -1.33 1.19 10.31
CA THR A 23 -1.45 1.80 11.64
C THR A 23 -1.77 3.28 11.54
N CYS A 24 -1.33 3.90 10.45
CA CYS A 24 -1.58 5.32 10.24
C CYS A 24 -2.88 5.47 9.46
N GLU A 25 -3.12 4.50 8.58
CA GLU A 25 -4.33 4.51 7.76
C GLU A 25 -4.32 5.70 6.81
N VAL A 26 -3.20 5.92 6.14
CA VAL A 26 -3.06 7.03 5.21
C VAL A 26 -2.24 6.62 3.98
N SER A 27 -2.50 7.28 2.86
CA SER A 27 -1.79 6.97 1.61
C SER A 27 -0.81 8.09 1.27
N TYR A 28 0.47 7.75 1.27
CA TYR A 28 1.52 8.73 0.96
C TYR A 28 2.53 8.15 -0.02
N CYS A 29 3.53 8.95 -0.38
CA CYS A 29 4.56 8.50 -1.29
C CYS A 29 5.78 8.09 -0.49
N ASP A 30 6.71 7.42 -1.17
CA ASP A 30 7.94 6.95 -0.54
C ASP A 30 8.72 8.12 0.05
N GLU A 31 8.76 9.23 -0.68
CA GLU A 31 9.48 10.42 -0.24
C GLU A 31 9.06 10.79 1.19
N CYS A 32 7.81 11.19 1.34
CA CYS A 32 7.31 11.58 2.65
C CYS A 32 7.46 10.38 3.59
N LEU A 33 7.13 9.20 3.07
CA LEU A 33 7.22 7.97 3.84
C LEU A 33 8.60 7.83 4.49
N LYS A 34 9.59 8.46 3.88
CA LYS A 34 10.96 8.41 4.40
C LYS A 34 11.13 9.36 5.58
N ALA A 35 10.63 10.58 5.42
CA ALA A 35 10.73 11.59 6.48
C ALA A 35 9.87 11.21 7.67
N THR A 36 8.70 10.65 7.41
CA THR A 36 7.79 10.24 8.48
C THR A 36 8.20 8.89 9.06
N HIS A 37 8.41 7.91 8.19
CA HIS A 37 8.81 6.58 8.63
C HIS A 37 10.26 6.29 8.24
N PRO A 38 11.19 6.67 9.12
CA PRO A 38 12.63 6.47 8.90
C PRO A 38 13.02 4.99 8.97
N ASN A 39 13.91 4.59 8.07
CA ASN A 39 14.36 3.20 8.02
C ASN A 39 13.20 2.25 7.77
N LYS A 40 13.46 0.96 7.92
CA LYS A 40 12.43 -0.06 7.71
C LYS A 40 12.90 -1.42 8.24
N LYS A 41 13.77 -1.40 9.24
CA LYS A 41 14.29 -2.62 9.83
C LYS A 41 15.25 -2.31 10.98
N PRO A 42 15.47 -3.30 11.85
CA PRO A 42 14.82 -4.62 11.73
C PRO A 42 13.33 -4.57 12.02
N PHE A 43 12.88 -3.45 12.58
CA PHE A 43 11.46 -3.27 12.90
C PHE A 43 11.19 -1.86 13.39
N THR A 44 11.04 -0.92 12.46
CA THR A 44 10.79 0.47 12.79
C THR A 44 9.62 0.59 13.77
N GLY A 45 8.69 -0.36 13.69
CA GLY A 45 7.54 -0.34 14.59
C GLY A 45 6.27 0.07 13.87
N HIS A 46 6.34 0.16 12.55
CA HIS A 46 5.18 0.55 11.75
C HIS A 46 4.83 -0.54 10.75
N ARG A 47 3.56 -0.95 10.76
CA ARG A 47 3.10 -1.99 9.84
C ARG A 47 2.36 -1.39 8.65
N LEU A 48 2.48 -2.03 7.50
CA LEU A 48 1.83 -1.55 6.28
C LEU A 48 1.23 -2.71 5.50
N ILE A 49 0.72 -2.41 4.30
CA ILE A 49 0.12 -3.43 3.46
C ILE A 49 1.18 -4.27 2.76
N GLU A 50 1.06 -5.59 2.89
CA GLU A 50 2.02 -6.50 2.27
C GLU A 50 3.41 -6.31 2.86
N PRO A 51 4.26 -7.33 2.69
CA PRO A 51 5.64 -7.30 3.20
C PRO A 51 6.52 -6.31 2.44
N ILE A 52 7.79 -6.25 2.80
CA ILE A 52 8.74 -5.35 2.16
C ILE A 52 10.16 -5.90 2.22
N PRO A 53 10.40 -6.99 1.50
CA PRO A 53 11.72 -7.64 1.45
C PRO A 53 12.74 -6.80 0.71
N ASP A 54 12.30 -6.13 -0.35
CA ASP A 54 13.19 -5.31 -1.16
C ASP A 54 12.38 -4.40 -2.08
N SER A 55 13.05 -3.38 -2.63
CA SER A 55 12.39 -2.44 -3.53
C SER A 55 11.93 -3.14 -4.81
N HIS A 56 10.85 -2.63 -5.39
CA HIS A 56 10.30 -3.20 -6.61
C HIS A 56 9.82 -4.63 -6.37
N ILE A 57 9.32 -5.27 -7.43
CA ILE A 57 8.83 -6.64 -7.34
C ILE A 57 7.62 -6.72 -6.40
N ARG A 58 6.45 -6.40 -6.93
CA ARG A 58 5.22 -6.43 -6.13
C ARG A 58 4.42 -7.70 -6.43
N GLY A 59 4.99 -8.86 -6.06
CA GLY A 59 4.32 -10.12 -6.30
C GLY A 59 4.33 -11.01 -5.08
N LEU A 60 4.88 -10.50 -3.98
CA LEU A 60 4.95 -11.28 -2.74
C LEU A 60 3.56 -11.55 -2.19
N MET A 61 3.49 -12.41 -1.18
CA MET A 61 2.20 -12.75 -0.56
C MET A 61 1.77 -11.67 0.42
N CYS A 62 0.54 -11.78 0.89
CA CYS A 62 0.00 -10.81 1.83
C CYS A 62 0.82 -10.89 3.12
N LEU A 63 0.45 -10.06 4.08
CA LEU A 63 1.12 -10.01 5.37
C LEU A 63 1.03 -11.36 6.07
N GLU A 64 -0.21 -11.79 6.36
CA GLU A 64 -0.43 -13.06 7.03
C GLU A 64 -1.51 -13.87 6.33
N HIS A 65 -1.38 -14.00 5.01
CA HIS A 65 -2.35 -14.75 4.21
C HIS A 65 -1.65 -15.60 3.16
N GLU A 66 -1.14 -16.75 3.57
CA GLU A 66 -0.44 -17.65 2.66
C GLU A 66 -1.43 -18.45 1.84
N ASP A 67 -2.61 -18.70 2.40
CA ASP A 67 -3.64 -19.47 1.71
C ASP A 67 -4.24 -18.65 0.57
N GLU A 68 -4.12 -17.33 0.67
CA GLU A 68 -4.65 -16.44 -0.37
C GLU A 68 -3.62 -15.38 -0.75
N LYS A 69 -3.17 -15.42 -2.01
CA LYS A 69 -2.20 -14.47 -2.51
C LYS A 69 -2.86 -13.16 -2.91
N VAL A 70 -2.06 -12.17 -3.28
CA VAL A 70 -2.57 -10.87 -3.69
C VAL A 70 -3.06 -10.91 -5.14
N ASN A 71 -4.34 -10.62 -5.33
CA ASN A 71 -4.94 -10.62 -6.66
C ASN A 71 -5.84 -9.40 -6.85
N MET A 72 -5.62 -8.37 -6.04
CA MET A 72 -6.41 -7.15 -6.13
C MET A 72 -5.52 -5.92 -5.98
N TYR A 73 -6.12 -4.75 -6.16
CA TYR A 73 -5.38 -3.49 -6.05
C TYR A 73 -6.25 -2.40 -5.45
N CYS A 74 -5.69 -1.63 -4.54
CA CYS A 74 -6.43 -0.55 -3.90
C CYS A 74 -5.94 0.77 -4.47
N VAL A 75 -6.91 1.64 -4.79
CA VAL A 75 -6.60 2.94 -5.37
C VAL A 75 -6.31 3.97 -4.27
N THR A 76 -7.17 3.99 -3.25
CA THR A 76 -7.00 4.92 -2.14
C THR A 76 -5.62 4.76 -1.49
N ASP A 77 -5.05 3.57 -1.64
CA ASP A 77 -3.74 3.29 -1.06
C ASP A 77 -2.68 3.14 -2.15
N ASP A 78 -3.14 2.86 -3.37
CA ASP A 78 -2.24 2.69 -4.51
C ASP A 78 -1.32 1.49 -4.30
N GLN A 79 -1.82 0.48 -3.59
CA GLN A 79 -1.03 -0.71 -3.32
C GLN A 79 -1.79 -1.97 -3.72
N LEU A 80 -1.15 -3.12 -3.57
CA LEU A 80 -1.77 -4.39 -3.93
C LEU A 80 -2.35 -5.07 -2.70
N ILE A 81 -3.42 -5.85 -2.90
CA ILE A 81 -4.07 -6.56 -1.81
C ILE A 81 -4.67 -7.88 -2.29
N CYS A 82 -5.19 -8.65 -1.35
CA CYS A 82 -5.79 -9.93 -1.70
C CYS A 82 -7.31 -9.82 -1.50
N ALA A 83 -8.03 -10.65 -2.24
CA ALA A 83 -9.49 -10.67 -2.17
C ALA A 83 -9.96 -10.92 -0.75
N LEU A 84 -9.15 -11.63 0.03
CA LEU A 84 -9.49 -11.94 1.41
C LEU A 84 -9.39 -10.71 2.29
N CYS A 85 -8.65 -9.70 1.82
CA CYS A 85 -8.50 -8.48 2.57
C CYS A 85 -9.74 -7.62 2.34
N LYS A 86 -10.24 -7.64 1.11
CA LYS A 86 -11.42 -6.88 0.73
C LYS A 86 -12.68 -7.51 1.32
N LEU A 87 -12.62 -8.81 1.59
CA LEU A 87 -13.75 -9.53 2.15
C LEU A 87 -13.89 -9.26 3.65
N VAL A 88 -12.80 -9.45 4.38
CA VAL A 88 -12.79 -9.23 5.82
C VAL A 88 -13.31 -7.84 6.16
N GLY A 89 -12.93 -6.86 5.34
CA GLY A 89 -13.36 -5.49 5.56
C GLY A 89 -12.23 -4.50 5.49
N ARG A 90 -11.00 -5.01 5.50
CA ARG A 90 -9.81 -4.16 5.44
C ARG A 90 -9.90 -3.19 4.26
N HIS A 91 -10.55 -3.64 3.18
CA HIS A 91 -10.70 -2.81 1.99
C HIS A 91 -12.10 -2.97 1.39
N ARG A 92 -13.11 -2.99 2.27
CA ARG A 92 -14.49 -3.13 1.82
C ARG A 92 -15.04 -1.81 1.29
N ASP A 93 -14.90 -0.75 2.08
CA ASP A 93 -15.39 0.56 1.70
C ASP A 93 -14.44 1.21 0.71
N HIS A 94 -13.31 0.55 0.45
CA HIS A 94 -12.32 1.07 -0.48
C HIS A 94 -12.75 0.83 -1.93
N GLN A 95 -12.05 1.47 -2.86
CA GLN A 95 -12.36 1.32 -4.28
C GLN A 95 -11.26 0.55 -5.00
N VAL A 96 -11.49 -0.74 -5.22
CA VAL A 96 -10.51 -1.59 -5.90
C VAL A 96 -11.04 -2.04 -7.26
N ALA A 97 -10.17 -2.65 -8.05
CA ALA A 97 -10.55 -3.14 -9.37
C ALA A 97 -10.47 -4.67 -9.44
N ALA A 98 -11.60 -5.31 -9.72
CA ALA A 98 -11.65 -6.76 -9.81
C ALA A 98 -11.36 -7.23 -11.23
N LEU A 99 -10.40 -8.15 -11.36
CA LEU A 99 -10.03 -8.68 -12.67
C LEU A 99 -10.05 -10.21 -12.67
N SER A 100 -9.37 -10.80 -11.67
CA SER A 100 -9.31 -12.25 -11.55
C SER A 100 -8.63 -12.87 -12.77
N GLU A 101 -8.67 -14.20 -12.87
CA GLU A 101 -8.06 -14.90 -13.98
C GLU A 101 -8.37 -16.40 -13.90
N ALA A 1 -7.25 6.47 -13.37
CA ALA A 1 -6.57 7.24 -14.40
C ALA A 1 -5.87 8.46 -13.80
N GLU A 2 -6.59 9.20 -12.95
CA GLU A 2 -6.04 10.37 -12.31
C GLU A 2 -5.25 10.00 -11.06
N LYS A 3 -5.70 8.95 -10.37
CA LYS A 3 -5.03 8.49 -9.16
C LYS A 3 -4.99 9.58 -8.10
N VAL A 4 -4.48 9.25 -6.93
CA VAL A 4 -4.39 10.21 -5.83
C VAL A 4 -2.99 10.80 -5.73
N LEU A 5 -2.92 12.08 -5.41
CA LEU A 5 -1.64 12.77 -5.27
C LEU A 5 -1.25 12.94 -3.80
N CYS A 6 0.02 12.75 -3.51
CA CYS A 6 0.49 12.89 -2.14
C CYS A 6 0.09 14.27 -1.62
N GLN A 7 -0.91 14.27 -0.75
CA GLN A 7 -1.42 15.50 -0.16
C GLN A 7 -0.36 16.17 0.71
N PHE A 8 0.59 15.38 1.19
CA PHE A 8 1.66 15.89 2.03
C PHE A 8 2.95 16.05 1.24
N CYS A 9 2.83 16.51 0.00
CA CYS A 9 3.98 16.71 -0.85
C CYS A 9 4.11 18.20 -1.15
N ASP A 10 5.35 18.64 -1.29
CA ASP A 10 5.65 20.04 -1.57
C ASP A 10 6.61 20.17 -2.75
N GLN A 11 6.52 19.22 -3.68
CA GLN A 11 7.39 19.23 -4.86
C GLN A 11 6.96 20.32 -5.85
N ASP A 12 5.67 20.35 -6.16
CA ASP A 12 5.14 21.34 -7.09
C ASP A 12 5.78 21.20 -8.47
N PRO A 13 5.19 20.32 -9.30
CA PRO A 13 4.01 19.54 -8.93
C PRO A 13 4.32 18.49 -7.87
N ALA A 14 3.29 18.06 -7.14
CA ALA A 14 3.45 17.06 -6.10
C ALA A 14 3.44 15.66 -6.69
N GLN A 15 4.09 14.72 -6.02
CA GLN A 15 4.15 13.34 -6.48
C GLN A 15 2.88 12.58 -6.11
N ASP A 16 2.80 11.33 -6.53
CA ASP A 16 1.63 10.50 -6.25
C ASP A 16 1.92 9.53 -5.11
N ALA A 17 0.85 9.09 -4.44
CA ALA A 17 0.99 8.15 -3.33
C ALA A 17 1.03 6.71 -3.82
N VAL A 18 2.12 6.02 -3.51
CA VAL A 18 2.28 4.62 -3.92
C VAL A 18 2.20 3.68 -2.72
N LYS A 19 2.47 4.22 -1.54
CA LYS A 19 2.44 3.43 -0.31
C LYS A 19 1.34 3.94 0.62
N THR A 20 0.99 3.12 1.61
CA THR A 20 -0.03 3.48 2.57
C THR A 20 0.16 2.74 3.90
N CYS A 21 0.08 3.46 4.99
CA CYS A 21 0.24 2.86 6.30
C CYS A 21 -1.14 2.60 6.89
N VAL A 22 -1.38 1.34 7.25
CA VAL A 22 -2.65 0.92 7.82
C VAL A 22 -2.78 1.39 9.26
N THR A 23 -1.64 1.46 9.97
CA THR A 23 -1.64 1.89 11.35
C THR A 23 -1.86 3.39 11.46
N CYS A 24 -1.53 4.12 10.41
CA CYS A 24 -1.70 5.55 10.40
C CYS A 24 -3.02 5.88 9.70
N GLU A 25 -3.43 4.97 8.83
CA GLU A 25 -4.67 5.14 8.08
C GLU A 25 -4.59 6.34 7.15
N VAL A 26 -3.46 6.48 6.46
CA VAL A 26 -3.26 7.60 5.53
C VAL A 26 -2.53 7.13 4.27
N SER A 27 -2.80 7.82 3.17
CA SER A 27 -2.17 7.49 1.89
C SER A 27 -1.13 8.54 1.50
N TYR A 28 0.13 8.12 1.43
CA TYR A 28 1.21 9.03 1.07
C TYR A 28 2.13 8.40 0.03
N CYS A 29 3.16 9.13 -0.37
CA CYS A 29 4.10 8.62 -1.35
C CYS A 29 5.32 8.08 -0.61
N ASP A 30 6.09 7.26 -1.32
CA ASP A 30 7.30 6.67 -0.75
C ASP A 30 8.23 7.73 -0.20
N GLU A 31 8.35 8.84 -0.93
CA GLU A 31 9.21 9.94 -0.51
C GLU A 31 8.94 10.32 0.94
N CYS A 32 7.75 10.83 1.20
CA CYS A 32 7.39 11.24 2.55
C CYS A 32 7.45 10.01 3.45
N LEU A 33 6.96 8.89 2.91
CA LEU A 33 6.95 7.64 3.65
C LEU A 33 8.32 7.32 4.23
N LYS A 34 9.36 7.84 3.58
CA LYS A 34 10.72 7.62 4.03
C LYS A 34 11.07 8.55 5.20
N ALA A 35 10.74 9.83 5.05
CA ALA A 35 11.01 10.81 6.09
C ALA A 35 10.22 10.49 7.35
N THR A 36 8.97 10.08 7.17
CA THR A 36 8.10 9.75 8.30
C THR A 36 8.41 8.35 8.84
N HIS A 37 8.42 7.37 7.94
CA HIS A 37 8.70 5.99 8.33
C HIS A 37 10.07 5.55 7.82
N PRO A 38 11.11 5.80 8.63
CA PRO A 38 12.48 5.44 8.28
C PRO A 38 12.71 3.93 8.29
N ASN A 39 13.47 3.44 7.32
CA ASN A 39 13.76 2.01 7.21
C ASN A 39 14.74 1.59 8.30
N LYS A 40 14.27 0.78 9.25
CA LYS A 40 15.11 0.29 10.33
C LYS A 40 15.11 -1.23 10.39
N LYS A 41 14.01 -1.79 10.90
CA LYS A 41 13.87 -3.24 11.01
C LYS A 41 14.95 -3.82 11.93
N PRO A 42 14.72 -5.05 12.40
CA PRO A 42 13.50 -5.81 12.09
C PRO A 42 12.26 -5.22 12.74
N PHE A 43 11.19 -5.10 11.96
CA PHE A 43 9.93 -4.55 12.46
C PHE A 43 10.10 -3.09 12.87
N THR A 44 9.98 -2.20 11.90
CA THR A 44 10.12 -0.77 12.16
C THR A 44 9.08 -0.28 13.16
N GLY A 45 8.03 -1.08 13.36
CA GLY A 45 6.99 -0.72 14.29
C GLY A 45 5.73 -0.23 13.59
N HIS A 46 5.81 -0.09 12.27
CA HIS A 46 4.67 0.37 11.49
C HIS A 46 4.27 -0.67 10.45
N ARG A 47 2.96 -0.84 10.25
CA ARG A 47 2.46 -1.81 9.29
C ARG A 47 2.04 -1.12 7.99
N LEU A 48 2.47 -1.69 6.88
CA LEU A 48 2.15 -1.12 5.56
C LEU A 48 1.93 -2.22 4.53
N ILE A 49 0.75 -2.24 3.94
CA ILE A 49 0.42 -3.25 2.93
C ILE A 49 1.50 -3.32 1.85
N GLU A 50 1.86 -4.53 1.46
CA GLU A 50 2.87 -4.74 0.43
C GLU A 50 4.21 -4.13 0.87
N PRO A 51 4.82 -4.74 1.89
CA PRO A 51 6.12 -4.27 2.42
C PRO A 51 7.26 -4.52 1.46
N ILE A 52 8.49 -4.26 1.91
CA ILE A 52 9.67 -4.45 1.08
C ILE A 52 10.83 -5.01 1.90
N PRO A 53 10.78 -6.32 2.18
CA PRO A 53 11.82 -7.00 2.95
C PRO A 53 13.14 -7.11 2.20
N ASP A 54 13.05 -7.49 0.93
CA ASP A 54 14.24 -7.63 0.09
C ASP A 54 13.92 -7.29 -1.37
N SER A 55 12.96 -8.02 -1.94
CA SER A 55 12.57 -7.80 -3.33
C SER A 55 11.43 -8.74 -3.73
N HIS A 56 10.72 -8.38 -4.78
CA HIS A 56 9.60 -9.19 -5.26
C HIS A 56 9.39 -8.98 -6.76
N ILE A 57 10.07 -9.78 -7.57
CA ILE A 57 9.95 -9.68 -9.02
C ILE A 57 8.92 -10.68 -9.56
N ARG A 58 8.78 -11.81 -8.87
CA ARG A 58 7.82 -12.83 -9.27
C ARG A 58 6.50 -12.67 -8.52
N GLY A 59 6.10 -11.43 -8.29
CA GLY A 59 4.86 -11.16 -7.59
C GLY A 59 5.09 -10.82 -6.13
N LEU A 60 4.32 -9.85 -5.63
CA LEU A 60 4.45 -9.44 -4.23
C LEU A 60 3.42 -10.15 -3.36
N MET A 61 3.74 -10.27 -2.07
CA MET A 61 2.84 -10.94 -1.13
C MET A 61 2.23 -9.93 -0.16
N CYS A 62 1.25 -10.38 0.60
CA CYS A 62 0.59 -9.50 1.56
C CYS A 62 1.43 -9.47 2.84
N LEU A 63 0.95 -8.69 3.80
CA LEU A 63 1.63 -8.54 5.08
C LEU A 63 1.76 -9.89 5.78
N GLU A 64 0.63 -10.51 6.09
CA GLU A 64 0.60 -11.80 6.76
C GLU A 64 -0.35 -12.76 6.06
N HIS A 65 -0.20 -12.88 4.74
CA HIS A 65 -1.05 -13.77 3.96
C HIS A 65 -0.23 -14.48 2.87
N GLU A 66 0.48 -15.53 3.27
CA GLU A 66 1.30 -16.28 2.33
C GLU A 66 0.45 -17.27 1.53
N ASP A 67 -0.61 -17.78 2.17
CA ASP A 67 -1.50 -18.73 1.52
C ASP A 67 -2.34 -18.04 0.45
N GLU A 68 -2.40 -16.71 0.51
CA GLU A 68 -3.17 -15.94 -0.46
C GLU A 68 -2.37 -14.74 -0.95
N LYS A 69 -2.07 -14.73 -2.25
CA LYS A 69 -1.30 -13.65 -2.85
C LYS A 69 -2.21 -12.45 -3.16
N VAL A 70 -1.60 -11.32 -3.48
CA VAL A 70 -2.35 -10.11 -3.80
C VAL A 70 -2.87 -10.15 -5.23
N ASN A 71 -4.18 -10.05 -5.39
CA ASN A 71 -4.81 -10.07 -6.70
C ASN A 71 -5.82 -8.93 -6.85
N MET A 72 -5.63 -7.88 -6.05
CA MET A 72 -6.52 -6.73 -6.09
C MET A 72 -5.75 -5.44 -5.90
N TYR A 73 -6.44 -4.31 -6.05
CA TYR A 73 -5.81 -3.00 -5.90
C TYR A 73 -6.77 -2.01 -5.24
N CYS A 74 -6.25 -1.22 -4.32
CA CYS A 74 -7.07 -0.24 -3.63
C CYS A 74 -6.72 1.14 -4.17
N VAL A 75 -7.76 1.93 -4.44
CA VAL A 75 -7.60 3.27 -4.96
C VAL A 75 -7.36 4.28 -3.84
N THR A 76 -8.21 4.22 -2.82
CA THR A 76 -8.09 5.13 -1.68
C THR A 76 -6.67 5.12 -1.11
N ASP A 77 -6.00 3.98 -1.24
CA ASP A 77 -4.63 3.83 -0.74
C ASP A 77 -3.64 3.80 -1.89
N ASP A 78 -4.12 3.48 -3.09
CA ASP A 78 -3.28 3.41 -4.27
C ASP A 78 -2.23 2.31 -4.12
N GLN A 79 -2.59 1.26 -3.39
CA GLN A 79 -1.68 0.13 -3.18
C GLN A 79 -2.32 -1.18 -3.60
N LEU A 80 -1.56 -2.26 -3.52
CA LEU A 80 -2.06 -3.59 -3.89
C LEU A 80 -2.57 -4.34 -2.66
N ILE A 81 -3.60 -5.16 -2.87
CA ILE A 81 -4.18 -5.94 -1.79
C ILE A 81 -4.59 -7.33 -2.27
N CYS A 82 -5.06 -8.15 -1.34
CA CYS A 82 -5.49 -9.49 -1.69
C CYS A 82 -7.00 -9.60 -1.42
N ALA A 83 -7.64 -10.52 -2.14
CA ALA A 83 -9.07 -10.74 -1.99
C ALA A 83 -9.43 -11.06 -0.54
N LEU A 84 -8.49 -11.65 0.18
CA LEU A 84 -8.71 -12.02 1.58
C LEU A 84 -8.74 -10.78 2.46
N CYS A 85 -8.16 -9.69 1.96
CA CYS A 85 -8.13 -8.45 2.71
C CYS A 85 -9.48 -7.75 2.56
N LYS A 86 -10.02 -7.84 1.35
CA LYS A 86 -11.32 -7.24 1.05
C LYS A 86 -12.45 -8.01 1.72
N LEU A 87 -12.22 -9.29 1.98
CA LEU A 87 -13.21 -10.14 2.63
C LEU A 87 -13.28 -9.86 4.13
N VAL A 88 -12.13 -9.92 4.78
CA VAL A 88 -12.05 -9.68 6.22
C VAL A 88 -12.73 -8.36 6.59
N GLY A 89 -12.55 -7.36 5.73
CA GLY A 89 -13.14 -6.06 5.98
C GLY A 89 -12.14 -4.93 5.89
N ARG A 90 -10.85 -5.28 5.90
CA ARG A 90 -9.79 -4.29 5.82
C ARG A 90 -10.00 -3.36 4.64
N HIS A 91 -10.61 -3.88 3.58
CA HIS A 91 -10.87 -3.09 2.38
C HIS A 91 -12.25 -3.43 1.80
N ARG A 92 -13.25 -3.46 2.67
CA ARG A 92 -14.61 -3.77 2.24
C ARG A 92 -15.31 -2.52 1.71
N ASP A 93 -15.30 -1.45 2.50
CA ASP A 93 -15.93 -0.20 2.11
C ASP A 93 -15.04 0.58 1.12
N HIS A 94 -13.86 0.04 0.86
CA HIS A 94 -12.93 0.67 -0.07
C HIS A 94 -13.34 0.41 -1.52
N GLN A 95 -12.82 1.23 -2.43
CA GLN A 95 -13.15 1.09 -3.85
C GLN A 95 -11.98 0.43 -4.60
N VAL A 96 -12.10 -0.86 -4.83
CA VAL A 96 -11.06 -1.61 -5.55
C VAL A 96 -11.55 -2.07 -6.91
N ALA A 97 -10.63 -2.52 -7.75
CA ALA A 97 -10.97 -3.00 -9.07
C ALA A 97 -10.59 -4.47 -9.25
N ALA A 98 -11.59 -5.30 -9.53
CA ALA A 98 -11.38 -6.73 -9.73
C ALA A 98 -10.48 -6.99 -10.93
N LEU A 99 -9.39 -7.72 -10.72
CA LEU A 99 -8.46 -8.04 -11.79
C LEU A 99 -7.95 -9.48 -11.67
N SER A 100 -7.94 -10.19 -12.78
CA SER A 100 -7.48 -11.57 -12.80
C SER A 100 -6.28 -11.74 -13.73
N GLU A 101 -5.66 -12.91 -13.69
CA GLU A 101 -4.51 -13.20 -14.52
C GLU A 101 -4.91 -13.32 -15.99
N ALA A 1 -6.78 12.07 -11.67
CA ALA A 1 -8.08 11.43 -11.54
C ALA A 1 -7.94 9.91 -11.48
N GLU A 2 -6.89 9.40 -12.10
CA GLU A 2 -6.64 7.96 -12.11
C GLU A 2 -6.11 7.49 -10.75
N LYS A 3 -4.93 7.98 -10.38
CA LYS A 3 -4.31 7.61 -9.11
C LYS A 3 -4.49 8.72 -8.08
N VAL A 4 -4.37 8.35 -6.81
CA VAL A 4 -4.51 9.32 -5.72
C VAL A 4 -3.19 10.04 -5.46
N LEU A 5 -3.26 11.37 -5.35
CA LEU A 5 -2.07 12.18 -5.09
C LEU A 5 -1.82 12.32 -3.59
N CYS A 6 -0.55 12.37 -3.22
CA CYS A 6 -0.19 12.51 -1.82
C CYS A 6 -0.88 13.75 -1.26
N GLN A 7 -1.93 13.50 -0.48
CA GLN A 7 -2.70 14.58 0.13
C GLN A 7 -1.84 15.37 1.12
N PHE A 8 -0.81 14.72 1.65
CA PHE A 8 0.08 15.37 2.60
C PHE A 8 1.37 15.82 1.93
N CYS A 9 1.24 16.33 0.71
CA CYS A 9 2.40 16.80 -0.03
C CYS A 9 2.28 18.31 -0.22
N ASP A 10 3.39 19.00 0.01
CA ASP A 10 3.43 20.45 -0.12
C ASP A 10 4.62 20.88 -0.97
N GLN A 11 4.80 20.22 -2.11
CA GLN A 11 5.90 20.53 -3.01
C GLN A 11 5.49 21.59 -4.03
N ASP A 12 4.31 21.43 -4.60
CA ASP A 12 3.79 22.38 -5.59
C ASP A 12 4.68 22.40 -6.83
N PRO A 13 4.39 21.49 -7.77
CA PRO A 13 3.30 20.53 -7.64
C PRO A 13 3.58 19.47 -6.58
N ALA A 14 2.52 18.84 -6.09
CA ALA A 14 2.66 17.80 -5.07
C ALA A 14 3.08 16.47 -5.68
N GLN A 15 3.23 15.45 -4.84
CA GLN A 15 3.65 14.13 -5.30
C GLN A 15 2.46 13.17 -5.28
N ASP A 16 2.71 11.93 -5.68
CA ASP A 16 1.67 10.90 -5.72
C ASP A 16 1.96 9.80 -4.70
N ALA A 17 0.91 9.35 -4.02
CA ALA A 17 1.05 8.30 -3.02
C ALA A 17 1.38 6.96 -3.67
N VAL A 18 2.47 6.34 -3.25
CA VAL A 18 2.89 5.06 -3.79
C VAL A 18 2.71 3.94 -2.76
N LYS A 19 2.90 4.29 -1.49
CA LYS A 19 2.77 3.32 -0.41
C LYS A 19 1.71 3.76 0.59
N THR A 20 1.35 2.87 1.52
CA THR A 20 0.35 3.17 2.53
C THR A 20 0.64 2.42 3.83
N CYS A 21 0.64 3.16 4.93
CA CYS A 21 0.90 2.56 6.23
C CYS A 21 -0.45 2.24 6.90
N VAL A 22 -0.53 1.04 7.44
CA VAL A 22 -1.74 0.59 8.12
C VAL A 22 -1.89 1.25 9.48
N THR A 23 -0.83 1.17 10.29
CA THR A 23 -0.84 1.75 11.62
C THR A 23 -1.14 3.24 11.57
N CYS A 24 -0.90 3.84 10.41
CA CYS A 24 -1.15 5.27 10.24
C CYS A 24 -2.57 5.45 9.70
N GLU A 25 -3.03 4.43 8.98
CA GLU A 25 -4.36 4.44 8.39
C GLU A 25 -4.47 5.54 7.34
N VAL A 26 -3.38 5.78 6.63
CA VAL A 26 -3.35 6.80 5.59
C VAL A 26 -2.35 6.44 4.49
N SER A 27 -2.64 6.88 3.26
CA SER A 27 -1.77 6.62 2.13
C SER A 27 -0.91 7.83 1.78
N TYR A 28 0.40 7.66 1.85
CA TYR A 28 1.33 8.74 1.55
C TYR A 28 2.35 8.32 0.49
N CYS A 29 3.23 9.23 0.14
CA CYS A 29 4.25 8.94 -0.85
C CYS A 29 5.55 8.57 -0.12
N ASP A 30 6.54 8.16 -0.91
CA ASP A 30 7.84 7.77 -0.35
C ASP A 30 8.47 8.93 0.40
N GLU A 31 8.41 10.13 -0.18
CA GLU A 31 8.98 11.31 0.44
C GLU A 31 8.47 11.48 1.87
N CYS A 32 7.18 11.76 2.00
CA CYS A 32 6.58 11.94 3.31
C CYS A 32 6.89 10.71 4.15
N LEU A 33 6.66 9.55 3.55
CA LEU A 33 6.91 8.27 4.22
C LEU A 33 8.28 8.26 4.89
N LYS A 34 9.23 8.96 4.27
CA LYS A 34 10.59 9.04 4.80
C LYS A 34 10.62 9.84 6.10
N ALA A 35 9.93 10.97 6.11
CA ALA A 35 9.88 11.83 7.29
C ALA A 35 9.05 11.19 8.40
N THR A 36 7.88 10.68 8.04
CA THR A 36 6.98 10.05 8.99
C THR A 36 7.61 8.79 9.58
N HIS A 37 8.23 7.99 8.71
CA HIS A 37 8.87 6.75 9.15
C HIS A 37 10.39 6.90 9.11
N PRO A 38 10.98 7.31 10.25
CA PRO A 38 12.43 7.49 10.38
C PRO A 38 13.18 6.17 10.36
N ASN A 39 14.48 6.24 10.65
CA ASN A 39 15.31 5.04 10.67
C ASN A 39 15.34 4.38 9.30
N LYS A 40 16.02 3.24 9.21
CA LYS A 40 16.13 2.50 7.96
C LYS A 40 15.94 1.01 8.19
N LYS A 41 15.59 0.64 9.41
CA LYS A 41 15.39 -0.76 9.76
C LYS A 41 15.05 -0.91 11.23
N PRO A 42 14.41 -2.04 11.59
CA PRO A 42 14.05 -3.08 10.62
C PRO A 42 12.94 -2.64 9.68
N PHE A 43 11.97 -1.90 10.21
CA PHE A 43 10.85 -1.41 9.42
C PHE A 43 10.22 -0.19 10.07
N THR A 44 11.06 0.69 10.61
CA THR A 44 10.58 1.91 11.27
C THR A 44 9.52 1.58 12.31
N GLY A 45 9.54 0.35 12.81
CA GLY A 45 8.57 -0.06 13.82
C GLY A 45 7.15 0.22 13.39
N HIS A 46 6.93 0.30 12.08
CA HIS A 46 5.59 0.56 11.54
C HIS A 46 5.14 -0.57 10.62
N ARG A 47 3.85 -0.89 10.68
CA ARG A 47 3.29 -1.96 9.85
C ARG A 47 2.58 -1.38 8.64
N LEU A 48 2.75 -2.03 7.49
CA LEU A 48 2.12 -1.57 6.26
C LEU A 48 1.67 -2.75 5.42
N ILE A 49 1.27 -2.48 4.18
CA ILE A 49 0.81 -3.53 3.27
C ILE A 49 1.80 -3.74 2.14
N GLU A 50 2.62 -4.78 2.26
CA GLU A 50 3.63 -5.08 1.25
C GLU A 50 4.62 -3.94 1.09
N PRO A 51 5.44 -3.74 2.13
CA PRO A 51 6.46 -2.68 2.13
C PRO A 51 7.59 -2.95 1.15
N ILE A 52 7.71 -4.21 0.72
CA ILE A 52 8.75 -4.60 -0.22
C ILE A 52 8.18 -5.48 -1.33
N PRO A 53 7.44 -4.86 -2.25
CA PRO A 53 6.83 -5.57 -3.38
C PRO A 53 7.86 -6.05 -4.39
N ASP A 54 9.00 -5.37 -4.43
CA ASP A 54 10.08 -5.72 -5.35
C ASP A 54 10.77 -7.00 -4.91
N SER A 55 10.89 -7.95 -5.84
CA SER A 55 11.54 -9.23 -5.53
C SER A 55 12.30 -9.75 -6.75
N HIS A 56 12.87 -10.95 -6.62
CA HIS A 56 13.62 -11.55 -7.70
C HIS A 56 13.10 -12.96 -8.01
N ILE A 57 12.74 -13.69 -6.97
CA ILE A 57 12.23 -15.05 -7.13
C ILE A 57 10.77 -15.03 -7.58
N ARG A 58 9.91 -14.44 -6.75
CA ARG A 58 8.49 -14.36 -7.06
C ARG A 58 7.85 -13.18 -6.35
N GLY A 59 6.54 -13.02 -6.52
CA GLY A 59 5.82 -11.93 -5.88
C GLY A 59 5.86 -12.02 -4.37
N LEU A 60 4.94 -11.32 -3.71
CA LEU A 60 4.87 -11.33 -2.26
C LEU A 60 3.47 -11.73 -1.78
N MET A 61 3.37 -12.05 -0.50
CA MET A 61 2.09 -12.46 0.09
C MET A 61 1.55 -11.37 1.01
N CYS A 62 0.30 -11.53 1.43
CA CYS A 62 -0.31 -10.55 2.32
C CYS A 62 0.34 -10.68 3.70
N LEU A 63 -0.12 -9.85 4.62
CA LEU A 63 0.40 -9.83 5.98
C LEU A 63 0.22 -11.20 6.64
N GLU A 64 -1.04 -11.61 6.78
CA GLU A 64 -1.35 -12.89 7.40
C GLU A 64 -2.36 -13.68 6.56
N HIS A 65 -2.08 -13.79 5.26
CA HIS A 65 -2.96 -14.50 4.35
C HIS A 65 -2.15 -15.35 3.38
N GLU A 66 -1.71 -16.52 3.84
CA GLU A 66 -0.92 -17.43 3.00
C GLU A 66 -1.82 -18.21 2.06
N ASP A 67 -3.04 -18.50 2.50
CA ASP A 67 -4.00 -19.24 1.69
C ASP A 67 -4.47 -18.39 0.51
N GLU A 68 -4.38 -17.07 0.65
CA GLU A 68 -4.79 -16.16 -0.40
C GLU A 68 -3.72 -15.12 -0.69
N LYS A 69 -3.17 -15.15 -1.90
CA LYS A 69 -2.13 -14.21 -2.30
C LYS A 69 -2.74 -12.90 -2.78
N VAL A 70 -1.89 -11.92 -3.07
CA VAL A 70 -2.34 -10.62 -3.54
C VAL A 70 -2.66 -10.67 -5.03
N ASN A 71 -3.91 -10.38 -5.38
CA ASN A 71 -4.35 -10.38 -6.76
C ASN A 71 -5.25 -9.18 -7.05
N MET A 72 -5.13 -8.14 -6.24
CA MET A 72 -5.94 -6.95 -6.41
C MET A 72 -5.09 -5.68 -6.24
N TYR A 73 -5.70 -4.53 -6.49
CA TYR A 73 -4.99 -3.26 -6.37
C TYR A 73 -5.91 -2.19 -5.77
N CYS A 74 -5.38 -1.46 -4.79
CA CYS A 74 -6.15 -0.41 -4.14
C CYS A 74 -5.65 0.95 -4.65
N VAL A 75 -6.60 1.81 -4.98
CA VAL A 75 -6.29 3.14 -5.49
C VAL A 75 -5.99 4.10 -4.34
N THR A 76 -6.90 4.16 -3.37
CA THR A 76 -6.73 5.04 -2.22
C THR A 76 -5.38 4.83 -1.56
N ASP A 77 -4.86 3.61 -1.67
CA ASP A 77 -3.57 3.28 -1.08
C ASP A 77 -2.48 3.22 -2.14
N ASP A 78 -2.89 3.00 -3.39
CA ASP A 78 -1.96 2.93 -4.50
C ASP A 78 -1.01 1.74 -4.33
N GLN A 79 -1.50 0.69 -3.69
CA GLN A 79 -0.70 -0.51 -3.47
C GLN A 79 -1.47 -1.77 -3.85
N LEU A 80 -0.82 -2.92 -3.75
CA LEU A 80 -1.45 -4.19 -4.10
C LEU A 80 -2.05 -4.85 -2.86
N ILE A 81 -3.13 -5.61 -3.07
CA ILE A 81 -3.79 -6.30 -1.98
C ILE A 81 -4.41 -7.61 -2.45
N CYS A 82 -5.06 -8.32 -1.53
CA CYS A 82 -5.69 -9.58 -1.86
C CYS A 82 -7.21 -9.40 -1.78
N ALA A 83 -7.91 -10.16 -2.61
CA ALA A 83 -9.36 -10.11 -2.64
C ALA A 83 -9.96 -10.38 -1.26
N LEU A 84 -9.25 -11.18 -0.47
CA LEU A 84 -9.71 -11.51 0.87
C LEU A 84 -9.69 -10.30 1.78
N CYS A 85 -8.91 -9.30 1.41
CA CYS A 85 -8.81 -8.09 2.20
C CYS A 85 -10.01 -7.20 1.87
N LYS A 86 -10.37 -7.19 0.59
CA LYS A 86 -11.50 -6.40 0.12
C LYS A 86 -12.83 -7.03 0.54
N LEU A 87 -12.80 -8.34 0.76
CA LEU A 87 -14.00 -9.07 1.17
C LEU A 87 -14.30 -8.83 2.65
N VAL A 88 -13.30 -9.05 3.50
CA VAL A 88 -13.47 -8.86 4.94
C VAL A 88 -14.00 -7.46 5.24
N GLY A 89 -13.53 -6.47 4.50
CA GLY A 89 -13.97 -5.10 4.71
C GLY A 89 -12.82 -4.12 4.78
N ARG A 90 -11.61 -4.64 4.95
CA ARG A 90 -10.42 -3.80 5.04
C ARG A 90 -10.35 -2.84 3.84
N HIS A 91 -10.89 -3.28 2.71
CA HIS A 91 -10.88 -2.47 1.49
C HIS A 91 -12.23 -2.54 0.79
N ARG A 92 -13.31 -2.61 1.58
CA ARG A 92 -14.66 -2.69 1.02
C ARG A 92 -15.04 -1.38 0.35
N ASP A 93 -14.93 -0.28 1.09
CA ASP A 93 -15.26 1.04 0.56
C ASP A 93 -14.15 1.57 -0.34
N HIS A 94 -13.06 0.82 -0.41
CA HIS A 94 -11.91 1.21 -1.23
C HIS A 94 -12.19 0.91 -2.70
N GLN A 95 -11.84 1.85 -3.57
CA GLN A 95 -12.05 1.68 -5.00
C GLN A 95 -10.90 0.90 -5.63
N VAL A 96 -11.13 -0.39 -5.88
CA VAL A 96 -10.12 -1.25 -6.47
C VAL A 96 -10.51 -1.67 -7.89
N ALA A 97 -9.65 -2.43 -8.53
CA ALA A 97 -9.90 -2.90 -9.89
C ALA A 97 -9.74 -4.41 -9.99
N ALA A 98 -10.75 -5.07 -10.55
CA ALA A 98 -10.72 -6.53 -10.70
C ALA A 98 -9.93 -6.93 -11.94
N LEU A 99 -8.79 -7.57 -11.73
CA LEU A 99 -7.94 -8.02 -12.83
C LEU A 99 -8.31 -9.44 -13.27
N SER A 100 -8.49 -10.32 -12.28
CA SER A 100 -8.84 -11.70 -12.56
C SER A 100 -10.15 -11.79 -13.35
N GLU A 101 -10.17 -12.61 -14.39
CA GLU A 101 -11.35 -12.79 -15.22
C GLU A 101 -11.82 -11.44 -15.78
N ALA A 1 -4.74 6.12 -14.38
CA ALA A 1 -4.97 7.26 -15.26
C ALA A 1 -4.64 8.57 -14.57
N GLU A 2 -5.17 8.75 -13.37
CA GLU A 2 -4.92 9.97 -12.60
C GLU A 2 -4.28 9.64 -11.26
N LYS A 3 -4.83 8.65 -10.56
CA LYS A 3 -4.31 8.24 -9.27
C LYS A 3 -4.37 9.39 -8.26
N VAL A 4 -4.09 9.08 -7.00
CA VAL A 4 -4.11 10.09 -5.95
C VAL A 4 -2.71 10.65 -5.70
N LEU A 5 -2.61 11.97 -5.58
CA LEU A 5 -1.34 12.63 -5.34
C LEU A 5 -1.12 12.88 -3.85
N CYS A 6 0.13 12.80 -3.42
CA CYS A 6 0.45 13.02 -2.02
C CYS A 6 -0.11 14.38 -1.60
N GLN A 7 -1.19 14.34 -0.84
CA GLN A 7 -1.84 15.56 -0.36
C GLN A 7 -0.93 16.32 0.59
N PHE A 8 0.01 15.60 1.22
CA PHE A 8 0.94 16.21 2.15
C PHE A 8 2.29 16.45 1.50
N CYS A 9 2.26 16.86 0.24
CA CYS A 9 3.50 17.11 -0.49
C CYS A 9 3.55 18.61 -0.83
N ASP A 10 4.76 19.14 -0.78
CA ASP A 10 4.98 20.55 -1.07
C ASP A 10 6.12 20.73 -2.07
N GLN A 11 6.14 19.88 -3.10
CA GLN A 11 7.18 19.95 -4.12
C GLN A 11 6.80 20.92 -5.22
N ASP A 12 5.59 20.79 -5.75
CA ASP A 12 5.12 21.66 -6.80
C ASP A 12 5.98 21.54 -8.05
N PRO A 13 5.64 20.56 -8.91
CA PRO A 13 4.50 19.67 -8.68
C PRO A 13 4.75 18.69 -7.53
N ALA A 14 3.67 18.18 -6.95
CA ALA A 14 3.78 17.24 -5.85
C ALA A 14 3.92 15.81 -6.35
N GLN A 15 4.37 14.92 -5.47
CA GLN A 15 4.55 13.51 -5.84
C GLN A 15 3.26 12.72 -5.62
N ASP A 16 3.30 11.44 -5.94
CA ASP A 16 2.14 10.57 -5.78
C ASP A 16 2.32 9.64 -4.59
N ALA A 17 1.20 9.26 -3.97
CA ALA A 17 1.23 8.36 -2.83
C ALA A 17 1.36 6.91 -3.26
N VAL A 18 2.44 6.26 -2.83
CA VAL A 18 2.67 4.87 -3.17
C VAL A 18 2.52 3.96 -1.96
N LYS A 19 2.71 4.53 -0.77
CA LYS A 19 2.59 3.77 0.46
C LYS A 19 1.42 4.29 1.31
N THR A 20 0.98 3.48 2.26
CA THR A 20 -0.13 3.86 3.12
C THR A 20 -0.04 3.15 4.47
N CYS A 21 -0.16 3.92 5.55
CA CYS A 21 -0.08 3.35 6.88
C CYS A 21 -1.50 3.19 7.42
N VAL A 22 -1.86 1.95 7.72
CA VAL A 22 -3.18 1.63 8.25
C VAL A 22 -3.37 2.20 9.65
N THR A 23 -2.31 2.16 10.44
CA THR A 23 -2.35 2.66 11.81
C THR A 23 -2.50 4.17 11.83
N CYS A 24 -2.14 4.82 10.74
CA CYS A 24 -2.24 6.27 10.64
C CYS A 24 -3.55 6.60 9.94
N GLU A 25 -4.03 5.65 9.14
CA GLU A 25 -5.27 5.83 8.39
C GLU A 25 -5.13 6.94 7.35
N VAL A 26 -3.95 7.03 6.74
CA VAL A 26 -3.69 8.03 5.73
C VAL A 26 -2.80 7.49 4.61
N SER A 27 -2.89 8.10 3.44
CA SER A 27 -2.10 7.67 2.29
C SER A 27 -1.11 8.76 1.87
N TYR A 28 0.17 8.44 1.96
CA TYR A 28 1.22 9.39 1.59
C TYR A 28 2.21 8.76 0.62
N CYS A 29 3.22 9.53 0.22
CA CYS A 29 4.23 9.03 -0.70
C CYS A 29 5.43 8.56 0.12
N ASP A 30 6.30 7.82 -0.55
CA ASP A 30 7.51 7.29 0.08
C ASP A 30 8.33 8.41 0.71
N GLU A 31 8.40 9.55 0.02
CA GLU A 31 9.15 10.70 0.50
C GLU A 31 8.72 11.08 1.92
N CYS A 32 7.49 11.53 2.05
CA CYS A 32 6.96 11.92 3.36
C CYS A 32 7.07 10.71 4.29
N LEU A 33 6.65 9.56 3.77
CA LEU A 33 6.67 8.31 4.53
C LEU A 33 8.04 8.10 5.18
N LYS A 34 9.08 8.64 4.55
CA LYS A 34 10.43 8.51 5.07
C LYS A 34 10.64 9.42 6.27
N ALA A 35 10.16 10.65 6.17
CA ALA A 35 10.29 11.62 7.25
C ALA A 35 9.41 11.24 8.44
N THR A 36 8.15 10.91 8.16
CA THR A 36 7.21 10.53 9.20
C THR A 36 7.58 9.17 9.80
N HIS A 37 7.91 8.22 8.92
CA HIS A 37 8.27 6.88 9.37
C HIS A 37 9.71 6.55 8.98
N PRO A 38 10.66 6.90 9.86
CA PRO A 38 12.09 6.66 9.64
C PRO A 38 12.44 5.18 9.70
N ASN A 39 13.74 4.88 9.73
CA ASN A 39 14.21 3.51 9.80
C ASN A 39 13.82 2.74 8.52
N LYS A 40 14.35 1.53 8.39
CA LYS A 40 14.06 0.70 7.23
C LYS A 40 13.66 -0.71 7.66
N LYS A 41 13.57 -0.92 8.98
CA LYS A 41 13.18 -2.21 9.51
C LYS A 41 13.16 -2.18 11.03
N PRO A 42 12.42 -3.13 11.64
CA PRO A 42 11.69 -4.15 10.89
C PRO A 42 10.49 -3.57 10.14
N PHE A 43 9.90 -2.51 10.70
CA PHE A 43 8.76 -1.86 10.07
C PHE A 43 8.58 -0.45 10.62
N THR A 44 9.68 0.17 11.03
CA THR A 44 9.65 1.53 11.56
C THR A 44 8.71 1.62 12.76
N GLY A 45 8.42 0.47 13.38
CA GLY A 45 7.54 0.45 14.52
C GLY A 45 6.11 0.79 14.16
N HIS A 46 5.83 0.87 12.86
CA HIS A 46 4.49 1.19 12.38
C HIS A 46 3.96 0.07 11.49
N ARG A 47 2.69 0.19 11.12
CA ARG A 47 2.05 -0.82 10.28
C ARG A 47 2.00 -0.34 8.82
N LEU A 48 1.84 -1.29 7.90
CA LEU A 48 1.77 -0.98 6.48
C LEU A 48 1.48 -2.22 5.66
N ILE A 49 1.40 -2.05 4.34
CA ILE A 49 1.12 -3.16 3.44
C ILE A 49 2.40 -3.63 2.74
N GLU A 50 2.44 -4.92 2.40
CA GLU A 50 3.60 -5.49 1.73
C GLU A 50 3.99 -4.66 0.51
N PRO A 51 5.25 -4.83 0.05
CA PRO A 51 5.75 -4.11 -1.12
C PRO A 51 5.11 -4.58 -2.41
N ILE A 52 5.66 -4.13 -3.54
CA ILE A 52 5.13 -4.51 -4.85
C ILE A 52 5.94 -5.66 -5.45
N PRO A 53 5.29 -6.43 -6.32
CA PRO A 53 5.91 -7.59 -6.99
C PRO A 53 6.99 -7.16 -7.99
N ASP A 54 8.24 -7.22 -7.57
CA ASP A 54 9.36 -6.85 -8.43
C ASP A 54 10.31 -8.03 -8.63
N SER A 55 11.36 -7.81 -9.40
CA SER A 55 12.34 -8.85 -9.68
C SER A 55 13.01 -9.33 -8.40
N HIS A 56 12.49 -10.43 -7.85
CA HIS A 56 13.03 -10.99 -6.62
C HIS A 56 12.61 -12.44 -6.45
N ILE A 57 11.30 -12.67 -6.28
CA ILE A 57 10.77 -14.01 -6.12
C ILE A 57 9.38 -14.12 -6.73
N ARG A 58 9.22 -13.57 -7.92
CA ARG A 58 7.94 -13.61 -8.62
C ARG A 58 6.81 -13.11 -7.71
N GLY A 59 6.92 -11.86 -7.26
CA GLY A 59 5.91 -11.29 -6.40
C GLY A 59 6.08 -11.70 -4.96
N LEU A 60 5.39 -11.01 -4.06
CA LEU A 60 5.47 -11.31 -2.63
C LEU A 60 4.10 -11.68 -2.08
N MET A 61 4.07 -12.17 -0.84
CA MET A 61 2.83 -12.56 -0.19
C MET A 61 2.39 -11.50 0.82
N CYS A 62 1.17 -11.65 1.32
CA CYS A 62 0.66 -10.70 2.30
C CYS A 62 1.46 -10.85 3.59
N LEU A 63 1.10 -10.05 4.57
CA LEU A 63 1.77 -10.07 5.87
C LEU A 63 1.65 -11.44 6.53
N GLU A 64 0.41 -11.85 6.79
CA GLU A 64 0.16 -13.15 7.42
C GLU A 64 -0.94 -13.90 6.68
N HIS A 65 -0.80 -13.99 5.36
CA HIS A 65 -1.78 -14.69 4.53
C HIS A 65 -1.09 -15.51 3.45
N GLU A 66 -0.59 -16.68 3.82
CA GLU A 66 0.09 -17.56 2.87
C GLU A 66 -0.91 -18.31 2.01
N ASP A 67 -2.07 -18.60 2.58
CA ASP A 67 -3.12 -19.32 1.86
C ASP A 67 -3.70 -18.46 0.75
N GLU A 68 -3.55 -17.15 0.88
CA GLU A 68 -4.07 -16.21 -0.12
C GLU A 68 -3.03 -15.17 -0.47
N LYS A 69 -2.59 -15.17 -1.73
CA LYS A 69 -1.60 -14.22 -2.20
C LYS A 69 -2.25 -12.89 -2.57
N VAL A 70 -1.42 -11.91 -2.92
CA VAL A 70 -1.91 -10.59 -3.31
C VAL A 70 -2.42 -10.58 -4.75
N ASN A 71 -3.71 -10.31 -4.92
CA ASN A 71 -4.30 -10.28 -6.25
C ASN A 71 -5.28 -9.11 -6.37
N MET A 72 -5.12 -8.11 -5.50
CA MET A 72 -5.99 -6.95 -5.51
C MET A 72 -5.17 -5.67 -5.37
N TYR A 73 -5.85 -4.52 -5.49
CA TYR A 73 -5.19 -3.23 -5.38
C TYR A 73 -6.14 -2.18 -4.81
N CYS A 74 -5.64 -1.38 -3.89
CA CYS A 74 -6.46 -0.34 -3.28
C CYS A 74 -6.04 1.01 -3.87
N VAL A 75 -7.04 1.80 -4.24
CA VAL A 75 -6.80 3.12 -4.81
C VAL A 75 -6.58 4.17 -3.74
N THR A 76 -7.43 4.14 -2.71
CA THR A 76 -7.33 5.09 -1.60
C THR A 76 -5.95 5.03 -0.96
N ASP A 77 -5.27 3.89 -1.10
CA ASP A 77 -3.95 3.72 -0.53
C ASP A 77 -2.89 3.63 -1.64
N ASP A 78 -3.33 3.31 -2.85
CA ASP A 78 -2.43 3.20 -3.98
C ASP A 78 -1.43 2.06 -3.78
N GLN A 79 -1.85 1.05 -3.02
CA GLN A 79 -0.99 -0.10 -2.75
C GLN A 79 -1.67 -1.40 -3.17
N LEU A 80 -0.96 -2.51 -3.02
CA LEU A 80 -1.49 -3.82 -3.39
C LEU A 80 -1.97 -4.57 -2.16
N ILE A 81 -3.01 -5.38 -2.34
CA ILE A 81 -3.57 -6.17 -1.25
C ILE A 81 -4.13 -7.49 -1.75
N CYS A 82 -4.54 -8.34 -0.83
CA CYS A 82 -5.09 -9.64 -1.19
C CYS A 82 -6.60 -9.59 -0.95
N ALA A 83 -7.31 -10.42 -1.72
CA ALA A 83 -8.76 -10.50 -1.61
C ALA A 83 -9.19 -10.83 -0.19
N LEU A 84 -8.34 -11.53 0.53
CA LEU A 84 -8.63 -11.92 1.91
C LEU A 84 -8.61 -10.70 2.82
N CYS A 85 -7.95 -9.64 2.38
CA CYS A 85 -7.86 -8.43 3.17
C CYS A 85 -9.16 -7.64 2.98
N LYS A 86 -9.65 -7.65 1.74
CA LYS A 86 -10.88 -6.95 1.40
C LYS A 86 -12.10 -7.68 1.97
N LEU A 87 -11.95 -8.98 2.18
CA LEU A 87 -13.04 -9.79 2.72
C LEU A 87 -13.19 -9.58 4.21
N VAL A 88 -12.09 -9.72 4.94
CA VAL A 88 -12.09 -9.54 6.39
C VAL A 88 -12.69 -8.19 6.77
N GLY A 89 -12.37 -7.16 5.99
CA GLY A 89 -12.87 -5.83 6.26
C GLY A 89 -11.80 -4.77 6.16
N ARG A 90 -10.55 -5.19 6.07
CA ARG A 90 -9.43 -4.27 5.96
C ARG A 90 -9.66 -3.26 4.84
N HIS A 91 -10.24 -3.73 3.74
CA HIS A 91 -10.52 -2.87 2.60
C HIS A 91 -11.91 -3.14 2.03
N ARG A 92 -12.85 -3.41 2.93
CA ARG A 92 -14.23 -3.69 2.52
C ARG A 92 -14.89 -2.45 1.93
N ASP A 93 -14.90 -1.36 2.72
CA ASP A 93 -15.51 -0.11 2.28
C ASP A 93 -14.59 0.61 1.28
N HIS A 94 -13.39 0.08 1.10
CA HIS A 94 -12.42 0.66 0.18
C HIS A 94 -12.77 0.31 -1.26
N GLN A 95 -12.28 1.13 -2.20
CA GLN A 95 -12.53 0.89 -3.61
C GLN A 95 -11.33 0.23 -4.28
N VAL A 96 -11.43 -1.07 -4.50
CA VAL A 96 -10.35 -1.82 -5.13
C VAL A 96 -10.75 -2.31 -6.53
N ALA A 97 -9.82 -2.97 -7.21
CA ALA A 97 -10.09 -3.48 -8.54
C ALA A 97 -9.68 -4.95 -8.65
N ALA A 98 -10.40 -5.70 -9.48
CA ALA A 98 -10.12 -7.12 -9.67
C ALA A 98 -9.35 -7.35 -10.97
N LEU A 99 -8.56 -8.42 -10.99
CA LEU A 99 -7.77 -8.76 -12.18
C LEU A 99 -7.80 -10.26 -12.44
N SER A 100 -8.03 -10.64 -13.69
CA SER A 100 -8.09 -12.05 -14.07
C SER A 100 -7.57 -12.24 -15.49
N GLU A 101 -7.53 -13.49 -15.94
CA GLU A 101 -7.07 -13.81 -17.28
C GLU A 101 -7.94 -14.88 -17.92
N ALA A 1 -8.22 11.13 -13.18
CA ALA A 1 -6.98 11.65 -13.73
C ALA A 1 -5.92 10.56 -13.83
N GLU A 2 -5.37 10.18 -12.67
CA GLU A 2 -4.33 9.14 -12.62
C GLU A 2 -4.03 8.76 -11.18
N LYS A 3 -4.81 7.84 -10.64
CA LYS A 3 -4.63 7.38 -9.27
C LYS A 3 -4.71 8.54 -8.29
N VAL A 4 -4.59 8.24 -7.00
CA VAL A 4 -4.66 9.26 -5.96
C VAL A 4 -3.33 10.00 -5.84
N LEU A 5 -3.41 11.32 -5.67
CA LEU A 5 -2.22 12.14 -5.54
C LEU A 5 -1.85 12.34 -4.07
N CYS A 6 -0.56 12.43 -3.80
CA CYS A 6 -0.09 12.62 -2.43
C CYS A 6 -0.65 13.94 -1.91
N GLN A 7 -1.73 13.82 -1.13
CA GLN A 7 -2.38 14.99 -0.55
C GLN A 7 -1.47 15.70 0.44
N PHE A 8 -0.49 14.96 0.96
CA PHE A 8 0.46 15.51 1.92
C PHE A 8 1.82 15.76 1.28
N CYS A 9 1.80 16.23 0.03
CA CYS A 9 3.04 16.51 -0.68
C CYS A 9 3.27 18.02 -0.69
N ASP A 10 4.54 18.40 -0.60
CA ASP A 10 4.91 19.81 -0.60
C ASP A 10 6.03 20.07 -1.61
N GLN A 11 5.87 19.54 -2.81
CA GLN A 11 6.86 19.71 -3.86
C GLN A 11 6.51 20.89 -4.77
N ASP A 12 5.27 20.90 -5.25
CA ASP A 12 4.80 21.98 -6.12
C ASP A 12 5.61 22.02 -7.41
N PRO A 13 5.17 21.24 -8.41
CA PRO A 13 3.98 20.38 -8.27
C PRO A 13 4.20 19.22 -7.32
N ALA A 14 3.11 18.64 -6.82
CA ALA A 14 3.20 17.51 -5.91
C ALA A 14 3.35 16.20 -6.66
N GLN A 15 3.47 15.10 -5.92
CA GLN A 15 3.61 13.79 -6.52
C GLN A 15 2.45 12.88 -6.16
N ASP A 16 2.49 11.65 -6.65
CA ASP A 16 1.43 10.68 -6.37
C ASP A 16 1.86 9.70 -5.27
N ALA A 17 0.89 9.16 -4.56
CA ALA A 17 1.17 8.21 -3.48
C ALA A 17 0.89 6.78 -3.93
N VAL A 18 1.91 5.93 -3.89
CA VAL A 18 1.77 4.54 -4.29
C VAL A 18 1.87 3.61 -3.09
N LYS A 19 2.27 4.16 -1.95
CA LYS A 19 2.41 3.39 -0.74
C LYS A 19 1.41 3.84 0.32
N THR A 20 1.21 3.01 1.34
CA THR A 20 0.27 3.33 2.41
C THR A 20 0.64 2.58 3.70
N CYS A 21 0.72 3.32 4.80
CA CYS A 21 1.05 2.71 6.07
C CYS A 21 -0.24 2.56 6.88
N VAL A 22 -0.43 1.34 7.39
CA VAL A 22 -1.62 1.02 8.18
C VAL A 22 -1.56 1.70 9.54
N THR A 23 -0.44 1.53 10.24
CA THR A 23 -0.26 2.13 11.55
C THR A 23 -0.42 3.65 11.50
N CYS A 24 -0.25 4.21 10.31
CA CYS A 24 -0.38 5.65 10.14
C CYS A 24 -1.83 5.95 9.75
N GLU A 25 -2.46 4.97 9.11
CA GLU A 25 -3.84 5.11 8.68
C GLU A 25 -3.97 6.16 7.59
N VAL A 26 -2.92 6.30 6.79
CA VAL A 26 -2.91 7.28 5.70
C VAL A 26 -2.05 6.81 4.54
N SER A 27 -2.39 7.25 3.33
CA SER A 27 -1.65 6.86 2.14
C SER A 27 -0.74 7.99 1.67
N TYR A 28 0.56 7.71 1.62
CA TYR A 28 1.54 8.71 1.19
C TYR A 28 2.43 8.17 0.07
N CYS A 29 3.32 9.00 -0.43
CA CYS A 29 4.21 8.59 -1.49
C CYS A 29 5.55 8.19 -0.88
N ASP A 30 6.45 7.70 -1.73
CA ASP A 30 7.76 7.28 -1.29
C ASP A 30 8.51 8.42 -0.60
N GLU A 31 8.47 9.60 -1.22
CA GLU A 31 9.14 10.77 -0.68
C GLU A 31 8.74 11.00 0.78
N CYS A 32 7.47 11.34 0.98
CA CYS A 32 6.97 11.60 2.32
C CYS A 32 7.31 10.38 3.19
N LEU A 33 7.01 9.21 2.66
CA LEU A 33 7.27 7.96 3.36
C LEU A 33 8.69 7.92 3.89
N LYS A 34 9.60 8.58 3.18
CA LYS A 34 11.00 8.62 3.58
C LYS A 34 11.18 9.46 4.85
N ALA A 35 10.49 10.59 4.90
CA ALA A 35 10.57 11.48 6.05
C ALA A 35 9.81 10.91 7.24
N THR A 36 8.63 10.37 6.98
CA THR A 36 7.79 9.79 8.02
C THR A 36 8.42 8.52 8.59
N HIS A 37 8.94 7.68 7.70
CA HIS A 37 9.57 6.43 8.10
C HIS A 37 11.08 6.50 7.91
N PRO A 38 11.79 7.00 8.93
CA PRO A 38 13.25 7.13 8.90
C PRO A 38 13.95 5.78 8.95
N ASN A 39 15.27 5.81 9.12
CA ASN A 39 16.06 4.59 9.18
C ASN A 39 16.73 4.44 10.55
N LYS A 40 15.91 4.15 11.56
CA LYS A 40 16.42 3.98 12.92
C LYS A 40 15.30 3.56 13.87
N LYS A 41 15.05 2.25 13.94
CA LYS A 41 14.02 1.72 14.81
C LYS A 41 14.16 2.26 16.22
N PRO A 42 13.06 2.24 16.99
CA PRO A 42 11.77 1.73 16.50
C PRO A 42 11.15 2.64 15.45
N PHE A 43 10.68 2.04 14.36
CA PHE A 43 10.06 2.80 13.28
C PHE A 43 9.65 1.88 12.13
N THR A 44 10.61 1.06 11.68
CA THR A 44 10.36 0.14 10.58
C THR A 44 9.23 -0.83 10.91
N GLY A 45 8.93 -0.95 12.20
CA GLY A 45 7.88 -1.85 12.65
C GLY A 45 6.53 -1.48 12.06
N HIS A 46 6.42 -0.25 11.56
CA HIS A 46 5.18 0.23 10.98
C HIS A 46 4.63 -0.76 9.95
N ARG A 47 3.39 -1.21 10.17
CA ARG A 47 2.77 -2.16 9.26
C ARG A 47 2.21 -1.46 8.03
N LEU A 48 2.37 -2.09 6.87
CA LEU A 48 1.88 -1.53 5.61
C LEU A 48 1.26 -2.61 4.73
N ILE A 49 0.95 -2.25 3.49
CA ILE A 49 0.36 -3.19 2.55
C ILE A 49 1.37 -3.62 1.49
N GLU A 50 1.41 -4.92 1.21
CA GLU A 50 2.33 -5.45 0.21
C GLU A 50 3.77 -5.06 0.53
N PRO A 51 4.34 -5.71 1.56
CA PRO A 51 5.72 -5.44 1.99
C PRO A 51 6.75 -5.94 0.98
N ILE A 52 8.02 -5.91 1.37
CA ILE A 52 9.09 -6.36 0.50
C ILE A 52 8.82 -7.77 -0.04
N PRO A 53 8.99 -7.94 -1.36
CA PRO A 53 8.76 -9.24 -2.02
C PRO A 53 9.83 -10.26 -1.65
N ASP A 54 9.81 -11.40 -2.34
CA ASP A 54 10.78 -12.46 -2.08
C ASP A 54 11.80 -12.55 -3.23
N SER A 55 13.05 -12.73 -2.87
CA SER A 55 14.13 -12.83 -3.86
C SER A 55 14.25 -14.26 -4.37
N HIS A 56 13.25 -14.69 -5.14
CA HIS A 56 13.25 -16.04 -5.70
C HIS A 56 12.19 -16.17 -6.79
N ILE A 57 10.95 -15.82 -6.45
CA ILE A 57 9.85 -15.91 -7.40
C ILE A 57 9.36 -14.52 -7.79
N ARG A 58 8.54 -14.46 -8.83
CA ARG A 58 7.99 -13.19 -9.30
C ARG A 58 6.70 -12.85 -8.58
N GLY A 59 6.13 -11.69 -8.89
CA GLY A 59 4.90 -11.27 -8.25
C GLY A 59 5.07 -10.97 -6.78
N LEU A 60 4.16 -10.19 -6.22
CA LEU A 60 4.21 -9.81 -4.81
C LEU A 60 3.11 -10.52 -4.02
N MET A 61 3.41 -10.84 -2.76
CA MET A 61 2.45 -11.50 -1.90
C MET A 61 1.94 -10.56 -0.82
N CYS A 62 0.90 -10.99 -0.10
CA CYS A 62 0.33 -10.17 0.96
C CYS A 62 1.24 -10.28 2.18
N LEU A 63 0.84 -9.57 3.24
CA LEU A 63 1.59 -9.58 4.49
C LEU A 63 1.70 -10.98 5.07
N GLU A 64 0.56 -11.57 5.37
CA GLU A 64 0.52 -12.93 5.93
C GLU A 64 -0.51 -13.78 5.21
N HIS A 65 -0.45 -13.79 3.87
CA HIS A 65 -1.36 -14.56 3.06
C HIS A 65 -0.64 -15.22 1.88
N GLU A 66 0.04 -16.33 2.16
CA GLU A 66 0.77 -17.04 1.12
C GLU A 66 -0.16 -17.90 0.28
N ASP A 67 -1.20 -18.43 0.91
CA ASP A 67 -2.18 -19.27 0.23
C ASP A 67 -2.99 -18.45 -0.76
N GLU A 68 -3.06 -17.14 -0.53
CA GLU A 68 -3.82 -16.25 -1.40
C GLU A 68 -2.97 -15.05 -1.82
N LYS A 69 -2.70 -14.95 -3.12
CA LYS A 69 -1.90 -13.85 -3.65
C LYS A 69 -2.75 -12.60 -3.84
N VAL A 70 -2.09 -11.49 -4.14
CA VAL A 70 -2.79 -10.22 -4.35
C VAL A 70 -3.38 -10.15 -5.75
N ASN A 71 -4.69 -9.98 -5.83
CA ASN A 71 -5.38 -9.89 -7.11
C ASN A 71 -6.36 -8.72 -7.13
N MET A 72 -6.13 -7.76 -6.25
CA MET A 72 -6.99 -6.58 -6.16
C MET A 72 -6.17 -5.31 -6.02
N TYR A 73 -6.84 -4.16 -6.05
CA TYR A 73 -6.16 -2.88 -5.93
C TYR A 73 -7.04 -1.86 -5.21
N CYS A 74 -6.45 -1.13 -4.27
CA CYS A 74 -7.19 -0.14 -3.52
C CYS A 74 -6.79 1.24 -4.05
N VAL A 75 -7.81 2.09 -4.20
CA VAL A 75 -7.60 3.45 -4.70
C VAL A 75 -7.22 4.39 -3.56
N THR A 76 -8.01 4.36 -2.49
CA THR A 76 -7.74 5.21 -1.33
C THR A 76 -6.31 5.07 -0.85
N ASP A 77 -5.73 3.90 -1.06
CA ASP A 77 -4.35 3.64 -0.65
C ASP A 77 -3.43 3.60 -1.87
N ASP A 78 -4.00 3.37 -3.05
CA ASP A 78 -3.23 3.31 -4.28
C ASP A 78 -2.24 2.16 -4.24
N GLN A 79 -2.61 1.08 -3.55
CA GLN A 79 -1.76 -0.09 -3.44
C GLN A 79 -2.51 -1.35 -3.86
N LEU A 80 -1.80 -2.48 -3.87
CA LEU A 80 -2.40 -3.75 -4.24
C LEU A 80 -2.81 -4.56 -3.02
N ILE A 81 -3.83 -5.39 -3.17
CA ILE A 81 -4.32 -6.22 -2.08
C ILE A 81 -4.86 -7.55 -2.59
N CYS A 82 -5.29 -8.39 -1.67
CA CYS A 82 -5.83 -9.70 -2.04
C CYS A 82 -7.32 -9.72 -1.69
N ALA A 83 -8.07 -10.51 -2.45
CA ALA A 83 -9.50 -10.63 -2.24
C ALA A 83 -9.81 -11.06 -0.81
N LEU A 84 -8.88 -11.80 -0.20
CA LEU A 84 -9.06 -12.27 1.16
C LEU A 84 -8.99 -11.12 2.15
N CYS A 85 -8.38 -10.01 1.73
CA CYS A 85 -8.26 -8.85 2.59
C CYS A 85 -9.59 -8.09 2.55
N LYS A 86 -10.19 -8.05 1.37
CA LYS A 86 -11.45 -7.36 1.16
C LYS A 86 -12.59 -8.13 1.84
N LEU A 87 -12.42 -9.43 2.01
CA LEU A 87 -13.42 -10.27 2.65
C LEU A 87 -13.38 -10.13 4.16
N VAL A 88 -12.19 -10.34 4.73
CA VAL A 88 -12.02 -10.23 6.17
C VAL A 88 -12.55 -8.90 6.70
N GLY A 89 -12.46 -7.87 5.87
CA GLY A 89 -12.94 -6.56 6.27
C GLY A 89 -11.84 -5.52 6.25
N ARG A 90 -10.73 -5.83 5.60
CA ARG A 90 -9.60 -4.91 5.51
C ARG A 90 -9.88 -3.81 4.50
N HIS A 91 -10.42 -4.19 3.34
CA HIS A 91 -10.73 -3.22 2.30
C HIS A 91 -12.14 -3.44 1.76
N ARG A 92 -13.03 -3.90 2.63
CA ARG A 92 -14.42 -4.16 2.25
C ARG A 92 -15.14 -2.85 1.92
N ASP A 93 -15.10 -1.91 2.87
CA ASP A 93 -15.75 -0.61 2.66
C ASP A 93 -14.92 0.27 1.74
N HIS A 94 -13.74 -0.20 1.38
CA HIS A 94 -12.85 0.55 0.51
C HIS A 94 -13.29 0.44 -0.95
N GLN A 95 -12.84 1.37 -1.77
CA GLN A 95 -13.20 1.38 -3.19
C GLN A 95 -12.11 0.72 -4.03
N VAL A 96 -12.26 -0.57 -4.30
CA VAL A 96 -11.29 -1.30 -5.09
C VAL A 96 -11.88 -1.71 -6.44
N ALA A 97 -11.01 -2.10 -7.37
CA ALA A 97 -11.44 -2.51 -8.70
C ALA A 97 -11.18 -3.99 -8.92
N ALA A 98 -12.19 -4.69 -9.47
CA ALA A 98 -12.07 -6.12 -9.73
C ALA A 98 -11.43 -6.37 -11.09
N LEU A 99 -10.36 -7.16 -11.11
CA LEU A 99 -9.66 -7.48 -12.34
C LEU A 99 -9.54 -8.99 -12.52
N SER A 100 -9.90 -9.47 -13.71
CA SER A 100 -9.84 -10.90 -14.00
C SER A 100 -9.33 -11.13 -15.43
N GLU A 101 -9.36 -12.39 -15.86
CA GLU A 101 -8.90 -12.74 -17.20
C GLU A 101 -7.43 -12.38 -17.39
N ALA A 1 -8.15 8.77 -15.08
CA ALA A 1 -7.15 8.38 -14.10
C ALA A 1 -7.70 8.47 -12.68
N GLU A 2 -7.53 7.40 -11.91
CA GLU A 2 -8.02 7.37 -10.53
C GLU A 2 -6.86 7.21 -9.55
N LYS A 3 -5.72 7.82 -9.89
CA LYS A 3 -4.55 7.75 -9.04
C LYS A 3 -4.46 8.96 -8.11
N VAL A 4 -4.27 8.72 -6.83
CA VAL A 4 -4.16 9.79 -5.84
C VAL A 4 -2.72 10.25 -5.68
N LEU A 5 -2.53 11.57 -5.63
CA LEU A 5 -1.20 12.13 -5.47
C LEU A 5 -0.87 12.35 -4.00
N CYS A 6 0.41 12.18 -3.65
CA CYS A 6 0.83 12.36 -2.27
C CYS A 6 0.39 13.75 -1.82
N GLN A 7 -0.63 13.76 -0.97
CA GLN A 7 -1.17 15.01 -0.43
C GLN A 7 -0.15 15.70 0.46
N PHE A 8 0.78 14.93 1.00
CA PHE A 8 1.82 15.46 1.87
C PHE A 8 3.13 15.63 1.12
N CYS A 9 3.04 16.05 -0.13
CA CYS A 9 4.23 16.24 -0.95
C CYS A 9 4.35 17.73 -1.28
N ASP A 10 5.59 18.21 -1.28
CA ASP A 10 5.86 19.60 -1.57
C ASP A 10 6.98 19.72 -2.62
N GLN A 11 6.92 18.87 -3.64
CA GLN A 11 7.92 18.88 -4.69
C GLN A 11 7.56 19.91 -5.77
N ASP A 12 6.32 19.86 -6.24
CA ASP A 12 5.86 20.79 -7.26
C ASP A 12 6.67 20.63 -8.54
N PRO A 13 6.25 19.70 -9.41
CA PRO A 13 5.07 18.87 -9.16
C PRO A 13 5.30 17.86 -8.04
N ALA A 14 4.21 17.40 -7.44
CA ALA A 14 4.28 16.42 -6.35
C ALA A 14 4.30 15.00 -6.89
N GLN A 15 4.63 14.05 -6.03
CA GLN A 15 4.68 12.64 -6.42
C GLN A 15 3.37 11.94 -6.09
N ASP A 16 3.29 10.66 -6.43
CA ASP A 16 2.09 9.87 -6.18
C ASP A 16 2.32 8.91 -5.01
N ALA A 17 1.23 8.56 -4.32
CA ALA A 17 1.31 7.65 -3.19
C ALA A 17 1.31 6.20 -3.65
N VAL A 18 2.39 5.48 -3.33
CA VAL A 18 2.51 4.08 -3.71
C VAL A 18 2.42 3.17 -2.49
N LYS A 19 2.80 3.69 -1.34
CA LYS A 19 2.77 2.92 -0.10
C LYS A 19 1.67 3.45 0.83
N THR A 20 1.32 2.64 1.83
CA THR A 20 0.28 3.03 2.78
C THR A 20 0.45 2.29 4.10
N CYS A 21 0.45 3.03 5.20
CA CYS A 21 0.60 2.43 6.51
C CYS A 21 -0.78 2.32 7.15
N VAL A 22 -1.16 1.09 7.47
CA VAL A 22 -2.45 0.83 8.10
C VAL A 22 -2.50 1.38 9.51
N THR A 23 -1.38 1.28 10.22
CA THR A 23 -1.30 1.77 11.60
C THR A 23 -1.39 3.29 11.65
N CYS A 24 -1.09 3.93 10.52
CA CYS A 24 -1.14 5.37 10.44
C CYS A 24 -2.50 5.78 9.86
N GLU A 25 -3.07 4.86 9.09
CA GLU A 25 -4.36 5.09 8.46
C GLU A 25 -4.27 6.21 7.42
N VAL A 26 -3.16 6.23 6.69
CA VAL A 26 -2.94 7.25 5.66
C VAL A 26 -2.14 6.70 4.50
N SER A 27 -2.35 7.25 3.31
CA SER A 27 -1.66 6.80 2.12
C SER A 27 -0.71 7.89 1.61
N TYR A 28 0.59 7.58 1.62
CA TYR A 28 1.60 8.52 1.16
C TYR A 28 2.54 7.88 0.15
N CYS A 29 3.52 8.64 -0.32
CA CYS A 29 4.46 8.13 -1.29
C CYS A 29 5.68 7.60 -0.54
N ASP A 30 6.49 6.82 -1.25
CA ASP A 30 7.70 6.24 -0.67
C ASP A 30 8.60 7.32 -0.09
N GLU A 31 8.72 8.44 -0.80
CA GLU A 31 9.56 9.55 -0.36
C GLU A 31 9.24 9.93 1.09
N CYS A 32 8.02 10.43 1.30
CA CYS A 32 7.61 10.82 2.64
C CYS A 32 7.68 9.59 3.55
N LEU A 33 7.22 8.47 3.01
CA LEU A 33 7.21 7.21 3.75
C LEU A 33 8.58 6.94 4.37
N LYS A 34 9.62 7.45 3.73
CA LYS A 34 10.99 7.27 4.21
C LYS A 34 11.28 8.20 5.39
N ALA A 35 10.87 9.46 5.26
CA ALA A 35 11.07 10.43 6.32
C ALA A 35 10.25 10.10 7.55
N THR A 36 8.94 9.91 7.35
CA THR A 36 8.04 9.59 8.45
C THR A 36 8.45 8.30 9.14
N HIS A 37 8.80 7.29 8.34
CA HIS A 37 9.21 6.00 8.88
C HIS A 37 10.68 5.74 8.57
N PRO A 38 11.56 6.22 9.46
CA PRO A 38 13.02 6.04 9.31
C PRO A 38 13.45 4.60 9.52
N ASN A 39 14.76 4.38 9.59
CA ASN A 39 15.30 3.05 9.78
C ASN A 39 15.64 2.80 11.25
N LYS A 40 16.22 1.63 11.53
CA LYS A 40 16.59 1.28 12.90
C LYS A 40 15.35 1.17 13.79
N LYS A 41 14.78 -0.03 13.83
CA LYS A 41 13.59 -0.28 14.65
C LYS A 41 13.91 -0.16 16.13
N PRO A 42 12.88 0.07 16.96
CA PRO A 42 11.51 0.23 16.47
C PRO A 42 11.31 1.52 15.67
N PHE A 43 10.70 1.41 14.50
CA PHE A 43 10.46 2.57 13.65
C PHE A 43 9.81 2.14 12.33
N THR A 44 10.56 1.39 11.53
CA THR A 44 10.07 0.93 10.24
C THR A 44 9.27 -0.35 10.39
N GLY A 45 9.04 -0.76 11.64
CA GLY A 45 8.28 -1.97 11.89
C GLY A 45 6.79 -1.77 11.72
N HIS A 46 6.40 -0.54 11.40
CA HIS A 46 4.99 -0.22 11.21
C HIS A 46 4.33 -1.20 10.25
N ARG A 47 3.02 -1.36 10.37
CA ARG A 47 2.27 -2.27 9.52
C ARG A 47 1.96 -1.63 8.17
N LEU A 48 2.30 -2.33 7.10
CA LEU A 48 2.07 -1.83 5.74
C LEU A 48 1.53 -2.94 4.84
N ILE A 49 0.35 -2.71 4.27
CA ILE A 49 -0.27 -3.67 3.38
C ILE A 49 0.71 -4.14 2.30
N GLU A 50 1.05 -5.42 2.34
CA GLU A 50 1.98 -5.99 1.36
C GLU A 50 3.35 -5.34 1.48
N PRO A 51 4.38 -6.03 0.96
CA PRO A 51 5.75 -5.55 0.99
C PRO A 51 5.97 -4.34 0.07
N ILE A 52 7.17 -3.78 0.11
CA ILE A 52 7.50 -2.63 -0.71
C ILE A 52 7.29 -2.92 -2.19
N PRO A 53 7.04 -1.87 -2.98
CA PRO A 53 6.82 -1.99 -4.42
C PRO A 53 8.08 -2.40 -5.17
N ASP A 54 9.21 -1.83 -4.79
CA ASP A 54 10.48 -2.13 -5.42
C ASP A 54 10.92 -3.57 -5.12
N SER A 55 11.25 -4.31 -6.16
CA SER A 55 11.68 -5.69 -6.01
C SER A 55 12.03 -6.31 -7.36
N HIS A 56 12.65 -7.48 -7.33
CA HIS A 56 13.04 -8.18 -8.55
C HIS A 56 12.69 -9.66 -8.47
N ILE A 57 11.50 -9.96 -7.95
CA ILE A 57 11.04 -11.34 -7.82
C ILE A 57 9.83 -11.60 -8.68
N ARG A 58 9.10 -10.53 -9.01
CA ARG A 58 7.89 -10.65 -9.83
C ARG A 58 6.84 -11.48 -9.13
N GLY A 59 6.37 -11.00 -7.98
CA GLY A 59 5.36 -11.71 -7.22
C GLY A 59 5.57 -11.60 -5.73
N LEU A 60 4.61 -10.97 -5.05
CA LEU A 60 4.70 -10.79 -3.60
C LEU A 60 3.48 -11.39 -2.91
N MET A 61 3.61 -11.68 -1.62
CA MET A 61 2.51 -12.24 -0.84
C MET A 61 1.97 -11.22 0.15
N CYS A 62 0.84 -11.56 0.77
CA CYS A 62 0.23 -10.66 1.73
C CYS A 62 1.03 -10.72 3.03
N LEU A 63 0.58 -9.94 4.00
CA LEU A 63 1.24 -9.89 5.30
C LEU A 63 1.25 -11.27 5.97
N GLU A 64 0.05 -11.79 6.23
CA GLU A 64 -0.08 -13.09 6.86
C GLU A 64 -1.10 -13.97 6.12
N HIS A 65 -0.93 -14.06 4.80
CA HIS A 65 -1.82 -14.85 3.97
C HIS A 65 -1.05 -15.60 2.89
N GLU A 66 -0.44 -16.72 3.29
CA GLU A 66 0.34 -17.53 2.34
C GLU A 66 -0.58 -18.39 1.48
N ASP A 67 -1.70 -18.81 2.05
CA ASP A 67 -2.66 -19.64 1.33
C ASP A 67 -3.34 -18.84 0.23
N GLU A 68 -3.39 -17.52 0.40
CA GLU A 68 -4.01 -16.65 -0.58
C GLU A 68 -3.08 -15.51 -0.98
N LYS A 69 -2.68 -15.48 -2.25
CA LYS A 69 -1.78 -14.45 -2.74
C LYS A 69 -2.55 -13.18 -3.08
N VAL A 70 -1.82 -12.13 -3.43
CA VAL A 70 -2.44 -10.85 -3.77
C VAL A 70 -2.92 -10.85 -5.22
N ASN A 71 -4.22 -10.61 -5.41
CA ASN A 71 -4.81 -10.58 -6.74
C ASN A 71 -5.75 -9.40 -6.90
N MET A 72 -5.58 -8.39 -6.05
CA MET A 72 -6.41 -7.20 -6.09
C MET A 72 -5.57 -5.94 -5.88
N TYR A 73 -6.21 -4.78 -6.02
CA TYR A 73 -5.52 -3.51 -5.84
C TYR A 73 -6.46 -2.46 -5.25
N CYS A 74 -5.95 -1.71 -4.28
CA CYS A 74 -6.75 -0.68 -3.65
C CYS A 74 -6.29 0.69 -4.17
N VAL A 75 -7.27 1.53 -4.47
CA VAL A 75 -7.00 2.86 -4.99
C VAL A 75 -6.76 3.85 -3.85
N THR A 76 -7.64 3.83 -2.85
CA THR A 76 -7.52 4.71 -1.70
C THR A 76 -6.12 4.65 -1.09
N ASP A 77 -5.48 3.49 -1.22
CA ASP A 77 -4.14 3.29 -0.68
C ASP A 77 -3.12 3.17 -1.81
N ASP A 78 -3.60 2.87 -3.00
CA ASP A 78 -2.74 2.72 -4.16
C ASP A 78 -1.76 1.55 -3.97
N GLN A 79 -2.21 0.54 -3.24
CA GLN A 79 -1.38 -0.63 -2.97
C GLN A 79 -2.08 -1.90 -3.44
N LEU A 80 -1.38 -3.03 -3.31
CA LEU A 80 -1.94 -4.32 -3.72
C LEU A 80 -2.50 -5.08 -2.53
N ILE A 81 -3.53 -5.88 -2.78
CA ILE A 81 -4.16 -6.66 -1.72
C ILE A 81 -4.68 -7.99 -2.25
N CYS A 82 -5.16 -8.84 -1.35
CA CYS A 82 -5.67 -10.14 -1.75
C CYS A 82 -7.19 -10.13 -1.55
N ALA A 83 -7.86 -10.99 -2.31
CA ALA A 83 -9.31 -11.10 -2.24
C ALA A 83 -9.76 -11.42 -0.82
N LEU A 84 -8.90 -12.11 -0.07
CA LEU A 84 -9.21 -12.48 1.31
C LEU A 84 -9.20 -11.25 2.22
N CYS A 85 -8.51 -10.21 1.79
CA CYS A 85 -8.43 -8.99 2.57
C CYS A 85 -9.73 -8.20 2.38
N LYS A 86 -10.22 -8.23 1.14
CA LYS A 86 -11.46 -7.53 0.79
C LYS A 86 -12.67 -8.23 1.40
N LEU A 87 -12.53 -9.53 1.66
CA LEU A 87 -13.61 -10.31 2.25
C LEU A 87 -13.71 -10.07 3.74
N VAL A 88 -12.59 -10.22 4.44
CA VAL A 88 -12.55 -10.02 5.88
C VAL A 88 -13.13 -8.66 6.26
N GLY A 89 -12.87 -7.66 5.44
CA GLY A 89 -13.38 -6.32 5.70
C GLY A 89 -12.30 -5.26 5.64
N ARG A 90 -11.05 -5.71 5.60
CA ARG A 90 -9.91 -4.79 5.54
C ARG A 90 -10.08 -3.78 4.42
N HIS A 91 -10.64 -4.24 3.30
CA HIS A 91 -10.87 -3.38 2.14
C HIS A 91 -12.25 -3.62 1.54
N ARG A 92 -13.26 -3.59 2.38
CA ARG A 92 -14.64 -3.82 1.93
C ARG A 92 -15.26 -2.53 1.40
N ASP A 93 -15.22 -1.48 2.21
CA ASP A 93 -15.77 -0.19 1.84
C ASP A 93 -14.84 0.54 0.87
N HIS A 94 -13.67 -0.04 0.64
CA HIS A 94 -12.69 0.55 -0.27
C HIS A 94 -13.07 0.29 -1.72
N GLN A 95 -12.50 1.08 -2.63
CA GLN A 95 -12.78 0.93 -4.05
C GLN A 95 -11.61 0.26 -4.77
N VAL A 96 -11.78 -1.02 -5.11
CA VAL A 96 -10.75 -1.78 -5.80
C VAL A 96 -11.18 -2.11 -7.22
N ALA A 97 -10.27 -2.72 -7.98
CA ALA A 97 -10.54 -3.10 -9.36
C ALA A 97 -10.45 -4.61 -9.54
N ALA A 98 -11.53 -5.21 -10.03
CA ALA A 98 -11.56 -6.65 -10.25
C ALA A 98 -11.26 -6.98 -11.71
N LEU A 99 -10.00 -7.33 -11.98
CA LEU A 99 -9.58 -7.67 -13.33
C LEU A 99 -10.50 -8.74 -13.93
N SER A 100 -11.05 -8.45 -15.11
CA SER A 100 -11.93 -9.37 -15.80
C SER A 100 -11.17 -10.58 -16.33
N GLU A 101 -11.90 -11.59 -16.77
CA GLU A 101 -11.29 -12.81 -17.30
C GLU A 101 -11.55 -12.94 -18.80
N ALA A 1 -5.76 8.73 -15.55
CA ALA A 1 -5.15 9.26 -14.34
C ALA A 1 -6.04 9.03 -13.12
N GLU A 2 -6.02 7.80 -12.60
CA GLU A 2 -6.83 7.45 -11.45
C GLU A 2 -5.95 7.13 -10.24
N LYS A 3 -5.03 8.04 -9.94
CA LYS A 3 -4.13 7.85 -8.80
C LYS A 3 -4.18 9.06 -7.87
N VAL A 4 -4.22 8.78 -6.57
CA VAL A 4 -4.27 9.84 -5.56
C VAL A 4 -2.90 10.47 -5.36
N LEU A 5 -2.88 11.77 -5.14
CA LEU A 5 -1.63 12.50 -4.93
C LEU A 5 -1.33 12.65 -3.44
N CYS A 6 -0.05 12.59 -3.10
CA CYS A 6 0.35 12.72 -1.71
C CYS A 6 -0.23 14.02 -1.16
N GLN A 7 -1.24 13.86 -0.32
CA GLN A 7 -1.91 15.00 0.30
C GLN A 7 -0.96 15.75 1.23
N PHE A 8 0.05 15.05 1.73
CA PHE A 8 1.03 15.63 2.64
C PHE A 8 2.31 15.98 1.90
N CYS A 9 2.16 16.48 0.68
CA CYS A 9 3.32 16.85 -0.12
C CYS A 9 3.28 18.35 -0.37
N ASP A 10 4.46 18.97 -0.33
CA ASP A 10 4.59 20.40 -0.54
C ASP A 10 5.66 20.71 -1.58
N GLN A 11 5.76 19.84 -2.59
CA GLN A 11 6.75 20.02 -3.65
C GLN A 11 6.30 21.11 -4.63
N ASP A 12 5.06 21.01 -5.11
CA ASP A 12 4.52 21.97 -6.04
C ASP A 12 5.31 21.97 -7.35
N PRO A 13 4.94 21.08 -8.27
CA PRO A 13 3.83 20.14 -8.06
C PRO A 13 4.15 19.08 -7.02
N ALA A 14 3.11 18.52 -6.42
CA ALA A 14 3.29 17.48 -5.40
C ALA A 14 3.49 16.12 -6.04
N GLN A 15 3.91 15.14 -5.24
CA GLN A 15 4.14 13.79 -5.73
C GLN A 15 2.92 12.91 -5.50
N ASP A 16 3.01 11.66 -5.94
CA ASP A 16 1.92 10.71 -5.77
C ASP A 16 2.24 9.68 -4.69
N ALA A 17 1.20 9.15 -4.06
CA ALA A 17 1.37 8.17 -3.00
C ALA A 17 1.56 6.77 -3.58
N VAL A 18 2.70 6.16 -3.26
CA VAL A 18 3.01 4.82 -3.75
C VAL A 18 2.96 3.80 -2.62
N LYS A 19 3.16 4.27 -1.40
CA LYS A 19 3.13 3.40 -0.23
C LYS A 19 2.01 3.78 0.72
N THR A 20 1.69 2.89 1.65
CA THR A 20 0.62 3.13 2.61
C THR A 20 0.83 2.32 3.89
N CYS A 21 0.75 2.98 5.03
CA CYS A 21 0.94 2.31 6.30
C CYS A 21 -0.44 1.95 6.86
N VAL A 22 -0.52 0.74 7.41
CA VAL A 22 -1.76 0.25 7.98
C VAL A 22 -1.98 0.81 9.38
N THR A 23 -0.98 0.65 10.25
CA THR A 23 -1.06 1.14 11.61
C THR A 23 -1.36 2.63 11.65
N CYS A 24 -1.03 3.32 10.57
CA CYS A 24 -1.27 4.75 10.48
C CYS A 24 -2.62 4.97 9.79
N GLU A 25 -2.95 4.05 8.90
CA GLU A 25 -4.20 4.12 8.16
C GLU A 25 -4.23 5.34 7.25
N VAL A 26 -3.10 5.61 6.60
CA VAL A 26 -3.00 6.75 5.70
C VAL A 26 -2.17 6.40 4.46
N SER A 27 -2.46 7.08 3.36
CA SER A 27 -1.74 6.84 2.11
C SER A 27 -0.84 8.03 1.76
N TYR A 28 0.47 7.78 1.74
CA TYR A 28 1.43 8.83 1.42
C TYR A 28 2.45 8.34 0.38
N CYS A 29 3.38 9.21 0.03
CA CYS A 29 4.40 8.85 -0.95
C CYS A 29 5.65 8.40 -0.20
N ASP A 30 6.54 7.75 -0.94
CA ASP A 30 7.78 7.25 -0.37
C ASP A 30 8.58 8.38 0.27
N GLU A 31 8.56 9.54 -0.37
CA GLU A 31 9.30 10.71 0.13
C GLU A 31 8.93 10.97 1.60
N CYS A 32 7.68 11.34 1.83
CA CYS A 32 7.23 11.63 3.18
C CYS A 32 7.40 10.36 4.02
N LEU A 33 7.04 9.24 3.41
CA LEU A 33 7.14 7.95 4.10
C LEU A 33 8.54 7.76 4.68
N LYS A 34 9.52 8.42 4.09
CA LYS A 34 10.91 8.33 4.55
C LYS A 34 11.12 9.20 5.78
N ALA A 35 10.66 10.44 5.71
CA ALA A 35 10.80 11.38 6.82
C ALA A 35 10.00 10.92 8.04
N THR A 36 8.83 10.34 7.78
CA THR A 36 7.96 9.86 8.85
C THR A 36 8.43 8.50 9.36
N HIS A 37 8.65 7.57 8.44
CA HIS A 37 9.10 6.23 8.80
C HIS A 37 10.56 6.01 8.38
N PRO A 38 11.49 6.38 9.27
CA PRO A 38 12.92 6.23 9.01
C PRO A 38 13.37 4.78 9.00
N ASN A 39 14.69 4.56 8.99
CA ASN A 39 15.24 3.21 8.99
C ASN A 39 16.06 2.96 10.23
N LYS A 40 15.58 3.45 11.37
CA LYS A 40 16.29 3.28 12.63
C LYS A 40 15.52 3.94 13.78
N LYS A 41 14.54 3.22 14.32
CA LYS A 41 13.73 3.74 15.42
C LYS A 41 12.96 4.99 14.99
N PRO A 42 11.92 5.33 15.75
CA PRO A 42 11.51 4.56 16.94
C PRO A 42 10.93 3.21 16.57
N PHE A 43 10.19 3.16 15.47
CA PHE A 43 9.58 1.92 15.01
C PHE A 43 9.75 1.74 13.51
N THR A 44 10.99 1.45 13.09
CA THR A 44 11.30 1.26 11.68
C THR A 44 10.52 0.09 11.10
N GLY A 45 9.99 -0.76 11.98
CA GLY A 45 9.24 -1.92 11.54
C GLY A 45 7.75 -1.65 11.47
N HIS A 46 7.40 -0.39 11.22
CA HIS A 46 5.99 0.00 11.13
C HIS A 46 5.24 -0.89 10.14
N ARG A 47 4.00 -1.21 10.48
CA ARG A 47 3.17 -2.07 9.63
C ARG A 47 3.08 -1.50 8.22
N LEU A 48 2.73 -2.35 7.26
CA LEU A 48 2.61 -1.93 5.87
C LEU A 48 2.19 -3.10 4.98
N ILE A 49 2.07 -2.85 3.69
CA ILE A 49 1.67 -3.87 2.73
C ILE A 49 2.83 -4.24 1.81
N GLU A 50 2.80 -5.45 1.28
CA GLU A 50 3.85 -5.92 0.38
C GLU A 50 4.13 -4.88 -0.71
N PRO A 51 5.30 -4.23 -0.60
CA PRO A 51 5.70 -3.20 -1.57
C PRO A 51 6.06 -3.79 -2.93
N ILE A 52 5.11 -3.75 -3.86
CA ILE A 52 5.32 -4.28 -5.19
C ILE A 52 5.84 -5.71 -5.14
N PRO A 53 4.94 -6.65 -4.82
CA PRO A 53 5.29 -8.08 -4.73
C PRO A 53 5.59 -8.69 -6.10
N ASP A 54 5.17 -7.99 -7.15
CA ASP A 54 5.39 -8.47 -8.52
C ASP A 54 4.72 -9.82 -8.74
N SER A 55 4.72 -10.27 -9.99
CA SER A 55 4.09 -11.55 -10.33
C SER A 55 4.71 -12.12 -11.61
N HIS A 56 5.95 -11.74 -11.89
CA HIS A 56 6.64 -12.20 -13.08
C HIS A 56 7.14 -13.64 -12.89
N ILE A 57 8.16 -13.80 -12.05
CA ILE A 57 8.74 -15.11 -11.79
C ILE A 57 8.46 -15.54 -10.35
N ARG A 58 8.36 -14.57 -9.45
CA ARG A 58 8.10 -14.85 -8.04
C ARG A 58 7.35 -13.69 -7.39
N GLY A 59 6.15 -13.99 -6.89
CA GLY A 59 5.35 -12.96 -6.25
C GLY A 59 5.28 -13.14 -4.75
N LEU A 60 5.41 -12.03 -4.03
CA LEU A 60 5.37 -12.06 -2.56
C LEU A 60 3.97 -12.36 -2.06
N MET A 61 3.87 -12.69 -0.77
CA MET A 61 2.57 -13.01 -0.17
C MET A 61 2.15 -11.90 0.80
N CYS A 62 0.90 -11.97 1.24
CA CYS A 62 0.39 -10.97 2.18
C CYS A 62 1.17 -11.09 3.49
N LEU A 63 0.80 -10.25 4.43
CA LEU A 63 1.45 -10.23 5.74
C LEU A 63 1.29 -11.58 6.44
N GLU A 64 0.04 -11.97 6.70
CA GLU A 64 -0.24 -13.23 7.36
C GLU A 64 -1.35 -13.99 6.63
N HIS A 65 -1.19 -14.12 5.31
CA HIS A 65 -2.17 -14.83 4.49
C HIS A 65 -1.48 -15.71 3.46
N GLU A 66 -1.02 -16.88 3.89
CA GLU A 66 -0.35 -17.81 3.00
C GLU A 66 -1.36 -18.58 2.14
N ASP A 67 -2.54 -18.80 2.70
CA ASP A 67 -3.59 -19.51 1.99
C ASP A 67 -4.14 -18.68 0.83
N GLU A 68 -3.94 -17.37 0.91
CA GLU A 68 -4.41 -16.46 -0.13
C GLU A 68 -3.33 -15.44 -0.49
N LYS A 69 -2.87 -15.49 -1.73
CA LYS A 69 -1.84 -14.58 -2.21
C LYS A 69 -2.46 -13.24 -2.64
N VAL A 70 -1.61 -12.29 -3.00
CA VAL A 70 -2.06 -10.99 -3.44
C VAL A 70 -2.52 -11.01 -4.90
N ASN A 71 -3.79 -10.70 -5.13
CA ASN A 71 -4.34 -10.70 -6.47
C ASN A 71 -5.27 -9.51 -6.67
N MET A 72 -5.08 -8.48 -5.85
CA MET A 72 -5.90 -7.27 -5.96
C MET A 72 -5.04 -6.02 -5.78
N TYR A 73 -5.62 -4.86 -6.10
CA TYR A 73 -4.91 -3.60 -5.99
C TYR A 73 -5.81 -2.52 -5.37
N CYS A 74 -5.26 -1.77 -4.43
CA CYS A 74 -6.02 -0.71 -3.79
C CYS A 74 -5.55 0.63 -4.35
N VAL A 75 -6.52 1.47 -4.70
CA VAL A 75 -6.23 2.78 -5.24
C VAL A 75 -5.98 3.80 -4.13
N THR A 76 -6.83 3.76 -3.11
CA THR A 76 -6.69 4.68 -1.98
C THR A 76 -5.32 4.55 -1.32
N ASP A 77 -4.68 3.41 -1.51
CA ASP A 77 -3.36 3.16 -0.95
C ASP A 77 -2.31 3.06 -2.04
N ASP A 78 -2.76 2.80 -3.27
CA ASP A 78 -1.85 2.68 -4.40
C ASP A 78 -0.90 1.49 -4.22
N GLN A 79 -1.38 0.47 -3.52
CA GLN A 79 -0.57 -0.72 -3.28
C GLN A 79 -1.33 -1.98 -3.69
N LEU A 80 -0.67 -3.12 -3.56
CA LEU A 80 -1.28 -4.40 -3.92
C LEU A 80 -1.76 -5.15 -2.68
N ILE A 81 -2.94 -5.73 -2.77
CA ILE A 81 -3.51 -6.48 -1.66
C ILE A 81 -4.12 -7.80 -2.12
N CYS A 82 -4.64 -8.57 -1.18
CA CYS A 82 -5.25 -9.85 -1.52
C CYS A 82 -6.76 -9.73 -1.31
N ALA A 83 -7.50 -10.53 -2.09
CA ALA A 83 -8.95 -10.52 -2.02
C ALA A 83 -9.43 -10.79 -0.60
N LEU A 84 -8.63 -11.54 0.16
CA LEU A 84 -8.97 -11.87 1.54
C LEU A 84 -8.92 -10.63 2.43
N CYS A 85 -8.19 -9.62 1.98
CA CYS A 85 -8.08 -8.39 2.74
C CYS A 85 -9.33 -7.55 2.50
N LYS A 86 -9.78 -7.58 1.25
CA LYS A 86 -10.98 -6.83 0.86
C LYS A 86 -12.24 -7.49 1.40
N LEU A 87 -12.16 -8.79 1.63
CA LEU A 87 -13.30 -9.54 2.16
C LEU A 87 -13.49 -9.29 3.65
N VAL A 88 -12.41 -9.44 4.42
CA VAL A 88 -12.46 -9.22 5.85
C VAL A 88 -13.01 -7.84 6.17
N GLY A 89 -12.58 -6.84 5.41
CA GLY A 89 -13.03 -5.49 5.63
C GLY A 89 -11.91 -4.48 5.59
N ARG A 90 -10.68 -4.98 5.64
CA ARG A 90 -9.50 -4.11 5.62
C ARG A 90 -9.57 -3.15 4.43
N HIS A 91 -10.18 -3.61 3.33
CA HIS A 91 -10.30 -2.78 2.14
C HIS A 91 -11.68 -2.93 1.53
N ARG A 92 -12.70 -3.01 2.39
CA ARG A 92 -14.08 -3.15 1.93
C ARG A 92 -14.58 -1.84 1.32
N ASP A 93 -14.45 -0.75 2.07
CA ASP A 93 -14.89 0.56 1.60
C ASP A 93 -13.92 1.13 0.57
N HIS A 94 -12.79 0.44 0.39
CA HIS A 94 -11.77 0.87 -0.56
C HIS A 94 -12.18 0.54 -1.99
N GLN A 95 -11.65 1.30 -2.94
CA GLN A 95 -11.96 1.08 -4.36
C GLN A 95 -10.84 0.32 -5.05
N VAL A 96 -11.06 -0.97 -5.29
CA VAL A 96 -10.06 -1.81 -5.95
C VAL A 96 -10.54 -2.23 -7.34
N ALA A 97 -9.67 -2.93 -8.06
CA ALA A 97 -9.99 -3.39 -9.41
C ALA A 97 -9.80 -4.90 -9.52
N ALA A 98 -10.86 -5.61 -9.91
CA ALA A 98 -10.81 -7.05 -10.07
C ALA A 98 -10.36 -7.44 -11.47
N LEU A 99 -9.26 -8.18 -11.55
CA LEU A 99 -8.73 -8.63 -12.82
C LEU A 99 -9.46 -9.87 -13.34
N SER A 100 -9.94 -9.81 -14.57
CA SER A 100 -10.66 -10.93 -15.17
C SER A 100 -9.89 -11.49 -16.36
N GLU A 101 -9.83 -12.82 -16.43
CA GLU A 101 -9.12 -13.50 -17.52
C GLU A 101 -10.09 -14.30 -18.38
N ALA A 1 -4.72 5.11 -15.89
CA ALA A 1 -3.62 5.11 -14.93
C ALA A 1 -3.53 6.45 -14.19
N GLU A 2 -4.52 6.72 -13.35
CA GLU A 2 -4.55 7.96 -12.59
C GLU A 2 -3.91 7.78 -11.22
N LYS A 3 -4.37 6.76 -10.50
CA LYS A 3 -3.84 6.48 -9.17
C LYS A 3 -4.04 7.67 -8.23
N VAL A 4 -3.70 7.48 -6.96
CA VAL A 4 -3.84 8.53 -5.97
C VAL A 4 -2.51 9.23 -5.71
N LEU A 5 -2.55 10.56 -5.62
CA LEU A 5 -1.34 11.34 -5.38
C LEU A 5 -1.08 11.48 -3.88
N CYS A 6 0.20 11.51 -3.51
CA CYS A 6 0.57 11.64 -2.11
C CYS A 6 -0.12 12.88 -1.55
N GLN A 7 -1.15 12.62 -0.74
CA GLN A 7 -1.92 13.70 -0.11
C GLN A 7 -1.04 14.49 0.87
N PHE A 8 0.02 13.86 1.34
CA PHE A 8 0.93 14.51 2.28
C PHE A 8 2.21 14.97 1.58
N CYS A 9 2.05 15.47 0.36
CA CYS A 9 3.19 15.94 -0.40
C CYS A 9 3.07 17.45 -0.59
N ASP A 10 4.20 18.14 -0.49
CA ASP A 10 4.24 19.58 -0.66
C ASP A 10 5.32 20.00 -1.65
N GLN A 11 5.37 19.31 -2.78
CA GLN A 11 6.36 19.60 -3.81
C GLN A 11 5.83 20.62 -4.81
N ASP A 12 4.63 20.36 -5.32
CA ASP A 12 4.00 21.26 -6.29
C ASP A 12 4.83 21.34 -7.57
N PRO A 13 4.59 20.41 -8.49
CA PRO A 13 3.58 19.36 -8.31
C PRO A 13 3.99 18.34 -7.26
N ALA A 14 3.01 17.64 -6.70
CA ALA A 14 3.27 16.64 -5.67
C ALA A 14 3.61 15.29 -6.31
N GLN A 15 3.99 14.32 -5.47
CA GLN A 15 4.35 12.99 -5.95
C GLN A 15 3.18 12.04 -5.81
N ASP A 16 3.39 10.79 -6.22
CA ASP A 16 2.34 9.78 -6.14
C ASP A 16 2.60 8.81 -4.99
N ALA A 17 1.54 8.31 -4.39
CA ALA A 17 1.65 7.38 -3.27
C ALA A 17 1.91 5.96 -3.77
N VAL A 18 2.97 5.34 -3.27
CA VAL A 18 3.32 3.99 -3.67
C VAL A 18 3.10 3.00 -2.51
N LYS A 19 3.13 3.52 -1.30
CA LYS A 19 2.93 2.69 -0.11
C LYS A 19 1.88 3.31 0.83
N THR A 20 1.47 2.55 1.83
CA THR A 20 0.48 3.02 2.79
C THR A 20 0.60 2.29 4.12
N CYS A 21 0.66 3.05 5.20
CA CYS A 21 0.78 2.46 6.52
C CYS A 21 -0.62 2.39 7.15
N VAL A 22 -1.06 1.17 7.40
CA VAL A 22 -2.36 0.93 8.00
C VAL A 22 -2.42 1.47 9.43
N THR A 23 -1.33 1.29 10.17
CA THR A 23 -1.26 1.75 11.55
C THR A 23 -1.31 3.27 11.62
N CYS A 24 -0.94 3.93 10.52
CA CYS A 24 -0.96 5.38 10.47
C CYS A 24 -2.31 5.84 9.94
N GLU A 25 -2.96 4.93 9.22
CA GLU A 25 -4.27 5.20 8.63
C GLU A 25 -4.17 6.29 7.55
N VAL A 26 -3.03 6.32 6.86
CA VAL A 26 -2.81 7.30 5.81
C VAL A 26 -1.88 6.74 4.73
N SER A 27 -2.03 7.26 3.51
CA SER A 27 -1.22 6.81 2.38
C SER A 27 -0.18 7.85 2.03
N TYR A 28 1.08 7.42 1.94
CA TYR A 28 2.18 8.31 1.60
C TYR A 28 3.02 7.74 0.46
N CYS A 29 3.96 8.54 -0.02
CA CYS A 29 4.82 8.10 -1.11
C CYS A 29 6.15 7.63 -0.50
N ASP A 30 7.02 7.12 -1.38
CA ASP A 30 8.32 6.63 -0.95
C ASP A 30 9.12 7.73 -0.26
N GLU A 31 8.92 8.97 -0.70
CA GLU A 31 9.63 10.10 -0.12
C GLU A 31 9.20 10.33 1.33
N CYS A 32 7.94 10.73 1.51
CA CYS A 32 7.42 10.98 2.84
C CYS A 32 7.69 9.74 3.70
N LEU A 33 7.57 8.58 3.06
CA LEU A 33 7.79 7.31 3.74
C LEU A 33 9.14 7.30 4.44
N LYS A 34 10.14 7.91 3.82
CA LYS A 34 11.47 7.97 4.38
C LYS A 34 11.57 9.04 5.47
N ALA A 35 10.65 10.00 5.40
CA ALA A 35 10.62 11.09 6.39
C ALA A 35 9.95 10.64 7.68
N THR A 36 8.75 10.07 7.56
CA THR A 36 8.00 9.61 8.72
C THR A 36 8.52 8.25 9.19
N HIS A 37 8.86 7.39 8.24
CA HIS A 37 9.36 6.05 8.54
C HIS A 37 10.80 5.88 8.02
N PRO A 38 11.77 6.27 8.84
CA PRO A 38 13.19 6.17 8.48
C PRO A 38 13.67 4.71 8.45
N ASN A 39 14.98 4.54 8.26
CA ASN A 39 15.56 3.20 8.21
C ASN A 39 16.42 2.93 9.45
N LYS A 40 15.79 2.97 10.61
CA LYS A 40 16.49 2.73 11.87
C LYS A 40 15.51 2.36 12.98
N LYS A 41 15.15 1.09 13.04
CA LYS A 41 14.22 0.60 14.06
C LYS A 41 14.66 1.05 15.45
N PRO A 42 13.69 1.09 16.38
CA PRO A 42 12.31 0.72 16.10
C PRO A 42 11.61 1.74 15.21
N PHE A 43 10.91 1.25 14.18
CA PHE A 43 10.19 2.11 13.25
C PHE A 43 9.54 1.29 12.15
N THR A 44 10.33 0.44 11.49
CA THR A 44 9.83 -0.40 10.42
C THR A 44 8.74 -1.35 10.91
N GLY A 45 8.68 -1.51 12.23
CA GLY A 45 7.68 -2.39 12.81
C GLY A 45 6.26 -2.04 12.37
N HIS A 46 6.07 -0.79 11.96
CA HIS A 46 4.77 -0.32 11.52
C HIS A 46 4.17 -1.27 10.48
N ARG A 47 2.86 -1.46 10.54
CA ARG A 47 2.17 -2.34 9.61
C ARG A 47 1.97 -1.65 8.27
N LEU A 48 2.32 -2.35 7.19
CA LEU A 48 2.18 -1.81 5.84
C LEU A 48 1.65 -2.88 4.88
N ILE A 49 0.52 -2.60 4.25
CA ILE A 49 -0.08 -3.53 3.30
C ILE A 49 0.95 -4.01 2.28
N GLU A 50 1.25 -5.30 2.31
CA GLU A 50 2.22 -5.88 1.39
C GLU A 50 3.60 -5.29 1.61
N PRO A 51 4.64 -6.00 1.13
CA PRO A 51 6.02 -5.56 1.25
C PRO A 51 6.33 -4.35 0.38
N ILE A 52 7.62 -4.01 0.29
CA ILE A 52 8.04 -2.87 -0.52
C ILE A 52 8.36 -3.29 -1.95
N PRO A 53 7.82 -2.55 -2.93
CA PRO A 53 8.03 -2.83 -4.35
C PRO A 53 9.47 -2.55 -4.79
N ASP A 54 9.74 -2.74 -6.07
CA ASP A 54 11.07 -2.51 -6.62
C ASP A 54 12.09 -3.46 -6.00
N SER A 55 11.91 -4.75 -6.26
CA SER A 55 12.82 -5.76 -5.72
C SER A 55 12.80 -7.02 -6.60
N HIS A 56 13.73 -7.93 -6.32
CA HIS A 56 13.83 -9.17 -7.08
C HIS A 56 12.68 -10.12 -6.72
N ILE A 57 12.62 -11.25 -7.40
CA ILE A 57 11.57 -12.25 -7.15
C ILE A 57 10.19 -11.65 -7.35
N ARG A 58 9.62 -11.88 -8.53
CA ARG A 58 8.30 -11.38 -8.87
C ARG A 58 7.24 -11.97 -7.95
N GLY A 59 6.00 -11.49 -8.07
CA GLY A 59 4.93 -11.99 -7.25
C GLY A 59 5.07 -11.59 -5.79
N LEU A 60 4.00 -11.08 -5.21
CA LEU A 60 4.01 -10.64 -3.82
C LEU A 60 2.86 -11.28 -3.04
N MET A 61 3.09 -11.52 -1.76
CA MET A 61 2.07 -12.12 -0.90
C MET A 61 1.52 -11.11 0.10
N CYS A 62 0.45 -11.48 0.78
CA CYS A 62 -0.16 -10.58 1.76
C CYS A 62 0.64 -10.69 3.06
N LEU A 63 0.20 -9.92 4.05
CA LEU A 63 0.84 -9.91 5.36
C LEU A 63 0.83 -11.30 5.99
N GLU A 64 -0.37 -11.82 6.22
CA GLU A 64 -0.52 -13.13 6.82
C GLU A 64 -1.53 -13.98 6.04
N HIS A 65 -1.36 -14.03 4.72
CA HIS A 65 -2.25 -14.80 3.86
C HIS A 65 -1.46 -15.52 2.77
N GLU A 66 -0.87 -16.66 3.13
CA GLU A 66 -0.09 -17.45 2.19
C GLU A 66 -1.00 -18.30 1.32
N ASP A 67 -2.11 -18.75 1.89
CA ASP A 67 -3.07 -19.57 1.17
C ASP A 67 -3.79 -18.76 0.09
N GLU A 68 -3.78 -17.44 0.24
CA GLU A 68 -4.43 -16.55 -0.70
C GLU A 68 -3.49 -15.41 -1.12
N LYS A 69 -3.14 -15.39 -2.40
CA LYS A 69 -2.25 -14.35 -2.93
C LYS A 69 -3.02 -13.07 -3.21
N VAL A 70 -2.28 -12.00 -3.49
CA VAL A 70 -2.89 -10.71 -3.79
C VAL A 70 -3.36 -10.64 -5.24
N ASN A 71 -4.64 -10.39 -5.44
CA ASN A 71 -5.21 -10.30 -6.77
C ASN A 71 -6.12 -9.08 -6.90
N MET A 72 -5.90 -8.09 -6.04
CA MET A 72 -6.69 -6.87 -6.06
C MET A 72 -5.80 -5.63 -5.90
N TYR A 73 -6.41 -4.46 -6.03
CA TYR A 73 -5.67 -3.21 -5.92
C TYR A 73 -6.53 -2.13 -5.27
N CYS A 74 -5.95 -1.42 -4.31
CA CYS A 74 -6.66 -0.36 -3.62
C CYS A 74 -6.16 0.99 -4.15
N VAL A 75 -7.11 1.88 -4.41
CA VAL A 75 -6.79 3.21 -4.91
C VAL A 75 -6.46 4.17 -3.77
N THR A 76 -7.27 4.11 -2.71
CA THR A 76 -7.06 4.97 -1.55
C THR A 76 -5.67 4.79 -0.97
N ASP A 77 -5.08 3.63 -1.21
CA ASP A 77 -3.74 3.33 -0.72
C ASP A 77 -2.74 3.21 -1.86
N ASP A 78 -3.26 2.99 -3.07
CA ASP A 78 -2.42 2.86 -4.25
C ASP A 78 -1.51 1.64 -4.13
N GLN A 79 -1.99 0.61 -3.45
CA GLN A 79 -1.21 -0.61 -3.26
C GLN A 79 -2.02 -1.84 -3.67
N LEU A 80 -1.39 -3.00 -3.60
CA LEU A 80 -2.05 -4.25 -3.97
C LEU A 80 -2.60 -4.96 -2.74
N ILE A 81 -3.65 -5.76 -2.94
CA ILE A 81 -4.26 -6.49 -1.84
C ILE A 81 -4.86 -7.81 -2.33
N CYS A 82 -5.42 -8.58 -1.41
CA CYS A 82 -6.03 -9.85 -1.77
C CYS A 82 -7.53 -9.75 -1.51
N ALA A 83 -8.28 -10.53 -2.30
CA ALA A 83 -9.73 -10.55 -2.18
C ALA A 83 -10.18 -10.92 -0.77
N LEU A 84 -9.35 -11.69 -0.08
CA LEU A 84 -9.65 -12.11 1.28
C LEU A 84 -9.58 -10.93 2.24
N CYS A 85 -8.88 -9.88 1.83
CA CYS A 85 -8.75 -8.70 2.66
C CYS A 85 -10.03 -7.87 2.51
N LYS A 86 -10.51 -7.81 1.27
CA LYS A 86 -11.72 -7.05 0.95
C LYS A 86 -12.96 -7.74 1.53
N LEU A 87 -12.86 -9.05 1.72
CA LEU A 87 -13.98 -9.82 2.27
C LEU A 87 -14.08 -9.64 3.78
N VAL A 88 -12.98 -9.91 4.48
CA VAL A 88 -12.94 -9.77 5.93
C VAL A 88 -13.43 -8.39 6.36
N GLY A 89 -13.18 -7.39 5.53
CA GLY A 89 -13.61 -6.04 5.85
C GLY A 89 -12.45 -5.07 5.96
N ARG A 90 -11.31 -5.46 5.41
CA ARG A 90 -10.12 -4.62 5.45
C ARG A 90 -10.18 -3.53 4.39
N HIS A 91 -10.60 -3.91 3.19
CA HIS A 91 -10.70 -2.95 2.08
C HIS A 91 -12.08 -3.03 1.44
N ARG A 92 -13.09 -3.44 2.22
CA ARG A 92 -14.44 -3.56 1.72
C ARG A 92 -15.02 -2.19 1.37
N ASP A 93 -14.91 -1.25 2.32
CA ASP A 93 -15.42 0.10 2.11
C ASP A 93 -14.52 0.88 1.15
N HIS A 94 -13.35 0.32 0.87
CA HIS A 94 -12.40 0.97 -0.04
C HIS A 94 -12.82 0.78 -1.49
N GLN A 95 -12.24 1.59 -2.38
CA GLN A 95 -12.55 1.50 -3.80
C GLN A 95 -11.46 0.75 -4.55
N VAL A 96 -11.68 -0.54 -4.79
CA VAL A 96 -10.72 -1.36 -5.50
C VAL A 96 -11.25 -1.78 -6.87
N ALA A 97 -10.41 -2.46 -7.64
CA ALA A 97 -10.80 -2.93 -8.97
C ALA A 97 -10.63 -4.43 -9.10
N ALA A 98 -11.61 -5.08 -9.71
CA ALA A 98 -11.57 -6.53 -9.89
C ALA A 98 -11.57 -6.89 -11.38
N LEU A 99 -10.81 -7.92 -11.74
CA LEU A 99 -10.72 -8.37 -13.12
C LEU A 99 -11.72 -9.50 -13.39
N SER A 100 -12.36 -9.44 -14.56
CA SER A 100 -13.33 -10.46 -14.94
C SER A 100 -12.70 -11.50 -15.86
N GLU A 101 -13.03 -12.78 -15.62
CA GLU A 101 -12.49 -13.86 -16.44
C GLU A 101 -10.97 -13.83 -16.44
N ALA A 1 -7.36 11.52 -13.20
CA ALA A 1 -6.10 10.99 -12.69
C ALA A 1 -6.29 9.65 -11.99
N GLU A 2 -5.76 8.59 -12.60
CA GLU A 2 -5.89 7.25 -12.03
C GLU A 2 -5.09 7.13 -10.74
N LYS A 3 -3.77 7.11 -10.86
CA LYS A 3 -2.88 7.00 -9.71
C LYS A 3 -3.18 8.11 -8.71
N VAL A 4 -3.19 7.75 -7.42
CA VAL A 4 -3.46 8.72 -6.37
C VAL A 4 -2.24 9.61 -6.14
N LEU A 5 -2.51 10.88 -5.86
CA LEU A 5 -1.44 11.85 -5.62
C LEU A 5 -1.27 12.12 -4.12
N CYS A 6 -0.05 12.36 -3.71
CA CYS A 6 0.23 12.63 -2.31
C CYS A 6 -0.50 13.92 -1.92
N GLN A 7 -1.66 13.75 -1.29
CA GLN A 7 -2.46 14.88 -0.85
C GLN A 7 -1.76 15.66 0.24
N PHE A 8 -0.81 15.01 0.92
CA PHE A 8 -0.07 15.64 1.99
C PHE A 8 1.36 15.95 1.56
N CYS A 9 1.51 16.40 0.32
CA CYS A 9 2.82 16.73 -0.20
C CYS A 9 2.99 18.25 -0.16
N ASP A 10 4.23 18.67 0.11
CA ASP A 10 4.55 20.09 0.20
C ASP A 10 5.79 20.41 -0.64
N GLN A 11 5.82 19.89 -1.86
CA GLN A 11 6.94 20.13 -2.76
C GLN A 11 6.66 21.29 -3.70
N ASP A 12 5.50 21.24 -4.35
CA ASP A 12 5.11 22.30 -5.28
C ASP A 12 6.06 22.35 -6.47
N PRO A 13 5.75 21.56 -7.51
CA PRO A 13 4.57 20.68 -7.52
C PRO A 13 4.70 19.53 -6.54
N ALA A 14 3.58 18.92 -6.19
CA ALA A 14 3.57 17.78 -5.26
C ALA A 14 3.97 16.49 -5.98
N GLN A 15 3.99 15.39 -5.23
CA GLN A 15 4.34 14.09 -5.79
C GLN A 15 3.20 13.10 -5.61
N ASP A 16 3.42 11.87 -6.08
CA ASP A 16 2.41 10.83 -5.99
C ASP A 16 2.74 9.85 -4.86
N ALA A 17 1.70 9.24 -4.31
CA ALA A 17 1.88 8.28 -3.22
C ALA A 17 1.83 6.84 -3.73
N VAL A 18 2.91 6.11 -3.52
CA VAL A 18 2.99 4.73 -3.97
C VAL A 18 2.98 3.77 -2.78
N LYS A 19 3.11 4.31 -1.58
CA LYS A 19 3.11 3.51 -0.37
C LYS A 19 1.96 3.90 0.55
N THR A 20 1.58 2.99 1.44
CA THR A 20 0.49 3.24 2.38
C THR A 20 0.76 2.58 3.72
N CYS A 21 0.62 3.36 4.79
CA CYS A 21 0.85 2.83 6.12
C CYS A 21 -0.51 2.56 6.78
N VAL A 22 -0.62 1.39 7.37
CA VAL A 22 -1.85 0.98 8.04
C VAL A 22 -2.03 1.72 9.36
N THR A 23 -1.00 1.69 10.20
CA THR A 23 -1.03 2.35 11.49
C THR A 23 -1.33 3.84 11.34
N CYS A 24 -1.06 4.38 10.15
CA CYS A 24 -1.30 5.78 9.89
C CYS A 24 -2.70 5.92 9.28
N GLU A 25 -3.13 4.86 8.62
CA GLU A 25 -4.45 4.84 7.98
C GLU A 25 -4.51 5.85 6.85
N VAL A 26 -3.38 6.09 6.20
CA VAL A 26 -3.31 7.05 5.10
C VAL A 26 -2.23 6.64 4.10
N SER A 27 -2.45 7.00 2.83
CA SER A 27 -1.51 6.68 1.77
C SER A 27 -0.64 7.89 1.43
N TYR A 28 0.67 7.75 1.66
CA TYR A 28 1.60 8.83 1.38
C TYR A 28 2.69 8.38 0.41
N CYS A 29 3.60 9.28 0.08
CA CYS A 29 4.68 8.96 -0.82
C CYS A 29 5.93 8.66 0.00
N ASP A 30 6.99 8.23 -0.69
CA ASP A 30 8.25 7.91 -0.05
C ASP A 30 8.81 9.12 0.70
N GLU A 31 8.75 10.28 0.05
CA GLU A 31 9.25 11.51 0.65
C GLU A 31 8.64 11.73 2.04
N CYS A 32 7.35 11.97 2.07
CA CYS A 32 6.66 12.19 3.34
C CYS A 32 6.95 11.00 4.26
N LEU A 33 6.83 9.80 3.68
CA LEU A 33 7.08 8.58 4.43
C LEU A 33 8.43 8.62 5.14
N LYS A 34 9.35 9.41 4.59
CA LYS A 34 10.68 9.54 5.17
C LYS A 34 10.63 10.43 6.41
N ALA A 35 9.83 11.49 6.35
CA ALA A 35 9.70 12.42 7.46
C ALA A 35 8.83 11.83 8.57
N THR A 36 7.83 11.04 8.17
CA THR A 36 6.92 10.41 9.11
C THR A 36 7.55 9.17 9.74
N HIS A 37 8.11 8.31 8.89
CA HIS A 37 8.73 7.07 9.35
C HIS A 37 10.25 7.23 9.41
N PRO A 38 10.79 7.36 10.63
CA PRO A 38 12.23 7.52 10.85
C PRO A 38 13.01 6.24 10.53
N ASN A 39 14.29 6.23 10.88
CA ASN A 39 15.14 5.08 10.63
C ASN A 39 15.18 4.17 11.86
N LYS A 40 14.25 3.23 11.94
CA LYS A 40 14.18 2.30 13.05
C LYS A 40 13.83 0.89 12.57
N LYS A 41 13.86 0.70 11.25
CA LYS A 41 13.55 -0.59 10.67
C LYS A 41 14.64 -1.62 11.01
N PRO A 42 14.31 -2.91 10.82
CA PRO A 42 13.00 -3.33 10.32
C PRO A 42 11.89 -3.10 11.33
N PHE A 43 12.27 -2.81 12.57
CA PHE A 43 11.30 -2.56 13.64
C PHE A 43 11.00 -1.07 13.76
N THR A 44 10.66 -0.45 12.64
CA THR A 44 10.34 0.98 12.62
C THR A 44 9.19 1.30 13.56
N GLY A 45 8.43 0.26 13.94
CA GLY A 45 7.31 0.46 14.84
C GLY A 45 6.04 0.82 14.10
N HIS A 46 6.09 0.77 12.78
CA HIS A 46 4.92 1.10 11.95
C HIS A 46 4.54 -0.09 11.07
N ARG A 47 3.24 -0.32 10.95
CA ARG A 47 2.75 -1.43 10.13
C ARG A 47 2.25 -0.92 8.77
N LEU A 48 2.65 -1.61 7.71
CA LEU A 48 2.25 -1.22 6.36
C LEU A 48 1.94 -2.46 5.51
N ILE A 49 1.78 -2.24 4.22
CA ILE A 49 1.49 -3.34 3.29
C ILE A 49 2.75 -4.12 2.95
N GLU A 50 2.58 -5.36 2.52
CA GLU A 50 3.70 -6.21 2.16
C GLU A 50 4.59 -5.52 1.13
N PRO A 51 5.85 -5.99 1.02
CA PRO A 51 6.82 -5.44 0.07
C PRO A 51 6.47 -5.76 -1.37
N ILE A 52 6.27 -4.72 -2.18
CA ILE A 52 5.94 -4.89 -3.58
C ILE A 52 6.92 -5.84 -4.27
N PRO A 53 6.47 -6.47 -5.37
CA PRO A 53 7.29 -7.40 -6.14
C PRO A 53 8.42 -6.70 -6.89
N ASP A 54 9.58 -7.34 -6.93
CA ASP A 54 10.74 -6.78 -7.61
C ASP A 54 11.17 -7.67 -8.78
N SER A 55 12.02 -7.13 -9.65
CA SER A 55 12.50 -7.88 -10.81
C SER A 55 11.34 -8.22 -11.75
N HIS A 56 11.64 -9.03 -12.76
CA HIS A 56 10.62 -9.44 -13.72
C HIS A 56 9.40 -10.04 -13.02
N ILE A 57 9.65 -11.02 -12.17
CA ILE A 57 8.57 -11.68 -11.42
C ILE A 57 9.10 -12.32 -10.15
N ARG A 58 8.35 -12.19 -9.07
CA ARG A 58 8.74 -12.76 -7.78
C ARG A 58 7.52 -13.33 -7.06
N GLY A 59 6.53 -12.47 -6.81
CA GLY A 59 5.34 -12.92 -6.12
C GLY A 59 5.54 -13.05 -4.62
N LEU A 60 4.66 -12.43 -3.85
CA LEU A 60 4.75 -12.48 -2.40
C LEU A 60 3.39 -12.77 -1.77
N MET A 61 3.38 -13.04 -0.47
CA MET A 61 2.14 -13.33 0.24
C MET A 61 1.79 -12.21 1.20
N CYS A 62 0.58 -12.25 1.75
CA CYS A 62 0.14 -11.23 2.68
C CYS A 62 0.82 -11.46 4.02
N LEU A 63 0.50 -10.60 4.98
CA LEU A 63 1.07 -10.69 6.32
C LEU A 63 0.72 -12.03 6.97
N GLU A 64 -0.57 -12.27 7.15
CA GLU A 64 -1.04 -13.51 7.75
C GLU A 64 -2.18 -14.12 6.94
N HIS A 65 -1.97 -14.24 5.64
CA HIS A 65 -2.99 -14.80 4.76
C HIS A 65 -2.35 -15.76 3.74
N GLU A 66 -2.07 -16.98 4.18
CA GLU A 66 -1.46 -17.98 3.32
C GLU A 66 -2.50 -18.62 2.40
N ASP A 67 -3.73 -18.72 2.90
CA ASP A 67 -4.81 -19.31 2.13
C ASP A 67 -5.22 -18.40 0.97
N GLU A 68 -4.88 -17.11 1.09
CA GLU A 68 -5.22 -16.14 0.06
C GLU A 68 -4.00 -15.27 -0.29
N LYS A 69 -3.53 -15.39 -1.52
CA LYS A 69 -2.38 -14.61 -1.98
C LYS A 69 -2.81 -13.24 -2.48
N VAL A 70 -1.84 -12.39 -2.78
CA VAL A 70 -2.11 -11.05 -3.27
C VAL A 70 -2.45 -11.06 -4.76
N ASN A 71 -3.70 -10.74 -5.08
CA ASN A 71 -4.15 -10.72 -6.46
C ASN A 71 -5.05 -9.52 -6.73
N MET A 72 -4.95 -8.50 -5.87
CA MET A 72 -5.74 -7.29 -6.00
C MET A 72 -4.86 -6.04 -5.91
N TYR A 73 -5.46 -4.88 -6.14
CA TYR A 73 -4.73 -3.63 -6.07
C TYR A 73 -5.62 -2.51 -5.52
N CYS A 74 -5.05 -1.69 -4.65
CA CYS A 74 -5.78 -0.60 -4.05
C CYS A 74 -5.33 0.70 -4.72
N VAL A 75 -6.32 1.49 -5.15
CA VAL A 75 -6.04 2.77 -5.79
C VAL A 75 -5.73 3.85 -4.77
N THR A 76 -6.62 4.00 -3.79
CA THR A 76 -6.44 5.00 -2.74
C THR A 76 -5.11 4.81 -2.03
N ASP A 77 -4.59 3.60 -2.07
CA ASP A 77 -3.32 3.28 -1.42
C ASP A 77 -2.19 3.20 -2.45
N ASP A 78 -2.55 2.92 -3.70
CA ASP A 78 -1.58 2.81 -4.78
C ASP A 78 -0.63 1.64 -4.53
N GLN A 79 -1.13 0.62 -3.84
CA GLN A 79 -0.32 -0.55 -3.53
C GLN A 79 -1.06 -1.84 -3.88
N LEU A 80 -0.41 -2.97 -3.71
CA LEU A 80 -1.00 -4.26 -4.02
C LEU A 80 -1.50 -4.95 -2.75
N ILE A 81 -2.70 -5.51 -2.80
CA ILE A 81 -3.29 -6.19 -1.66
C ILE A 81 -3.96 -7.49 -2.09
N CYS A 82 -4.50 -8.21 -1.11
CA CYS A 82 -5.17 -9.47 -1.40
C CYS A 82 -6.67 -9.27 -1.20
N ALA A 83 -7.45 -10.01 -1.99
CA ALA A 83 -8.91 -9.93 -1.92
C ALA A 83 -9.40 -10.20 -0.50
N LEU A 84 -8.65 -11.02 0.23
CA LEU A 84 -9.02 -11.37 1.60
C LEU A 84 -8.96 -10.14 2.51
N CYS A 85 -8.20 -9.14 2.08
CA CYS A 85 -8.06 -7.93 2.86
C CYS A 85 -9.29 -7.05 2.59
N LYS A 86 -9.70 -7.03 1.32
CA LYS A 86 -10.85 -6.25 0.91
C LYS A 86 -12.15 -6.86 1.42
N LEU A 87 -12.11 -8.17 1.67
CA LEU A 87 -13.29 -8.88 2.17
C LEU A 87 -13.50 -8.62 3.66
N VAL A 88 -12.44 -8.84 4.44
CA VAL A 88 -12.51 -8.62 5.88
C VAL A 88 -13.02 -7.23 6.21
N GLY A 89 -12.61 -6.25 5.41
CA GLY A 89 -13.04 -4.88 5.64
C GLY A 89 -11.90 -3.88 5.56
N ARG A 90 -10.67 -4.39 5.63
CA ARG A 90 -9.49 -3.55 5.58
C ARG A 90 -9.54 -2.62 4.37
N HIS A 91 -10.15 -3.10 3.28
CA HIS A 91 -10.26 -2.32 2.06
C HIS A 91 -11.67 -2.41 1.49
N ARG A 92 -12.66 -2.45 2.38
CA ARG A 92 -14.05 -2.54 1.96
C ARG A 92 -14.52 -1.23 1.35
N ASP A 93 -14.31 -0.13 2.08
CA ASP A 93 -14.70 1.19 1.61
C ASP A 93 -13.75 1.70 0.54
N HIS A 94 -12.68 0.95 0.31
CA HIS A 94 -11.68 1.32 -0.69
C HIS A 94 -12.16 0.99 -2.09
N GLN A 95 -11.42 1.45 -3.10
CA GLN A 95 -11.79 1.20 -4.49
C GLN A 95 -10.69 0.41 -5.20
N VAL A 96 -10.93 -0.89 -5.39
CA VAL A 96 -9.96 -1.76 -6.05
C VAL A 96 -10.54 -2.30 -7.36
N ALA A 97 -9.73 -3.09 -8.07
CA ALA A 97 -10.15 -3.67 -9.33
C ALA A 97 -10.07 -5.19 -9.29
N ALA A 98 -10.79 -5.85 -10.20
CA ALA A 98 -10.80 -7.30 -10.26
C ALA A 98 -10.14 -7.79 -11.54
N LEU A 99 -9.35 -8.86 -11.42
CA LEU A 99 -8.66 -9.43 -12.57
C LEU A 99 -9.43 -10.63 -13.12
N SER A 100 -9.67 -11.63 -12.27
CA SER A 100 -10.38 -12.82 -12.67
C SER A 100 -11.89 -12.59 -12.65
N GLU A 101 -12.65 -13.66 -12.83
CA GLU A 101 -14.10 -13.57 -12.83
C GLU A 101 -14.72 -14.63 -11.90
N ALA A 1 -6.94 10.35 -13.90
CA ALA A 1 -7.79 10.23 -12.72
C ALA A 1 -8.00 8.78 -12.32
N GLU A 2 -7.03 8.22 -11.61
CA GLU A 2 -7.11 6.83 -11.17
C GLU A 2 -6.33 6.63 -9.86
N LYS A 3 -5.07 7.01 -9.87
CA LYS A 3 -4.23 6.87 -8.69
C LYS A 3 -4.24 8.14 -7.85
N VAL A 4 -4.46 7.99 -6.55
CA VAL A 4 -4.50 9.13 -5.64
C VAL A 4 -3.12 9.76 -5.49
N LEU A 5 -3.08 11.09 -5.50
CA LEU A 5 -1.83 11.82 -5.37
C LEU A 5 -1.48 12.04 -3.90
N CYS A 6 -0.19 11.98 -3.59
CA CYS A 6 0.25 12.18 -2.23
C CYS A 6 -0.30 13.52 -1.72
N GLN A 7 -1.29 13.42 -0.85
CA GLN A 7 -1.94 14.61 -0.27
C GLN A 7 -0.94 15.39 0.59
N PHE A 8 0.06 14.71 1.09
CA PHE A 8 1.07 15.34 1.93
C PHE A 8 2.35 15.63 1.14
N CYS A 9 2.17 16.05 -0.11
CA CYS A 9 3.31 16.36 -0.96
C CYS A 9 3.28 17.86 -1.27
N ASP A 10 4.47 18.46 -1.24
CA ASP A 10 4.61 19.88 -1.52
C ASP A 10 5.71 20.12 -2.53
N GLN A 11 5.70 19.35 -3.62
CA GLN A 11 6.70 19.48 -4.66
C GLN A 11 6.27 20.50 -5.71
N ASP A 12 5.02 20.39 -6.16
CA ASP A 12 4.48 21.30 -7.15
C ASP A 12 5.24 21.18 -8.48
N PRO A 13 4.82 20.22 -9.32
CA PRO A 13 3.70 19.32 -9.00
C PRO A 13 4.03 18.34 -7.89
N ALA A 14 3.00 17.84 -7.22
CA ALA A 14 3.18 16.89 -6.13
C ALA A 14 3.41 15.48 -6.66
N GLN A 15 3.74 14.56 -5.77
CA GLN A 15 3.99 13.17 -6.14
C GLN A 15 2.74 12.32 -5.94
N ASP A 16 2.86 11.04 -6.25
CA ASP A 16 1.74 10.11 -6.11
C ASP A 16 2.03 9.08 -5.03
N ALA A 17 1.02 8.74 -4.24
CA ALA A 17 1.17 7.77 -3.17
C ALA A 17 1.27 6.35 -3.73
N VAL A 18 2.36 5.67 -3.43
CA VAL A 18 2.57 4.31 -3.90
C VAL A 18 2.50 3.31 -2.75
N LYS A 19 2.70 3.80 -1.54
CA LYS A 19 2.64 2.95 -0.35
C LYS A 19 1.62 3.46 0.64
N THR A 20 1.30 2.65 1.64
CA THR A 20 0.33 3.03 2.66
C THR A 20 0.58 2.27 3.97
N CYS A 21 0.64 3.01 5.07
CA CYS A 21 0.86 2.40 6.37
C CYS A 21 -0.50 2.16 7.03
N VAL A 22 -0.71 0.91 7.42
CA VAL A 22 -1.96 0.52 8.08
C VAL A 22 -2.01 1.03 9.51
N THR A 23 -0.85 1.02 10.18
CA THR A 23 -0.77 1.49 11.56
C THR A 23 -0.97 3.00 11.64
N CYS A 24 -0.75 3.68 10.53
CA CYS A 24 -0.92 5.13 10.49
C CYS A 24 -2.32 5.44 9.96
N GLU A 25 -2.85 4.50 9.19
CA GLU A 25 -4.17 4.65 8.60
C GLU A 25 -4.20 5.79 7.58
N VAL A 26 -3.09 5.95 6.86
CA VAL A 26 -2.98 6.99 5.85
C VAL A 26 -2.17 6.52 4.65
N SER A 27 -2.42 7.14 3.50
CA SER A 27 -1.72 6.77 2.27
C SER A 27 -0.79 7.89 1.82
N TYR A 28 0.50 7.57 1.69
CA TYR A 28 1.49 8.56 1.28
C TYR A 28 2.42 7.98 0.23
N CYS A 29 3.37 8.78 -0.22
CA CYS A 29 4.33 8.33 -1.23
C CYS A 29 5.62 7.91 -0.51
N ASP A 30 6.51 7.29 -1.28
CA ASP A 30 7.79 6.84 -0.75
C ASP A 30 8.59 8.01 -0.18
N GLU A 31 8.57 9.14 -0.89
CA GLU A 31 9.30 10.33 -0.46
C GLU A 31 8.96 10.68 0.99
N CYS A 32 7.71 11.06 1.21
CA CYS A 32 7.27 11.41 2.55
C CYS A 32 7.50 10.21 3.48
N LEU A 33 7.16 9.03 2.96
CA LEU A 33 7.32 7.80 3.71
C LEU A 33 8.74 7.67 4.27
N LYS A 34 9.69 8.32 3.59
CA LYS A 34 11.08 8.29 4.02
C LYS A 34 11.31 9.23 5.20
N ALA A 35 10.73 10.43 5.12
CA ALA A 35 10.86 11.41 6.18
C ALA A 35 10.10 10.98 7.43
N THR A 36 8.93 10.38 7.22
CA THR A 36 8.10 9.93 8.33
C THR A 36 8.60 8.60 8.89
N HIS A 37 8.84 7.64 8.00
CA HIS A 37 9.32 6.32 8.42
C HIS A 37 10.78 6.13 7.99
N PRO A 38 11.70 6.57 8.86
CA PRO A 38 13.14 6.45 8.60
C PRO A 38 13.63 5.01 8.66
N ASN A 39 14.94 4.82 8.63
CA ASN A 39 15.53 3.49 8.67
C ASN A 39 16.61 3.41 9.74
N LYS A 40 16.47 2.46 10.66
CA LYS A 40 17.44 2.28 11.73
C LYS A 40 17.05 1.11 12.63
N LYS A 41 15.74 0.92 12.81
CA LYS A 41 15.24 -0.17 13.64
C LYS A 41 15.64 0.03 15.10
N PRO A 42 14.64 0.22 15.97
CA PRO A 42 13.23 0.27 15.57
C PRO A 42 12.90 1.51 14.74
N PHE A 43 11.60 1.78 14.58
CA PHE A 43 11.16 2.93 13.82
C PHE A 43 11.42 2.73 12.33
N THR A 44 11.39 1.48 11.89
CA THR A 44 11.63 1.17 10.49
C THR A 44 10.92 -0.13 10.09
N GLY A 45 9.90 -0.51 10.87
CA GLY A 45 9.16 -1.72 10.58
C GLY A 45 7.66 -1.49 10.61
N HIS A 46 7.25 -0.24 10.42
CA HIS A 46 5.83 0.12 10.41
C HIS A 46 5.06 -0.79 9.47
N ARG A 47 3.95 -1.34 9.95
CA ARG A 47 3.11 -2.22 9.15
C ARG A 47 2.71 -1.54 7.85
N LEU A 48 2.96 -2.21 6.72
CA LEU A 48 2.62 -1.67 5.42
C LEU A 48 2.14 -2.77 4.48
N ILE A 49 0.92 -2.63 3.98
CA ILE A 49 0.34 -3.62 3.06
C ILE A 49 1.29 -3.92 1.91
N GLU A 50 1.62 -5.19 1.73
CA GLU A 50 2.51 -5.60 0.66
C GLU A 50 3.84 -4.86 0.73
N PRO A 51 4.64 -5.19 1.75
CA PRO A 51 5.95 -4.55 1.96
C PRO A 51 6.97 -4.94 0.89
N ILE A 52 8.22 -4.56 1.09
CA ILE A 52 9.29 -4.87 0.15
C ILE A 52 9.31 -6.36 -0.16
N PRO A 53 9.87 -6.71 -1.33
CA PRO A 53 9.97 -8.10 -1.78
C PRO A 53 10.98 -8.90 -0.96
N ASP A 54 11.20 -10.15 -1.35
CA ASP A 54 12.15 -11.02 -0.65
C ASP A 54 13.25 -11.48 -1.59
N SER A 55 12.86 -12.02 -2.74
CA SER A 55 13.83 -12.51 -3.72
C SER A 55 14.33 -11.37 -4.60
N HIS A 56 13.46 -10.87 -5.47
CA HIS A 56 13.83 -9.78 -6.37
C HIS A 56 12.60 -9.22 -7.07
N ILE A 57 12.04 -10.01 -7.98
CA ILE A 57 10.86 -9.60 -8.73
C ILE A 57 10.03 -10.80 -9.15
N ARG A 58 9.41 -11.46 -8.17
CA ARG A 58 8.58 -12.63 -8.45
C ARG A 58 7.25 -12.52 -7.73
N GLY A 59 6.61 -11.37 -7.85
CA GLY A 59 5.32 -11.16 -7.20
C GLY A 59 5.45 -10.88 -5.71
N LEU A 60 4.39 -10.37 -5.12
CA LEU A 60 4.39 -10.05 -3.69
C LEU A 60 3.21 -10.71 -2.98
N MET A 61 3.39 -10.99 -1.70
CA MET A 61 2.33 -11.62 -0.91
C MET A 61 1.72 -10.62 0.09
N CYS A 62 0.62 -11.02 0.71
CA CYS A 62 -0.04 -10.15 1.67
C CYS A 62 0.74 -10.22 2.98
N LEU A 63 0.25 -9.46 3.97
CA LEU A 63 0.87 -9.42 5.28
C LEU A 63 0.91 -10.80 5.92
N GLU A 64 -0.27 -11.38 6.14
CA GLU A 64 -0.37 -12.70 6.74
C GLU A 64 -1.34 -13.58 5.95
N HIS A 65 -1.14 -13.64 4.63
CA HIS A 65 -1.99 -14.44 3.76
C HIS A 65 -1.16 -15.15 2.70
N GLU A 66 -0.52 -16.26 3.08
CA GLU A 66 0.30 -17.03 2.16
C GLU A 66 -0.56 -17.91 1.26
N ASP A 67 -1.67 -18.40 1.80
CA ASP A 67 -2.58 -19.25 1.05
C ASP A 67 -3.30 -18.45 -0.04
N GLU A 68 -3.36 -17.13 0.14
CA GLU A 68 -4.02 -16.26 -0.82
C GLU A 68 -3.11 -15.09 -1.21
N LYS A 69 -2.72 -15.04 -2.47
CA LYS A 69 -1.86 -13.98 -2.96
C LYS A 69 -2.67 -12.73 -3.31
N VAL A 70 -1.97 -11.64 -3.59
CA VAL A 70 -2.63 -10.38 -3.94
C VAL A 70 -3.07 -10.38 -5.40
N ASN A 71 -4.37 -10.20 -5.62
CA ASN A 71 -4.92 -10.18 -6.96
C ASN A 71 -5.90 -9.02 -7.14
N MET A 72 -5.76 -8.00 -6.29
CA MET A 72 -6.62 -6.83 -6.35
C MET A 72 -5.82 -5.55 -6.12
N TYR A 73 -6.48 -4.41 -6.28
CA TYR A 73 -5.83 -3.13 -6.09
C TYR A 73 -6.76 -2.15 -5.38
N CYS A 74 -6.21 -1.44 -4.38
CA CYS A 74 -7.00 -0.49 -3.63
C CYS A 74 -6.61 0.92 -4.09
N VAL A 75 -7.63 1.75 -4.30
CA VAL A 75 -7.42 3.13 -4.74
C VAL A 75 -7.15 4.04 -3.54
N THR A 76 -7.93 3.89 -2.48
CA THR A 76 -7.77 4.70 -1.28
C THR A 76 -6.36 4.61 -0.74
N ASP A 77 -5.68 3.50 -1.03
CA ASP A 77 -4.32 3.29 -0.58
C ASP A 77 -3.34 3.31 -1.74
N ASP A 78 -3.86 3.11 -2.95
CA ASP A 78 -3.04 3.11 -4.16
C ASP A 78 -2.03 1.97 -4.12
N GLN A 79 -2.41 0.87 -3.48
CA GLN A 79 -1.53 -0.29 -3.37
C GLN A 79 -2.26 -1.56 -3.78
N LEU A 80 -1.54 -2.69 -3.79
CA LEU A 80 -2.12 -3.97 -4.16
C LEU A 80 -2.65 -4.71 -2.93
N ILE A 81 -3.70 -5.49 -3.14
CA ILE A 81 -4.30 -6.26 -2.04
C ILE A 81 -4.82 -7.60 -2.54
N CYS A 82 -5.34 -8.40 -1.63
CA CYS A 82 -5.86 -9.70 -1.98
C CYS A 82 -7.38 -9.68 -1.77
N ALA A 83 -8.07 -10.49 -2.57
CA ALA A 83 -9.53 -10.58 -2.49
C ALA A 83 -9.98 -10.96 -1.08
N LEU A 84 -9.13 -11.68 -0.37
CA LEU A 84 -9.44 -12.12 0.98
C LEU A 84 -9.44 -10.93 1.94
N CYS A 85 -8.78 -9.85 1.55
CA CYS A 85 -8.73 -8.65 2.37
C CYS A 85 -10.03 -7.87 2.18
N LYS A 86 -10.50 -7.86 0.94
CA LYS A 86 -11.73 -7.16 0.59
C LYS A 86 -12.95 -7.92 1.11
N LEU A 87 -12.80 -9.23 1.28
CA LEU A 87 -13.88 -10.06 1.77
C LEU A 87 -14.07 -9.89 3.28
N VAL A 88 -12.98 -10.05 4.02
CA VAL A 88 -13.02 -9.91 5.48
C VAL A 88 -13.65 -8.57 5.87
N GLY A 89 -13.32 -7.52 5.14
CA GLY A 89 -13.85 -6.20 5.42
C GLY A 89 -12.78 -5.14 5.49
N ARG A 90 -11.53 -5.58 5.63
CA ARG A 90 -10.40 -4.66 5.70
C ARG A 90 -10.43 -3.66 4.56
N HIS A 91 -10.93 -4.10 3.41
CA HIS A 91 -11.02 -3.25 2.22
C HIS A 91 -12.38 -3.37 1.56
N ARG A 92 -13.43 -3.42 2.37
CA ARG A 92 -14.79 -3.55 1.87
C ARG A 92 -15.32 -2.19 1.40
N ASP A 93 -15.13 -1.16 2.23
CA ASP A 93 -15.58 0.17 1.90
C ASP A 93 -14.64 0.84 0.91
N HIS A 94 -13.48 0.22 0.68
CA HIS A 94 -12.50 0.76 -0.25
C HIS A 94 -12.90 0.47 -1.69
N GLN A 95 -12.62 1.42 -2.58
CA GLN A 95 -12.97 1.26 -3.99
C GLN A 95 -11.83 0.59 -4.75
N VAL A 96 -12.03 -0.68 -5.11
CA VAL A 96 -11.03 -1.44 -5.84
C VAL A 96 -11.50 -1.74 -7.26
N ALA A 97 -10.61 -2.32 -8.05
CA ALA A 97 -10.93 -2.66 -9.44
C ALA A 97 -10.76 -4.15 -9.69
N ALA A 98 -11.81 -4.78 -10.23
CA ALA A 98 -11.79 -6.21 -10.52
C ALA A 98 -11.42 -6.46 -11.97
N LEU A 99 -10.57 -7.46 -12.21
CA LEU A 99 -10.15 -7.81 -13.56
C LEU A 99 -11.05 -8.90 -14.14
N SER A 100 -11.73 -8.57 -15.24
CA SER A 100 -12.62 -9.51 -15.90
C SER A 100 -12.86 -9.11 -17.34
N GLU A 101 -12.84 -10.09 -18.24
CA GLU A 101 -13.06 -9.85 -19.66
C GLU A 101 -14.55 -9.65 -19.96
N ALA A 1 -8.86 8.84 -12.28
CA ALA A 1 -7.56 8.89 -11.61
C ALA A 1 -7.16 7.50 -11.10
N GLU A 2 -6.27 6.84 -11.83
CA GLU A 2 -5.80 5.52 -11.45
C GLU A 2 -4.90 5.59 -10.21
N LYS A 3 -3.90 6.46 -10.25
CA LYS A 3 -2.98 6.63 -9.14
C LYS A 3 -3.36 7.84 -8.30
N VAL A 4 -3.36 7.66 -6.99
CA VAL A 4 -3.70 8.74 -6.06
C VAL A 4 -2.47 9.57 -5.70
N LEU A 5 -2.64 10.89 -5.68
CA LEU A 5 -1.54 11.79 -5.36
C LEU A 5 -1.39 11.95 -3.85
N CYS A 6 -0.17 12.11 -3.39
CA CYS A 6 0.09 12.28 -1.97
C CYS A 6 -0.71 13.49 -1.47
N GLN A 7 -1.81 13.18 -0.79
CA GLN A 7 -2.68 14.22 -0.25
C GLN A 7 -1.95 15.04 0.81
N PHE A 8 -0.91 14.45 1.41
CA PHE A 8 -0.14 15.13 2.44
C PHE A 8 1.18 15.65 1.87
N CYS A 9 1.13 16.17 0.65
CA CYS A 9 2.32 16.69 0.02
C CYS A 9 2.15 18.20 -0.17
N ASP A 10 3.23 18.93 0.10
CA ASP A 10 3.22 20.38 -0.04
C ASP A 10 4.42 20.87 -0.85
N GLN A 11 4.65 20.21 -1.99
CA GLN A 11 5.76 20.57 -2.87
C GLN A 11 5.33 21.61 -3.89
N ASP A 12 4.19 21.36 -4.54
CA ASP A 12 3.67 22.28 -5.55
C ASP A 12 4.63 22.39 -6.73
N PRO A 13 4.48 21.46 -7.69
CA PRO A 13 3.46 20.41 -7.63
C PRO A 13 3.76 19.37 -6.56
N ALA A 14 2.73 18.65 -6.13
CA ALA A 14 2.89 17.63 -5.10
C ALA A 14 3.38 16.32 -5.72
N GLN A 15 3.63 15.33 -4.85
CA GLN A 15 4.09 14.03 -5.30
C GLN A 15 2.97 13.01 -5.28
N ASP A 16 3.28 11.78 -5.68
CA ASP A 16 2.30 10.70 -5.70
C ASP A 16 2.60 9.66 -4.64
N ALA A 17 1.56 9.17 -3.98
CA ALA A 17 1.71 8.17 -2.93
C ALA A 17 1.89 6.78 -3.54
N VAL A 18 3.03 6.16 -3.24
CA VAL A 18 3.33 4.82 -3.75
C VAL A 18 3.31 3.78 -2.64
N LYS A 19 3.24 4.26 -1.40
CA LYS A 19 3.23 3.38 -0.23
C LYS A 19 2.12 3.78 0.74
N THR A 20 1.85 2.93 1.72
CA THR A 20 0.83 3.19 2.71
C THR A 20 1.11 2.44 4.01
N CYS A 21 1.06 3.17 5.12
CA CYS A 21 1.32 2.55 6.41
C CYS A 21 -0.03 2.24 7.06
N VAL A 22 -0.15 0.99 7.53
CA VAL A 22 -1.36 0.53 8.18
C VAL A 22 -1.53 1.15 9.56
N THR A 23 -0.47 1.05 10.37
CA THR A 23 -0.48 1.60 11.72
C THR A 23 -0.81 3.09 11.70
N CYS A 24 -0.56 3.74 10.57
CA CYS A 24 -0.81 5.15 10.44
C CYS A 24 -2.24 5.34 9.93
N GLU A 25 -2.71 4.33 9.19
CA GLU A 25 -4.05 4.36 8.63
C GLU A 25 -4.18 5.44 7.57
N VAL A 26 -3.08 5.70 6.87
CA VAL A 26 -3.06 6.72 5.82
C VAL A 26 -2.05 6.38 4.74
N SER A 27 -2.31 6.85 3.52
CA SER A 27 -1.43 6.59 2.39
C SER A 27 -0.57 7.82 2.09
N TYR A 28 0.74 7.61 2.06
CA TYR A 28 1.68 8.69 1.78
C TYR A 28 2.70 8.28 0.72
N CYS A 29 3.54 9.22 0.32
CA CYS A 29 4.56 8.94 -0.68
C CYS A 29 5.87 8.63 0.05
N ASP A 30 6.88 8.27 -0.75
CA ASP A 30 8.19 7.94 -0.21
C ASP A 30 8.76 9.11 0.60
N GLU A 31 8.67 10.31 0.02
CA GLU A 31 9.19 11.50 0.68
C GLU A 31 8.62 11.63 2.09
N CYS A 32 7.33 11.85 2.19
CA CYS A 32 6.68 11.98 3.48
C CYS A 32 7.05 10.77 4.33
N LEU A 33 6.89 9.59 3.73
CA LEU A 33 7.20 8.34 4.41
C LEU A 33 8.57 8.41 5.08
N LYS A 34 9.48 9.17 4.49
CA LYS A 34 10.83 9.33 5.02
C LYS A 34 10.80 10.12 6.32
N ALA A 35 10.06 11.22 6.33
CA ALA A 35 9.94 12.06 7.51
C ALA A 35 9.14 11.38 8.61
N THR A 36 7.98 10.84 8.23
CA THR A 36 7.12 10.16 9.17
C THR A 36 7.80 8.93 9.78
N HIS A 37 8.47 8.16 8.93
CA HIS A 37 9.17 6.96 9.37
C HIS A 37 10.69 7.17 9.32
N PRO A 38 11.25 7.70 10.43
CA PRO A 38 12.68 7.95 10.53
C PRO A 38 13.51 6.67 10.61
N ASN A 39 14.77 6.76 10.24
CA ASN A 39 15.67 5.61 10.26
C ASN A 39 15.63 4.91 11.62
N LYS A 40 14.93 3.78 11.67
CA LYS A 40 14.81 3.01 12.90
C LYS A 40 14.90 1.52 12.63
N LYS A 41 15.38 1.17 11.45
CA LYS A 41 15.52 -0.24 11.06
C LYS A 41 16.74 -0.87 11.74
N PRO A 42 16.77 -2.21 11.77
CA PRO A 42 15.72 -3.03 11.17
C PRO A 42 14.41 -2.96 11.96
N PHE A 43 13.29 -2.91 11.25
CA PHE A 43 11.98 -2.84 11.87
C PHE A 43 11.83 -1.54 12.67
N THR A 44 11.53 -0.45 11.96
CA THR A 44 11.36 0.84 12.59
C THR A 44 10.24 0.81 13.63
N GLY A 45 9.38 -0.19 13.52
CA GLY A 45 8.28 -0.32 14.46
C GLY A 45 6.94 0.01 13.83
N HIS A 46 6.94 0.18 12.51
CA HIS A 46 5.72 0.49 11.77
C HIS A 46 5.41 -0.58 10.73
N ARG A 47 4.16 -1.02 10.70
CA ARG A 47 3.75 -2.05 9.75
C ARG A 47 3.03 -1.43 8.56
N LEU A 48 3.12 -2.08 7.40
CA LEU A 48 2.48 -1.58 6.19
C LEU A 48 1.94 -2.74 5.36
N ILE A 49 1.49 -2.44 4.15
CA ILE A 49 0.95 -3.45 3.25
C ILE A 49 1.99 -3.92 2.25
N GLU A 50 1.86 -5.17 1.80
CA GLU A 50 2.80 -5.74 0.84
C GLU A 50 2.98 -4.81 -0.36
N PRO A 51 4.16 -4.18 -0.45
CA PRO A 51 4.49 -3.26 -1.54
C PRO A 51 4.65 -3.97 -2.87
N ILE A 52 5.13 -3.25 -3.87
CA ILE A 52 5.34 -3.82 -5.20
C ILE A 52 6.82 -3.81 -5.57
N PRO A 53 7.57 -4.77 -5.02
CA PRO A 53 9.01 -4.91 -5.27
C PRO A 53 9.30 -5.36 -6.70
N ASP A 54 8.53 -6.32 -7.18
CA ASP A 54 8.69 -6.84 -8.53
C ASP A 54 7.39 -7.42 -9.07
N SER A 55 6.91 -8.48 -8.42
CA SER A 55 5.66 -9.12 -8.82
C SER A 55 5.70 -9.47 -10.31
N HIS A 56 6.60 -10.37 -10.67
CA HIS A 56 6.74 -10.79 -12.06
C HIS A 56 7.22 -12.23 -12.15
N ILE A 57 6.89 -13.02 -11.13
CA ILE A 57 7.28 -14.42 -11.10
C ILE A 57 6.66 -15.14 -9.90
N ARG A 58 6.56 -14.42 -8.78
CA ARG A 58 5.99 -14.99 -7.56
C ARG A 58 5.40 -13.89 -6.68
N GLY A 59 6.12 -12.78 -6.56
CA GLY A 59 5.66 -11.68 -5.75
C GLY A 59 5.64 -12.01 -4.27
N LEU A 60 5.40 -11.01 -3.43
CA LEU A 60 5.35 -11.21 -2.00
C LEU A 60 3.93 -11.53 -1.54
N MET A 61 3.80 -11.94 -0.28
CA MET A 61 2.50 -12.28 0.28
C MET A 61 1.97 -11.14 1.17
N CYS A 62 0.71 -11.23 1.55
CA CYS A 62 0.10 -10.22 2.39
C CYS A 62 0.84 -10.19 3.73
N LEU A 63 0.39 -9.30 4.60
CA LEU A 63 1.00 -9.15 5.92
C LEU A 63 0.92 -10.46 6.71
N GLU A 64 -0.31 -10.92 6.96
CA GLU A 64 -0.51 -12.16 7.69
C GLU A 64 -1.53 -13.04 6.98
N HIS A 65 -1.32 -13.25 5.69
CA HIS A 65 -2.23 -14.08 4.89
C HIS A 65 -1.44 -14.97 3.94
N GLU A 66 -0.91 -16.07 4.46
CA GLU A 66 -0.14 -17.00 3.65
C GLU A 66 -1.05 -17.91 2.83
N ASP A 67 -2.27 -18.12 3.34
CA ASP A 67 -3.24 -18.97 2.67
C ASP A 67 -3.81 -18.27 1.43
N GLU A 68 -3.72 -16.94 1.42
CA GLU A 68 -4.22 -16.16 0.29
C GLU A 68 -3.21 -15.10 -0.12
N LYS A 69 -2.70 -15.22 -1.35
CA LYS A 69 -1.72 -14.27 -1.87
C LYS A 69 -2.40 -12.97 -2.28
N VAL A 70 -1.60 -12.00 -2.71
CA VAL A 70 -2.12 -10.71 -3.14
C VAL A 70 -2.36 -10.68 -4.64
N ASN A 71 -3.63 -10.49 -5.02
CA ASN A 71 -3.99 -10.44 -6.43
C ASN A 71 -4.91 -9.25 -6.71
N MET A 72 -4.84 -8.24 -5.85
CA MET A 72 -5.66 -7.04 -6.01
C MET A 72 -4.82 -5.78 -5.87
N TYR A 73 -5.42 -4.64 -6.17
CA TYR A 73 -4.72 -3.36 -6.08
C TYR A 73 -5.63 -2.28 -5.51
N CYS A 74 -5.11 -1.52 -4.55
CA CYS A 74 -5.88 -0.46 -3.93
C CYS A 74 -5.35 0.88 -4.45
N VAL A 75 -6.30 1.76 -4.77
CA VAL A 75 -5.96 3.09 -5.28
C VAL A 75 -5.67 4.05 -4.14
N THR A 76 -6.58 4.10 -3.16
CA THR A 76 -6.42 4.98 -2.02
C THR A 76 -5.05 4.80 -1.37
N ASP A 77 -4.52 3.59 -1.45
CA ASP A 77 -3.21 3.30 -0.87
C ASP A 77 -2.15 3.18 -1.95
N ASP A 78 -2.60 2.96 -3.19
CA ASP A 78 -1.68 2.82 -4.32
C ASP A 78 -0.76 1.63 -4.13
N GLN A 79 -1.25 0.60 -3.44
CA GLN A 79 -0.46 -0.60 -3.19
C GLN A 79 -1.24 -1.85 -3.57
N LEU A 80 -0.59 -3.00 -3.44
CA LEU A 80 -1.22 -4.27 -3.77
C LEU A 80 -1.87 -4.90 -2.52
N ILE A 81 -2.91 -5.69 -2.75
CA ILE A 81 -3.61 -6.36 -1.66
C ILE A 81 -4.18 -7.70 -2.10
N CYS A 82 -4.84 -8.39 -1.18
CA CYS A 82 -5.42 -9.68 -1.48
C CYS A 82 -6.94 -9.56 -1.39
N ALA A 83 -7.62 -10.41 -2.16
CA ALA A 83 -9.07 -10.42 -2.20
C ALA A 83 -9.65 -10.62 -0.79
N LEU A 84 -8.90 -11.30 0.06
CA LEU A 84 -9.34 -11.57 1.43
C LEU A 84 -9.32 -10.28 2.26
N CYS A 85 -8.55 -9.30 1.80
CA CYS A 85 -8.46 -8.04 2.51
C CYS A 85 -9.69 -7.20 2.16
N LYS A 86 -10.09 -7.29 0.90
CA LYS A 86 -11.25 -6.55 0.41
C LYS A 86 -12.54 -7.18 0.90
N LEU A 87 -12.49 -8.47 1.21
CA LEU A 87 -13.65 -9.19 1.70
C LEU A 87 -13.93 -8.87 3.16
N VAL A 88 -12.89 -8.98 4.00
CA VAL A 88 -13.02 -8.70 5.42
C VAL A 88 -13.58 -7.30 5.65
N GLY A 89 -13.12 -6.34 4.86
CA GLY A 89 -13.59 -4.97 4.99
C GLY A 89 -12.45 -3.97 5.01
N ARG A 90 -11.24 -4.46 5.22
CA ARG A 90 -10.06 -3.59 5.26
C ARG A 90 -10.00 -2.71 4.02
N HIS A 91 -10.53 -3.21 2.91
CA HIS A 91 -10.53 -2.47 1.66
C HIS A 91 -11.87 -2.62 0.94
N ARG A 92 -12.95 -2.65 1.71
CA ARG A 92 -14.29 -2.79 1.15
C ARG A 92 -14.72 -1.52 0.43
N ASP A 93 -14.65 -0.39 1.15
CA ASP A 93 -15.03 0.89 0.59
C ASP A 93 -13.91 1.47 -0.29
N HIS A 94 -12.80 0.75 -0.35
CA HIS A 94 -11.66 1.18 -1.14
C HIS A 94 -11.87 0.90 -2.62
N GLN A 95 -11.51 1.85 -3.47
CA GLN A 95 -11.68 1.71 -4.91
C GLN A 95 -10.54 0.88 -5.51
N VAL A 96 -10.81 -0.40 -5.73
CA VAL A 96 -9.81 -1.30 -6.30
C VAL A 96 -10.19 -1.72 -7.71
N ALA A 97 -9.33 -2.50 -8.35
CA ALA A 97 -9.58 -2.99 -9.70
C ALA A 97 -9.49 -4.51 -9.75
N ALA A 98 -10.54 -5.14 -10.26
CA ALA A 98 -10.58 -6.59 -10.39
C ALA A 98 -10.07 -7.05 -11.74
N LEU A 99 -8.78 -7.37 -11.80
CA LEU A 99 -8.16 -7.82 -13.05
C LEU A 99 -8.67 -9.21 -13.44
N SER A 100 -8.29 -9.66 -14.63
CA SER A 100 -8.72 -10.96 -15.13
C SER A 100 -7.51 -11.86 -15.37
N GLU A 101 -7.68 -13.15 -15.11
CA GLU A 101 -6.61 -14.13 -15.30
C GLU A 101 -7.02 -15.19 -16.31
N ALA A 1 -4.46 10.77 -14.63
CA ALA A 1 -5.38 10.71 -13.51
C ALA A 1 -5.62 9.27 -13.07
N GLU A 2 -4.55 8.48 -13.03
CA GLU A 2 -4.66 7.08 -12.63
C GLU A 2 -4.09 6.87 -11.23
N LYS A 3 -2.78 7.06 -11.10
CA LYS A 3 -2.12 6.89 -9.82
C LYS A 3 -2.45 8.04 -8.87
N VAL A 4 -2.76 7.70 -7.63
CA VAL A 4 -3.10 8.70 -6.63
C VAL A 4 -1.88 9.55 -6.26
N LEU A 5 -2.11 10.84 -6.09
CA LEU A 5 -1.03 11.77 -5.75
C LEU A 5 -0.97 11.99 -4.24
N CYS A 6 0.23 12.19 -3.73
CA CYS A 6 0.40 12.41 -2.30
C CYS A 6 -0.33 13.69 -1.92
N GLN A 7 -1.52 13.52 -1.37
CA GLN A 7 -2.34 14.64 -0.95
C GLN A 7 -1.70 15.39 0.20
N PHE A 8 -0.79 14.73 0.90
CA PHE A 8 -0.09 15.33 2.04
C PHE A 8 1.35 15.64 1.68
N CYS A 9 1.57 16.12 0.46
CA CYS A 9 2.91 16.46 0.01
C CYS A 9 3.06 17.98 0.06
N ASP A 10 4.27 18.40 0.42
CA ASP A 10 4.59 19.83 0.51
C ASP A 10 5.87 20.15 -0.24
N GLN A 11 6.00 19.62 -1.45
CA GLN A 11 7.18 19.86 -2.27
C GLN A 11 6.97 21.04 -3.22
N ASP A 12 5.85 21.01 -3.94
CA ASP A 12 5.53 22.08 -4.88
C ASP A 12 6.56 22.15 -5.99
N PRO A 13 6.32 21.37 -7.06
CA PRO A 13 5.15 20.49 -7.16
C PRO A 13 5.23 19.31 -6.19
N ALA A 14 4.08 18.72 -5.92
CA ALA A 14 4.01 17.58 -5.00
C ALA A 14 4.42 16.28 -5.70
N GLN A 15 4.39 15.19 -4.97
CA GLN A 15 4.77 13.89 -5.51
C GLN A 15 3.60 12.90 -5.42
N ASP A 16 3.83 11.68 -5.89
CA ASP A 16 2.80 10.65 -5.86
C ASP A 16 3.05 9.68 -4.70
N ALA A 17 1.97 9.08 -4.20
CA ALA A 17 2.07 8.12 -3.10
C ALA A 17 1.98 6.69 -3.61
N VAL A 18 3.03 5.92 -3.35
CA VAL A 18 3.07 4.53 -3.78
C VAL A 18 2.98 3.58 -2.59
N LYS A 19 3.07 4.14 -1.39
CA LYS A 19 3.00 3.34 -0.17
C LYS A 19 1.78 3.75 0.67
N THR A 20 1.42 2.90 1.63
CA THR A 20 0.28 3.17 2.50
C THR A 20 0.42 2.44 3.83
N CYS A 21 0.24 3.18 4.92
CA CYS A 21 0.35 2.59 6.25
C CYS A 21 -1.06 2.31 6.76
N VAL A 22 -1.28 1.06 7.16
CA VAL A 22 -2.57 0.64 7.68
C VAL A 22 -2.82 1.22 9.07
N THR A 23 -1.76 1.27 9.89
CA THR A 23 -1.87 1.79 11.24
C THR A 23 -2.13 3.29 11.23
N CYS A 24 -1.83 3.92 10.11
CA CYS A 24 -2.04 5.36 9.99
C CYS A 24 -3.39 5.59 9.31
N GLU A 25 -3.82 4.59 8.56
CA GLU A 25 -5.09 4.66 7.85
C GLU A 25 -5.05 5.72 6.76
N VAL A 26 -3.87 5.92 6.17
CA VAL A 26 -3.70 6.91 5.12
C VAL A 26 -2.60 6.48 4.15
N SER A 27 -2.71 6.95 2.90
CA SER A 27 -1.73 6.62 1.88
C SER A 27 -0.80 7.80 1.62
N TYR A 28 0.51 7.57 1.78
CA TYR A 28 1.49 8.62 1.56
C TYR A 28 2.62 8.12 0.65
N CYS A 29 3.55 9.01 0.34
CA CYS A 29 4.67 8.65 -0.52
C CYS A 29 5.87 8.32 0.36
N ASP A 30 6.94 7.89 -0.29
CA ASP A 30 8.16 7.52 0.41
C ASP A 30 8.69 8.71 1.22
N GLU A 31 8.73 9.88 0.59
CA GLU A 31 9.22 11.08 1.25
C GLU A 31 8.51 11.29 2.59
N CYS A 32 7.22 11.57 2.53
CA CYS A 32 6.44 11.79 3.74
C CYS A 32 6.66 10.60 4.67
N LEU A 33 6.53 9.40 4.10
CA LEU A 33 6.71 8.17 4.85
C LEU A 33 7.99 8.20 5.65
N LYS A 34 8.99 8.92 5.14
CA LYS A 34 10.27 9.04 5.81
C LYS A 34 10.16 9.88 7.08
N ALA A 35 9.42 10.98 6.99
CA ALA A 35 9.23 11.87 8.13
C ALA A 35 8.26 11.26 9.14
N THR A 36 7.20 10.65 8.63
CA THR A 36 6.19 10.03 9.49
C THR A 36 6.74 8.78 10.17
N HIS A 37 7.45 7.95 9.41
CA HIS A 37 8.03 6.73 9.93
C HIS A 37 9.56 6.86 10.07
N PRO A 38 10.01 7.35 11.23
CA PRO A 38 11.43 7.54 11.51
C PRO A 38 12.17 6.22 11.67
N ASN A 39 13.43 6.29 12.11
CA ASN A 39 14.24 5.09 12.30
C ASN A 39 14.47 4.38 10.97
N LYS A 40 15.01 3.16 11.05
CA LYS A 40 15.29 2.37 9.86
C LYS A 40 14.71 0.97 9.99
N LYS A 41 15.18 0.24 11.00
CA LYS A 41 14.71 -1.12 11.24
C LYS A 41 14.16 -1.27 12.66
N PRO A 42 13.35 -2.31 12.88
CA PRO A 42 12.99 -3.27 11.83
C PRO A 42 12.08 -2.66 10.77
N PHE A 43 11.02 -1.99 11.21
CA PHE A 43 10.07 -1.37 10.31
C PHE A 43 9.49 -0.09 10.92
N THR A 44 10.35 0.68 11.58
CA THR A 44 9.92 1.93 12.22
C THR A 44 8.77 1.68 13.18
N GLY A 45 8.65 0.44 13.65
CA GLY A 45 7.57 0.10 14.57
C GLY A 45 6.20 0.35 13.98
N HIS A 46 6.14 0.49 12.66
CA HIS A 46 4.88 0.72 11.96
C HIS A 46 4.60 -0.38 10.95
N ARG A 47 3.34 -0.80 10.87
CA ARG A 47 2.94 -1.85 9.94
C ARG A 47 2.30 -1.25 8.69
N LEU A 48 2.62 -1.81 7.53
CA LEU A 48 2.07 -1.33 6.27
C LEU A 48 1.80 -2.50 5.32
N ILE A 49 1.39 -2.17 4.09
CA ILE A 49 1.11 -3.19 3.09
C ILE A 49 2.38 -3.61 2.35
N GLU A 50 2.39 -4.85 1.88
CA GLU A 50 3.55 -5.37 1.15
C GLU A 50 3.99 -4.39 0.07
N PRO A 51 5.14 -3.73 0.31
CA PRO A 51 5.71 -2.76 -0.63
C PRO A 51 6.23 -3.42 -1.90
N ILE A 52 6.45 -4.73 -1.84
CA ILE A 52 6.95 -5.48 -2.98
C ILE A 52 8.36 -5.03 -3.36
N PRO A 53 9.34 -5.41 -2.53
CA PRO A 53 10.74 -5.06 -2.77
C PRO A 53 11.33 -5.79 -3.96
N ASP A 54 10.63 -6.81 -4.43
CA ASP A 54 11.09 -7.60 -5.58
C ASP A 54 11.43 -6.69 -6.75
N SER A 55 12.66 -6.80 -7.23
CA SER A 55 13.13 -5.98 -8.35
C SER A 55 12.17 -6.08 -9.53
N HIS A 56 12.15 -7.25 -10.16
CA HIS A 56 11.27 -7.48 -11.31
C HIS A 56 10.76 -8.92 -11.32
N ILE A 57 9.94 -9.26 -10.33
CA ILE A 57 9.38 -10.59 -10.22
C ILE A 57 8.35 -10.68 -9.10
N ARG A 58 7.31 -11.47 -9.32
CA ARG A 58 6.24 -11.63 -8.34
C ARG A 58 6.46 -12.90 -7.51
N GLY A 59 5.59 -13.11 -6.53
CA GLY A 59 5.70 -14.28 -5.69
C GLY A 59 5.57 -13.95 -4.22
N LEU A 60 5.43 -12.67 -3.91
CA LEU A 60 5.30 -12.22 -2.53
C LEU A 60 3.91 -12.52 -1.99
N MET A 61 3.83 -12.78 -0.69
CA MET A 61 2.55 -13.08 -0.06
C MET A 61 2.13 -11.96 0.89
N CYS A 62 0.88 -11.99 1.33
CA CYS A 62 0.38 -10.98 2.23
C CYS A 62 1.10 -11.10 3.57
N LEU A 63 0.74 -10.22 4.50
CA LEU A 63 1.35 -10.22 5.83
C LEU A 63 1.12 -11.54 6.54
N GLU A 64 -0.16 -11.88 6.76
CA GLU A 64 -0.51 -13.12 7.43
C GLU A 64 -1.61 -13.85 6.67
N HIS A 65 -1.42 -14.01 5.36
CA HIS A 65 -2.40 -14.69 4.53
C HIS A 65 -1.72 -15.61 3.52
N GLU A 66 -1.31 -16.79 3.97
CA GLU A 66 -0.64 -17.75 3.11
C GLU A 66 -1.64 -18.49 2.24
N ASP A 67 -2.85 -18.69 2.77
CA ASP A 67 -3.90 -19.39 2.05
C ASP A 67 -4.39 -18.55 0.87
N GLU A 68 -4.14 -17.25 0.93
CA GLU A 68 -4.56 -16.34 -0.13
C GLU A 68 -3.44 -15.37 -0.51
N LYS A 69 -2.96 -15.47 -1.73
CA LYS A 69 -1.90 -14.61 -2.21
C LYS A 69 -2.45 -13.27 -2.68
N VAL A 70 -1.55 -12.33 -3.01
CA VAL A 70 -1.95 -11.02 -3.47
C VAL A 70 -2.35 -11.04 -4.94
N ASN A 71 -3.60 -10.71 -5.22
CA ASN A 71 -4.11 -10.71 -6.60
C ASN A 71 -5.02 -9.50 -6.83
N MET A 72 -4.88 -8.49 -5.98
CA MET A 72 -5.68 -7.28 -6.10
C MET A 72 -4.80 -6.03 -5.99
N TYR A 73 -5.41 -4.87 -6.21
CA TYR A 73 -4.67 -3.61 -6.14
C TYR A 73 -5.57 -2.49 -5.61
N CYS A 74 -5.02 -1.67 -4.74
CA CYS A 74 -5.77 -0.56 -4.17
C CYS A 74 -5.30 0.74 -4.84
N VAL A 75 -6.28 1.52 -5.28
CA VAL A 75 -6.01 2.79 -5.94
C VAL A 75 -5.73 3.89 -4.91
N THR A 76 -6.64 4.04 -3.96
CA THR A 76 -6.49 5.06 -2.92
C THR A 76 -5.19 4.88 -2.15
N ASP A 77 -4.66 3.66 -2.18
CA ASP A 77 -3.41 3.35 -1.48
C ASP A 77 -2.26 3.23 -2.46
N ASP A 78 -2.58 2.94 -3.72
CA ASP A 78 -1.57 2.80 -4.76
C ASP A 78 -0.64 1.63 -4.46
N GLN A 79 -1.17 0.61 -3.79
CA GLN A 79 -0.40 -0.57 -3.44
C GLN A 79 -1.13 -1.85 -3.82
N LEU A 80 -0.49 -2.99 -3.61
CA LEU A 80 -1.07 -4.27 -3.93
C LEU A 80 -1.67 -4.93 -2.69
N ILE A 81 -2.74 -5.70 -2.89
CA ILE A 81 -3.40 -6.38 -1.79
C ILE A 81 -4.00 -7.71 -2.24
N CYS A 82 -4.54 -8.46 -1.29
CA CYS A 82 -5.14 -9.75 -1.62
C CYS A 82 -6.66 -9.63 -1.45
N ALA A 83 -7.37 -10.46 -2.21
CA ALA A 83 -8.83 -10.47 -2.16
C ALA A 83 -9.33 -10.70 -0.74
N LEU A 84 -8.54 -11.42 0.05
CA LEU A 84 -8.91 -11.72 1.43
C LEU A 84 -8.87 -10.47 2.29
N CYS A 85 -8.14 -9.46 1.83
CA CYS A 85 -8.03 -8.21 2.56
C CYS A 85 -9.28 -7.38 2.29
N LYS A 86 -9.75 -7.46 1.05
CA LYS A 86 -10.94 -6.73 0.62
C LYS A 86 -12.20 -7.35 1.23
N LEU A 87 -12.12 -8.63 1.56
CA LEU A 87 -13.26 -9.34 2.14
C LEU A 87 -13.39 -9.02 3.63
N VAL A 88 -12.28 -9.16 4.36
CA VAL A 88 -12.27 -8.89 5.80
C VAL A 88 -12.82 -7.50 6.09
N GLY A 89 -12.49 -6.54 5.23
CA GLY A 89 -12.95 -5.18 5.41
C GLY A 89 -11.84 -4.16 5.31
N ARG A 90 -10.59 -4.64 5.35
CA ARG A 90 -9.43 -3.76 5.25
C ARG A 90 -9.55 -2.84 4.05
N HIS A 91 -10.12 -3.35 2.96
CA HIS A 91 -10.27 -2.57 1.75
C HIS A 91 -11.67 -2.76 1.15
N ARG A 92 -12.69 -2.50 1.97
CA ARG A 92 -14.07 -2.65 1.53
C ARG A 92 -14.59 -1.35 0.91
N ASP A 93 -14.42 -0.25 1.63
CA ASP A 93 -14.86 1.05 1.15
C ASP A 93 -13.87 1.63 0.14
N HIS A 94 -12.78 0.90 -0.08
CA HIS A 94 -11.75 1.35 -1.03
C HIS A 94 -12.19 1.09 -2.46
N GLN A 95 -11.38 1.53 -3.41
CA GLN A 95 -11.68 1.35 -4.83
C GLN A 95 -10.61 0.51 -5.51
N VAL A 96 -10.85 -0.79 -5.60
CA VAL A 96 -9.90 -1.71 -6.23
C VAL A 96 -10.46 -2.27 -7.54
N ALA A 97 -9.64 -3.05 -8.23
CA ALA A 97 -10.06 -3.66 -9.50
C ALA A 97 -10.07 -5.17 -9.40
N ALA A 98 -10.99 -5.79 -10.13
CA ALA A 98 -11.11 -7.24 -10.13
C ALA A 98 -10.58 -7.84 -11.43
N LEU A 99 -9.94 -9.00 -11.32
CA LEU A 99 -9.38 -9.67 -12.49
C LEU A 99 -10.39 -10.66 -13.09
N SER A 100 -10.75 -11.67 -12.30
CA SER A 100 -11.70 -12.68 -12.74
C SER A 100 -12.69 -13.02 -11.63
N GLU A 101 -13.56 -13.99 -11.90
CA GLU A 101 -14.56 -14.41 -10.93
C GLU A 101 -15.44 -13.24 -10.50
N ALA A 1 -6.69 13.37 -13.01
CA ALA A 1 -5.87 12.18 -12.80
C ALA A 1 -6.58 11.19 -11.88
N GLU A 2 -6.69 9.95 -12.32
CA GLU A 2 -7.35 8.91 -11.54
C GLU A 2 -6.53 8.56 -10.30
N LYS A 3 -5.21 8.62 -10.44
CA LYS A 3 -4.32 8.32 -9.33
C LYS A 3 -4.28 9.47 -8.33
N VAL A 4 -4.11 9.13 -7.05
CA VAL A 4 -4.05 10.14 -6.00
C VAL A 4 -2.64 10.68 -5.84
N LEU A 5 -2.53 12.01 -5.71
CA LEU A 5 -1.24 12.66 -5.55
C LEU A 5 -0.91 12.86 -4.07
N CYS A 6 0.35 12.67 -3.72
CA CYS A 6 0.78 12.84 -2.34
C CYS A 6 0.36 14.24 -1.87
N GLN A 7 -0.67 14.25 -1.04
CA GLN A 7 -1.20 15.50 -0.50
C GLN A 7 -0.16 16.19 0.39
N PHE A 8 0.75 15.39 0.95
CA PHE A 8 1.78 15.93 1.82
C PHE A 8 3.11 16.07 1.07
N CYS A 9 3.02 16.51 -0.19
CA CYS A 9 4.22 16.67 -0.99
C CYS A 9 4.35 18.17 -1.33
N ASP A 10 5.60 18.61 -1.41
CA ASP A 10 5.90 20.00 -1.71
C ASP A 10 6.93 20.10 -2.84
N GLN A 11 6.80 19.23 -3.83
CA GLN A 11 7.72 19.22 -4.97
C GLN A 11 7.28 20.23 -6.03
N ASP A 12 6.01 20.17 -6.41
CA ASP A 12 5.48 21.07 -7.42
C ASP A 12 6.23 20.93 -8.74
N PRO A 13 5.77 19.99 -9.57
CA PRO A 13 4.61 19.14 -9.27
C PRO A 13 4.91 18.14 -8.16
N ALA A 14 3.86 17.65 -7.51
CA ALA A 14 4.01 16.68 -6.43
C ALA A 14 3.93 15.25 -6.96
N GLN A 15 4.56 14.32 -6.25
CA GLN A 15 4.56 12.92 -6.65
C GLN A 15 3.26 12.24 -6.24
N ASP A 16 3.14 10.96 -6.57
CA ASP A 16 1.95 10.19 -6.24
C ASP A 16 2.20 9.28 -5.04
N ALA A 17 1.13 8.91 -4.35
CA ALA A 17 1.24 8.05 -3.18
C ALA A 17 1.22 6.57 -3.59
N VAL A 18 2.28 5.86 -3.24
CA VAL A 18 2.40 4.44 -3.56
C VAL A 18 2.29 3.58 -2.31
N LYS A 19 2.71 4.14 -1.18
CA LYS A 19 2.67 3.42 0.09
C LYS A 19 1.55 3.95 0.97
N THR A 20 1.18 3.17 1.99
CA THR A 20 0.12 3.57 2.90
C THR A 20 0.28 2.87 4.25
N CYS A 21 0.23 3.66 5.33
CA CYS A 21 0.37 3.11 6.66
C CYS A 21 -1.03 2.91 7.25
N VAL A 22 -1.21 1.75 7.88
CA VAL A 22 -2.48 1.41 8.50
C VAL A 22 -2.69 2.17 9.80
N THR A 23 -1.71 2.05 10.70
CA THR A 23 -1.79 2.71 12.00
C THR A 23 -1.99 4.22 11.83
N CYS A 24 -1.60 4.74 10.67
CA CYS A 24 -1.75 6.15 10.40
C CYS A 24 -3.05 6.37 9.62
N GLU A 25 -3.38 5.36 8.80
CA GLU A 25 -4.59 5.40 7.99
C GLU A 25 -4.51 6.53 6.96
N VAL A 26 -3.33 6.70 6.37
CA VAL A 26 -3.12 7.74 5.37
C VAL A 26 -2.34 7.19 4.18
N SER A 27 -2.59 7.78 3.00
CA SER A 27 -1.91 7.35 1.78
C SER A 27 -0.90 8.40 1.33
N TYR A 28 0.38 8.09 1.50
CA TYR A 28 1.45 9.01 1.10
C TYR A 28 2.39 8.35 0.10
N CYS A 29 3.40 9.09 -0.32
CA CYS A 29 4.36 8.57 -1.28
C CYS A 29 5.58 8.06 -0.51
N ASP A 30 6.37 7.23 -1.18
CA ASP A 30 7.56 6.65 -0.58
C ASP A 30 8.48 7.75 -0.03
N GLU A 31 8.60 8.84 -0.78
CA GLU A 31 9.45 9.95 -0.37
C GLU A 31 9.14 10.36 1.07
N CYS A 32 7.94 10.85 1.29
CA CYS A 32 7.54 11.28 2.62
C CYS A 32 7.60 10.06 3.56
N LEU A 33 7.16 8.93 3.03
CA LEU A 33 7.15 7.68 3.79
C LEU A 33 8.52 7.42 4.42
N LYS A 34 9.56 7.93 3.77
CA LYS A 34 10.93 7.75 4.27
C LYS A 34 11.23 8.73 5.39
N ALA A 35 10.82 9.99 5.21
CA ALA A 35 11.04 11.02 6.22
C ALA A 35 10.25 10.71 7.49
N THR A 36 8.99 10.32 7.32
CA THR A 36 8.13 10.01 8.46
C THR A 36 8.44 8.62 9.01
N HIS A 37 8.50 7.63 8.12
CA HIS A 37 8.78 6.25 8.51
C HIS A 37 10.13 5.80 7.95
N PRO A 38 11.20 6.05 8.72
CA PRO A 38 12.57 5.67 8.31
C PRO A 38 12.78 4.17 8.35
N ASN A 39 13.52 3.66 7.37
CA ASN A 39 13.80 2.22 7.29
C ASN A 39 14.34 1.71 8.62
N LYS A 40 13.60 0.79 9.23
CA LYS A 40 14.00 0.21 10.51
C LYS A 40 13.50 -1.22 10.63
N LYS A 41 13.26 -1.87 9.50
CA LYS A 41 12.77 -3.24 9.48
C LYS A 41 13.88 -4.21 9.88
N PRO A 42 13.48 -5.42 10.30
CA PRO A 42 12.07 -5.80 10.39
C PRO A 42 11.34 -5.06 11.51
N PHE A 43 10.01 -5.03 11.41
CA PHE A 43 9.20 -4.34 12.41
C PHE A 43 9.68 -2.91 12.63
N THR A 44 9.57 -2.09 11.59
CA THR A 44 9.99 -0.70 11.66
C THR A 44 9.30 0.02 12.82
N GLY A 45 8.13 -0.49 13.22
CA GLY A 45 7.40 0.13 14.31
C GLY A 45 5.97 0.47 13.91
N HIS A 46 5.72 0.54 12.61
CA HIS A 46 4.39 0.87 12.11
C HIS A 46 3.86 -0.26 11.24
N ARG A 47 2.52 -0.32 11.10
CA ARG A 47 1.88 -1.34 10.30
C ARG A 47 1.51 -0.81 8.93
N LEU A 48 1.84 -1.56 7.89
CA LEU A 48 1.53 -1.16 6.51
C LEU A 48 1.01 -2.34 5.70
N ILE A 49 0.90 -2.15 4.40
CA ILE A 49 0.41 -3.21 3.51
C ILE A 49 1.55 -3.78 2.67
N GLU A 50 1.63 -5.11 2.63
CA GLU A 50 2.67 -5.79 1.87
C GLU A 50 4.06 -5.46 2.42
N PRO A 51 5.04 -6.31 2.09
CA PRO A 51 6.42 -6.12 2.54
C PRO A 51 7.09 -4.93 1.88
N ILE A 52 6.94 -4.82 0.57
CA ILE A 52 7.53 -3.71 -0.18
C ILE A 52 7.07 -3.73 -1.64
N PRO A 53 6.64 -2.56 -2.13
CA PRO A 53 6.17 -2.41 -3.51
C PRO A 53 7.30 -2.54 -4.53
N ASP A 54 8.41 -1.88 -4.25
CA ASP A 54 9.56 -1.93 -5.14
C ASP A 54 10.49 -3.10 -4.79
N SER A 55 10.44 -4.14 -5.61
CA SER A 55 11.25 -5.33 -5.37
C SER A 55 11.66 -5.97 -6.69
N HIS A 56 12.83 -6.61 -6.71
CA HIS A 56 13.33 -7.27 -7.91
C HIS A 56 12.59 -8.58 -8.15
N ILE A 57 12.51 -9.41 -7.12
CA ILE A 57 11.83 -10.69 -7.23
C ILE A 57 10.37 -10.51 -7.64
N ARG A 58 9.95 -11.20 -8.70
CA ARG A 58 8.58 -11.12 -9.18
C ARG A 58 7.63 -11.84 -8.25
N GLY A 59 6.65 -11.11 -7.71
CA GLY A 59 5.70 -11.70 -6.80
C GLY A 59 5.84 -11.20 -5.38
N LEU A 60 4.72 -10.83 -4.77
CA LEU A 60 4.73 -10.32 -3.40
C LEU A 60 3.63 -10.99 -2.57
N MET A 61 3.90 -11.13 -1.27
CA MET A 61 2.93 -11.75 -0.36
C MET A 61 2.31 -10.72 0.56
N CYS A 62 1.28 -11.11 1.29
CA CYS A 62 0.61 -10.21 2.21
C CYS A 62 1.39 -10.21 3.52
N LEU A 63 0.89 -9.41 4.47
CA LEU A 63 1.52 -9.30 5.78
C LEU A 63 1.55 -10.65 6.49
N GLU A 64 0.38 -11.21 6.73
CA GLU A 64 0.26 -12.51 7.39
C GLU A 64 -0.69 -13.43 6.64
N HIS A 65 -0.49 -13.55 5.33
CA HIS A 65 -1.33 -14.40 4.50
C HIS A 65 -0.50 -15.13 3.46
N GLU A 66 0.15 -16.21 3.88
CA GLU A 66 0.98 -17.00 2.98
C GLU A 66 0.13 -17.95 2.14
N ASP A 67 -0.98 -18.41 2.71
CA ASP A 67 -1.89 -19.31 2.02
C ASP A 67 -2.63 -18.59 0.90
N GLU A 68 -2.65 -17.26 0.97
CA GLU A 68 -3.33 -16.45 -0.03
C GLU A 68 -2.45 -15.30 -0.50
N LYS A 69 -2.10 -15.31 -1.78
CA LYS A 69 -1.26 -14.27 -2.37
C LYS A 69 -2.08 -13.03 -2.69
N VAL A 70 -1.39 -11.93 -2.97
CA VAL A 70 -2.06 -10.67 -3.31
C VAL A 70 -2.49 -10.66 -4.76
N ASN A 71 -3.79 -10.48 -4.99
CA ASN A 71 -4.34 -10.45 -6.34
C ASN A 71 -5.33 -9.31 -6.50
N MET A 72 -5.17 -8.29 -5.67
CA MET A 72 -6.06 -7.12 -5.72
C MET A 72 -5.26 -5.83 -5.55
N TYR A 73 -5.95 -4.70 -5.71
CA TYR A 73 -5.30 -3.40 -5.58
C TYR A 73 -6.27 -2.37 -5.01
N CYS A 74 -5.79 -1.56 -4.07
CA CYS A 74 -6.62 -0.54 -3.45
C CYS A 74 -6.21 0.82 -4.02
N VAL A 75 -7.22 1.62 -4.34
CA VAL A 75 -6.99 2.95 -4.89
C VAL A 75 -6.77 3.97 -3.78
N THR A 76 -7.64 3.96 -2.78
CA THR A 76 -7.55 4.88 -1.67
C THR A 76 -6.15 4.86 -1.06
N ASP A 77 -5.50 3.71 -1.15
CA ASP A 77 -4.15 3.55 -0.60
C ASP A 77 -3.12 3.44 -1.72
N ASP A 78 -3.59 3.10 -2.91
CA ASP A 78 -2.71 2.97 -4.07
C ASP A 78 -1.71 1.83 -3.86
N GLN A 79 -2.12 0.83 -3.09
CA GLN A 79 -1.25 -0.32 -2.81
C GLN A 79 -1.90 -1.62 -3.25
N LEU A 80 -1.18 -2.72 -3.09
CA LEU A 80 -1.70 -4.04 -3.47
C LEU A 80 -2.23 -4.78 -2.25
N ILE A 81 -3.22 -5.64 -2.48
CA ILE A 81 -3.83 -6.42 -1.40
C ILE A 81 -4.30 -7.78 -1.91
N CYS A 82 -4.79 -8.60 -0.99
CA CYS A 82 -5.27 -9.92 -1.36
C CYS A 82 -6.79 -9.94 -1.16
N ALA A 83 -7.44 -10.82 -1.91
CA ALA A 83 -8.89 -10.97 -1.85
C ALA A 83 -9.34 -11.26 -0.42
N LEU A 84 -8.47 -11.91 0.35
CA LEU A 84 -8.78 -12.27 1.73
C LEU A 84 -8.80 -11.03 2.62
N CYS A 85 -8.14 -9.97 2.16
CA CYS A 85 -8.09 -8.74 2.92
C CYS A 85 -9.41 -7.99 2.70
N LYS A 86 -9.89 -8.06 1.46
CA LYS A 86 -11.13 -7.40 1.10
C LYS A 86 -12.33 -8.11 1.70
N LEU A 87 -12.16 -9.41 1.98
CA LEU A 87 -13.23 -10.20 2.57
C LEU A 87 -13.37 -9.94 4.07
N VAL A 88 -12.25 -10.03 4.77
CA VAL A 88 -12.23 -9.81 6.21
C VAL A 88 -12.86 -8.45 6.56
N GLY A 89 -12.60 -7.45 5.71
CA GLY A 89 -13.14 -6.13 5.95
C GLY A 89 -12.09 -5.05 5.88
N ARG A 90 -10.83 -5.45 5.88
CA ARG A 90 -9.72 -4.50 5.81
C ARG A 90 -9.91 -3.53 4.65
N HIS A 91 -10.45 -4.04 3.54
CA HIS A 91 -10.67 -3.21 2.36
C HIS A 91 -12.04 -3.51 1.74
N ARG A 92 -13.06 -3.52 2.58
CA ARG A 92 -14.42 -3.80 2.12
C ARG A 92 -15.07 -2.54 1.55
N ASP A 93 -15.07 -1.48 2.35
CA ASP A 93 -15.66 -0.21 1.93
C ASP A 93 -14.75 0.52 0.95
N HIS A 94 -13.56 -0.03 0.75
CA HIS A 94 -12.58 0.57 -0.17
C HIS A 94 -12.94 0.25 -1.62
N GLN A 95 -12.42 1.05 -2.54
CA GLN A 95 -12.68 0.86 -3.96
C GLN A 95 -11.49 0.20 -4.65
N VAL A 96 -11.63 -1.09 -4.93
CA VAL A 96 -10.57 -1.85 -5.59
C VAL A 96 -10.99 -2.26 -6.99
N ALA A 97 -10.06 -2.89 -7.72
CA ALA A 97 -10.33 -3.35 -9.08
C ALA A 97 -10.14 -4.86 -9.19
N ALA A 98 -11.11 -5.52 -9.83
CA ALA A 98 -11.04 -6.97 -10.01
C ALA A 98 -10.46 -7.32 -11.37
N LEU A 99 -9.38 -8.09 -11.37
CA LEU A 99 -8.72 -8.51 -12.60
C LEU A 99 -8.86 -10.01 -12.81
N SER A 100 -10.10 -10.48 -12.93
CA SER A 100 -10.36 -11.89 -13.14
C SER A 100 -10.77 -12.16 -14.59
N GLU A 101 -10.30 -13.27 -15.13
CA GLU A 101 -10.61 -13.65 -16.51
C GLU A 101 -10.45 -15.15 -16.71
N ALA A 1 -5.51 5.94 -15.16
CA ALA A 1 -4.07 6.19 -15.19
C ALA A 1 -3.71 7.49 -14.50
N GLU A 2 -4.55 7.90 -13.54
CA GLU A 2 -4.32 9.14 -12.80
C GLU A 2 -3.75 8.84 -11.42
N LYS A 3 -4.21 7.76 -10.80
CA LYS A 3 -3.74 7.38 -9.48
C LYS A 3 -4.00 8.49 -8.46
N VAL A 4 -3.64 8.22 -7.20
CA VAL A 4 -3.84 9.20 -6.14
C VAL A 4 -2.57 10.02 -5.91
N LEU A 5 -2.75 11.28 -5.53
CA LEU A 5 -1.63 12.16 -5.28
C LEU A 5 -1.44 12.39 -3.78
N CYS A 6 -0.18 12.54 -3.37
CA CYS A 6 0.12 12.77 -1.97
C CYS A 6 -0.55 14.06 -1.53
N GLN A 7 -1.69 13.91 -0.86
CA GLN A 7 -2.46 15.05 -0.37
C GLN A 7 -1.69 15.81 0.71
N PHE A 8 -0.71 15.13 1.30
CA PHE A 8 0.10 15.74 2.35
C PHE A 8 1.49 16.08 1.83
N CYS A 9 1.56 16.56 0.60
CA CYS A 9 2.83 16.92 0.00
C CYS A 9 2.90 18.44 -0.12
N ASP A 10 4.11 18.97 0.03
CA ASP A 10 4.34 20.41 -0.05
C ASP A 10 5.50 20.71 -0.99
N GLN A 11 5.51 20.06 -2.15
CA GLN A 11 6.55 20.26 -3.14
C GLN A 11 6.16 21.34 -4.13
N ASP A 12 4.96 21.20 -4.69
CA ASP A 12 4.46 22.17 -5.67
C ASP A 12 5.33 22.19 -6.91
N PRO A 13 5.03 21.29 -7.86
CA PRO A 13 3.92 20.35 -7.74
C PRO A 13 4.19 19.28 -6.68
N ALA A 14 3.12 18.65 -6.20
CA ALA A 14 3.24 17.61 -5.19
C ALA A 14 3.64 16.29 -5.81
N GLN A 15 3.81 15.26 -4.98
CA GLN A 15 4.18 13.93 -5.46
C GLN A 15 2.98 13.00 -5.45
N ASP A 16 3.21 11.75 -5.86
CA ASP A 16 2.15 10.76 -5.90
C ASP A 16 2.31 9.74 -4.76
N ALA A 17 1.20 9.32 -4.18
CA ALA A 17 1.22 8.35 -3.09
C ALA A 17 1.43 6.94 -3.61
N VAL A 18 2.52 6.31 -3.16
CA VAL A 18 2.84 4.95 -3.58
C VAL A 18 2.67 3.97 -2.44
N LYS A 19 2.71 4.48 -1.21
CA LYS A 19 2.57 3.65 -0.03
C LYS A 19 1.43 4.16 0.86
N THR A 20 1.03 3.33 1.83
CA THR A 20 -0.05 3.70 2.73
C THR A 20 0.07 2.94 4.06
N CYS A 21 0.00 3.68 5.16
CA CYS A 21 0.10 3.07 6.47
C CYS A 21 -1.31 2.80 6.99
N VAL A 22 -1.58 1.55 7.31
CA VAL A 22 -2.87 1.13 7.82
C VAL A 22 -3.08 1.61 9.26
N THR A 23 -2.01 1.63 10.03
CA THR A 23 -2.07 2.07 11.42
C THR A 23 -2.29 3.56 11.51
N CYS A 24 -1.96 4.28 10.44
CA CYS A 24 -2.14 5.72 10.42
C CYS A 24 -3.48 6.03 9.73
N GLU A 25 -3.92 5.08 8.91
CA GLU A 25 -5.17 5.23 8.19
C GLU A 25 -5.09 6.37 7.18
N VAL A 26 -3.89 6.56 6.61
CA VAL A 26 -3.68 7.62 5.63
C VAL A 26 -2.77 7.15 4.51
N SER A 27 -2.86 7.81 3.35
CA SER A 27 -2.05 7.45 2.20
C SER A 27 -1.06 8.56 1.87
N TYR A 28 0.22 8.22 1.86
CA TYR A 28 1.27 9.18 1.56
C TYR A 28 2.22 8.64 0.49
N CYS A 29 3.21 9.45 0.14
CA CYS A 29 4.18 9.04 -0.87
C CYS A 29 5.44 8.55 -0.15
N ASP A 30 6.38 8.06 -0.94
CA ASP A 30 7.64 7.55 -0.41
C ASP A 30 8.40 8.64 0.33
N GLU A 31 8.32 9.87 -0.18
CA GLU A 31 9.00 11.00 0.43
C GLU A 31 8.54 11.20 1.87
N CYS A 32 7.27 11.56 2.02
CA CYS A 32 6.71 11.78 3.35
C CYS A 32 6.90 10.50 4.17
N LEU A 33 6.71 9.37 3.49
CA LEU A 33 6.85 8.06 4.13
C LEU A 33 8.20 7.95 4.83
N LYS A 34 9.24 8.47 4.19
CA LYS A 34 10.59 8.43 4.75
C LYS A 34 10.76 9.49 5.83
N ALA A 35 9.90 10.49 5.81
CA ALA A 35 9.96 11.57 6.79
C ALA A 35 9.29 11.16 8.09
N THR A 36 8.05 10.71 8.01
CA THR A 36 7.30 10.28 9.19
C THR A 36 7.71 8.87 9.61
N HIS A 37 7.97 8.02 8.63
CA HIS A 37 8.37 6.64 8.90
C HIS A 37 9.78 6.36 8.39
N PRO A 38 10.77 6.61 9.24
CA PRO A 38 12.19 6.40 8.89
C PRO A 38 12.54 4.92 8.76
N ASN A 39 13.67 4.64 8.14
CA ASN A 39 14.12 3.26 7.96
C ASN A 39 13.19 2.51 7.02
N LYS A 40 13.33 1.19 6.98
CA LYS A 40 12.50 0.35 6.13
C LYS A 40 12.38 -1.06 6.70
N LYS A 41 13.49 -1.57 7.23
CA LYS A 41 13.51 -2.91 7.81
C LYS A 41 14.89 -3.23 8.38
N PRO A 42 14.95 -4.25 9.24
CA PRO A 42 13.77 -5.03 9.64
C PRO A 42 12.80 -4.23 10.50
N PHE A 43 11.52 -4.34 10.20
CA PHE A 43 10.50 -3.62 10.95
C PHE A 43 10.84 -2.15 11.07
N THR A 44 10.49 -1.37 10.05
CA THR A 44 10.76 0.06 10.03
C THR A 44 10.23 0.73 11.30
N GLY A 45 9.26 0.09 11.95
CA GLY A 45 8.69 0.64 13.16
C GLY A 45 7.18 0.81 13.07
N HIS A 46 6.68 0.88 11.84
CA HIS A 46 5.25 1.05 11.60
C HIS A 46 4.69 -0.10 10.77
N ARG A 47 3.40 -0.36 10.92
CA ARG A 47 2.74 -1.43 10.17
C ARG A 47 1.98 -0.87 8.98
N LEU A 48 2.25 -1.42 7.80
CA LEU A 48 1.59 -0.98 6.58
C LEU A 48 1.24 -2.16 5.69
N ILE A 49 0.82 -1.88 4.47
CA ILE A 49 0.45 -2.92 3.52
C ILE A 49 1.64 -3.31 2.64
N GLU A 50 1.80 -4.62 2.43
CA GLU A 50 2.89 -5.11 1.61
C GLU A 50 4.24 -4.55 2.07
N PRO A 51 4.73 -5.05 3.21
CA PRO A 51 6.00 -4.61 3.78
C PRO A 51 7.19 -5.06 2.97
N ILE A 52 6.95 -5.95 2.01
CA ILE A 52 8.01 -6.47 1.15
C ILE A 52 7.80 -6.04 -0.30
N PRO A 53 8.03 -4.74 -0.57
CA PRO A 53 7.86 -4.18 -1.91
C PRO A 53 8.94 -4.66 -2.88
N ASP A 54 8.93 -4.13 -4.10
CA ASP A 54 9.90 -4.51 -5.11
C ASP A 54 9.80 -5.99 -5.43
N SER A 55 10.52 -6.42 -6.46
CA SER A 55 10.51 -7.83 -6.87
C SER A 55 11.51 -8.64 -6.07
N HIS A 56 11.16 -9.89 -5.79
CA HIS A 56 12.04 -10.78 -5.03
C HIS A 56 12.16 -12.14 -5.71
N ILE A 57 11.03 -12.79 -5.92
CA ILE A 57 11.01 -14.10 -6.57
C ILE A 57 10.08 -14.10 -7.78
N ARG A 58 8.79 -13.98 -7.52
CA ARG A 58 7.80 -13.97 -8.59
C ARG A 58 6.54 -13.23 -8.16
N GLY A 59 6.72 -12.17 -7.39
CA GLY A 59 5.60 -11.38 -6.92
C GLY A 59 5.72 -10.98 -5.46
N LEU A 60 4.89 -10.05 -5.02
CA LEU A 60 4.93 -9.58 -3.64
C LEU A 60 3.82 -10.24 -2.83
N MET A 61 4.06 -10.37 -1.53
CA MET A 61 3.09 -10.99 -0.63
C MET A 61 2.48 -9.95 0.31
N CYS A 62 1.43 -10.35 1.02
CA CYS A 62 0.78 -9.44 1.95
C CYS A 62 1.61 -9.38 3.24
N LEU A 63 1.12 -8.58 4.19
CA LEU A 63 1.80 -8.42 5.46
C LEU A 63 1.92 -9.75 6.19
N GLU A 64 0.76 -10.36 6.50
CA GLU A 64 0.74 -11.64 7.20
C GLU A 64 -0.22 -12.60 6.51
N HIS A 65 -0.07 -12.75 5.20
CA HIS A 65 -0.92 -13.63 4.42
C HIS A 65 -0.10 -14.38 3.37
N GLU A 66 0.58 -15.44 3.80
CA GLU A 66 1.40 -16.23 2.90
C GLU A 66 0.54 -17.22 2.10
N ASP A 67 -0.52 -17.71 2.74
CA ASP A 67 -1.43 -18.65 2.09
C ASP A 67 -2.22 -17.97 0.98
N GLU A 68 -2.32 -16.64 1.05
CA GLU A 68 -3.05 -15.88 0.05
C GLU A 68 -2.22 -14.70 -0.45
N LYS A 69 -1.88 -14.72 -1.73
CA LYS A 69 -1.09 -13.67 -2.34
C LYS A 69 -1.97 -12.48 -2.72
N VAL A 70 -1.33 -11.37 -3.09
CA VAL A 70 -2.05 -10.17 -3.49
C VAL A 70 -2.54 -10.27 -4.92
N ASN A 71 -3.86 -10.16 -5.10
CA ASN A 71 -4.46 -10.24 -6.42
C ASN A 71 -5.42 -9.06 -6.66
N MET A 72 -5.22 -8.00 -5.89
CA MET A 72 -6.06 -6.80 -6.03
C MET A 72 -5.23 -5.54 -5.85
N TYR A 73 -5.86 -4.39 -6.09
CA TYR A 73 -5.19 -3.11 -5.97
C TYR A 73 -6.10 -2.07 -5.31
N CYS A 74 -5.54 -1.29 -4.40
CA CYS A 74 -6.32 -0.26 -3.73
C CYS A 74 -5.93 1.10 -4.31
N VAL A 75 -6.94 1.90 -4.60
CA VAL A 75 -6.75 3.23 -5.15
C VAL A 75 -6.48 4.25 -4.06
N THR A 76 -7.32 4.24 -3.03
CA THR A 76 -7.18 5.17 -1.91
C THR A 76 -5.78 5.06 -1.29
N ASP A 77 -5.16 3.90 -1.44
CA ASP A 77 -3.83 3.67 -0.89
C ASP A 77 -2.79 3.62 -2.01
N ASP A 78 -3.24 3.34 -3.23
CA ASP A 78 -2.34 3.26 -4.37
C ASP A 78 -1.34 2.12 -4.20
N GLN A 79 -1.76 1.07 -3.51
CA GLN A 79 -0.91 -0.08 -3.28
C GLN A 79 -1.62 -1.39 -3.64
N LEU A 80 -0.91 -2.49 -3.53
CA LEU A 80 -1.47 -3.81 -3.85
C LEU A 80 -2.05 -4.47 -2.61
N ILE A 81 -3.09 -5.27 -2.80
CA ILE A 81 -3.74 -5.96 -1.69
C ILE A 81 -4.19 -7.36 -2.11
N CYS A 82 -4.76 -8.09 -1.17
CA CYS A 82 -5.23 -9.44 -1.44
C CYS A 82 -6.73 -9.48 -1.18
N ALA A 83 -7.40 -10.40 -1.90
CA ALA A 83 -8.84 -10.56 -1.77
C ALA A 83 -9.22 -10.85 -0.31
N LEU A 84 -8.31 -11.47 0.43
CA LEU A 84 -8.55 -11.81 1.82
C LEU A 84 -8.57 -10.55 2.68
N CYS A 85 -7.98 -9.49 2.19
CA CYS A 85 -7.93 -8.23 2.92
C CYS A 85 -9.27 -7.52 2.73
N LYS A 86 -9.79 -7.61 1.51
CA LYS A 86 -11.06 -6.99 1.17
C LYS A 86 -12.23 -7.75 1.80
N LEU A 87 -12.02 -9.04 2.07
CA LEU A 87 -13.05 -9.87 2.67
C LEU A 87 -13.17 -9.59 4.16
N VAL A 88 -12.04 -9.72 4.87
CA VAL A 88 -12.02 -9.48 6.31
C VAL A 88 -12.64 -8.13 6.65
N GLY A 89 -12.43 -7.15 5.77
CA GLY A 89 -12.98 -5.83 6.00
C GLY A 89 -11.90 -4.77 6.11
N ARG A 90 -10.71 -5.08 5.60
CA ARG A 90 -9.60 -4.14 5.65
C ARG A 90 -9.63 -3.20 4.46
N HIS A 91 -10.22 -3.66 3.35
CA HIS A 91 -10.32 -2.85 2.14
C HIS A 91 -11.68 -3.05 1.47
N ARG A 92 -12.68 -3.37 2.27
CA ARG A 92 -14.03 -3.59 1.75
C ARG A 92 -14.66 -2.28 1.32
N ASP A 93 -14.57 -1.26 2.17
CA ASP A 93 -15.14 0.05 1.87
C ASP A 93 -14.24 0.82 0.90
N HIS A 94 -13.07 0.27 0.62
CA HIS A 94 -12.12 0.90 -0.29
C HIS A 94 -12.54 0.68 -1.74
N GLN A 95 -12.00 1.49 -2.65
CA GLN A 95 -12.31 1.38 -4.06
C GLN A 95 -11.20 0.65 -4.81
N VAL A 96 -11.40 -0.66 -5.01
CA VAL A 96 -10.41 -1.48 -5.71
C VAL A 96 -10.96 -1.94 -7.06
N ALA A 97 -10.09 -2.59 -7.85
CA ALA A 97 -10.49 -3.08 -9.15
C ALA A 97 -10.41 -4.61 -9.20
N ALA A 98 -11.46 -5.24 -9.71
CA ALA A 98 -11.51 -6.69 -9.82
C ALA A 98 -11.41 -7.13 -11.28
N LEU A 99 -10.65 -8.20 -11.51
CA LEU A 99 -10.48 -8.73 -12.86
C LEU A 99 -9.76 -10.07 -12.83
N SER A 100 -10.54 -11.15 -12.93
CA SER A 100 -9.97 -12.49 -12.91
C SER A 100 -9.39 -12.86 -14.26
N GLU A 101 -8.24 -13.52 -14.25
CA GLU A 101 -7.56 -13.93 -15.47
C GLU A 101 -7.19 -15.41 -15.43
N ALA A 1 -6.09 12.21 -12.20
CA ALA A 1 -5.09 11.19 -12.51
C ALA A 1 -5.48 9.84 -11.93
N GLU A 2 -5.16 8.77 -12.64
CA GLU A 2 -5.47 7.42 -12.19
C GLU A 2 -4.94 7.17 -10.79
N LYS A 3 -3.63 7.32 -10.62
CA LYS A 3 -2.99 7.12 -9.32
C LYS A 3 -3.20 8.33 -8.42
N VAL A 4 -3.46 8.07 -7.14
CA VAL A 4 -3.68 9.13 -6.17
C VAL A 4 -2.38 9.83 -5.81
N LEU A 5 -2.39 11.15 -5.83
CA LEU A 5 -1.21 11.94 -5.50
C LEU A 5 -1.02 12.05 -3.99
N CYS A 6 0.23 12.06 -3.55
CA CYS A 6 0.53 12.16 -2.13
C CYS A 6 -0.18 13.41 -1.58
N GLN A 7 -1.26 13.15 -0.83
CA GLN A 7 -2.03 14.23 -0.24
C GLN A 7 -1.21 15.00 0.80
N PHE A 8 -0.19 14.35 1.33
CA PHE A 8 0.68 14.95 2.32
C PHE A 8 2.00 15.39 1.71
N CYS A 9 1.94 15.93 0.49
CA CYS A 9 3.12 16.38 -0.20
C CYS A 9 3.03 17.90 -0.38
N ASP A 10 4.16 18.56 -0.20
CA ASP A 10 4.24 20.01 -0.34
C ASP A 10 5.40 20.41 -1.25
N GLN A 11 5.52 19.73 -2.38
CA GLN A 11 6.59 20.01 -3.34
C GLN A 11 6.14 21.06 -4.35
N ASP A 12 4.98 20.83 -4.95
CA ASP A 12 4.43 21.75 -5.94
C ASP A 12 5.35 21.85 -7.15
N PRO A 13 5.17 20.94 -8.12
CA PRO A 13 4.13 19.91 -8.04
C PRO A 13 4.46 18.86 -6.98
N ALA A 14 3.42 18.14 -6.55
CA ALA A 14 3.59 17.10 -5.53
C ALA A 14 3.86 15.75 -6.18
N GLN A 15 4.29 14.78 -5.36
CA GLN A 15 4.57 13.44 -5.86
C GLN A 15 3.37 12.51 -5.68
N ASP A 16 3.53 11.27 -6.09
CA ASP A 16 2.45 10.29 -5.97
C ASP A 16 2.73 9.32 -4.83
N ALA A 17 1.66 8.84 -4.19
CA ALA A 17 1.78 7.90 -3.08
C ALA A 17 1.70 6.45 -3.56
N VAL A 18 2.76 5.70 -3.32
CA VAL A 18 2.81 4.29 -3.72
C VAL A 18 2.75 3.37 -2.51
N LYS A 19 3.01 3.93 -1.33
CA LYS A 19 2.98 3.15 -0.10
C LYS A 19 1.88 3.63 0.83
N THR A 20 1.55 2.83 1.83
CA THR A 20 0.51 3.17 2.78
C THR A 20 0.75 2.50 4.13
N CYS A 21 0.69 3.28 5.20
CA CYS A 21 0.90 2.75 6.53
C CYS A 21 -0.46 2.56 7.19
N VAL A 22 -0.67 1.37 7.75
CA VAL A 22 -1.92 1.04 8.41
C VAL A 22 -2.04 1.78 9.75
N THR A 23 -0.99 1.70 10.56
CA THR A 23 -0.97 2.36 11.85
C THR A 23 -1.18 3.87 11.71
N CYS A 24 -0.93 4.38 10.52
CA CYS A 24 -1.09 5.80 10.26
C CYS A 24 -2.48 6.03 9.69
N GLU A 25 -3.01 4.98 9.06
CA GLU A 25 -4.34 5.04 8.46
C GLU A 25 -4.37 6.05 7.31
N VAL A 26 -3.24 6.21 6.64
CA VAL A 26 -3.13 7.14 5.52
C VAL A 26 -2.11 6.66 4.50
N SER A 27 -2.33 7.01 3.24
CA SER A 27 -1.42 6.62 2.17
C SER A 27 -0.48 7.77 1.80
N TYR A 28 0.82 7.52 1.92
CA TYR A 28 1.82 8.53 1.60
C TYR A 28 2.79 8.02 0.54
N CYS A 29 3.73 8.87 0.15
CA CYS A 29 4.70 8.50 -0.87
C CYS A 29 5.99 8.10 -0.16
N ASP A 30 6.96 7.64 -0.95
CA ASP A 30 8.25 7.22 -0.43
C ASP A 30 8.94 8.37 0.29
N GLU A 31 8.87 9.56 -0.29
CA GLU A 31 9.49 10.73 0.30
C GLU A 31 9.03 10.93 1.74
N CYS A 32 7.74 11.23 1.90
CA CYS A 32 7.19 11.45 3.22
C CYS A 32 7.48 10.20 4.08
N LEU A 33 7.30 9.04 3.46
CA LEU A 33 7.53 7.77 4.14
C LEU A 33 8.94 7.72 4.72
N LYS A 34 9.85 8.48 4.12
CA LYS A 34 11.24 8.53 4.59
C LYS A 34 11.37 9.45 5.80
N ALA A 35 10.53 10.47 5.86
CA ALA A 35 10.54 11.41 6.97
C ALA A 35 9.82 10.85 8.19
N THR A 36 8.65 10.26 7.96
CA THR A 36 7.86 9.69 9.03
C THR A 36 8.37 8.30 9.41
N HIS A 37 8.83 7.56 8.42
CA HIS A 37 9.35 6.21 8.65
C HIS A 37 10.77 6.07 8.11
N PRO A 38 11.76 6.40 8.95
CA PRO A 38 13.17 6.32 8.58
C PRO A 38 13.65 4.89 8.41
N ASN A 39 14.87 4.73 7.90
CA ASN A 39 15.45 3.41 7.69
C ASN A 39 15.43 2.60 8.98
N LYS A 40 14.51 1.65 9.07
CA LYS A 40 14.39 0.80 10.25
C LYS A 40 13.69 -0.51 9.92
N LYS A 41 13.72 -0.88 8.64
CA LYS A 41 13.09 -2.11 8.19
C LYS A 41 13.95 -3.33 8.54
N PRO A 42 13.32 -4.51 8.56
CA PRO A 42 11.89 -4.65 8.25
C PRO A 42 11.00 -4.06 9.34
N PHE A 43 9.71 -3.95 9.05
CA PHE A 43 8.76 -3.40 10.01
C PHE A 43 8.85 -1.88 10.05
N THR A 44 10.08 -1.37 10.21
CA THR A 44 10.30 0.06 10.28
C THR A 44 9.64 0.67 11.51
N GLY A 45 9.17 -0.18 12.41
CA GLY A 45 8.52 0.29 13.62
C GLY A 45 7.03 0.50 13.42
N HIS A 46 6.61 0.57 12.17
CA HIS A 46 5.19 0.77 11.86
C HIS A 46 4.65 -0.41 11.05
N ARG A 47 3.35 -0.38 10.78
CA ARG A 47 2.70 -1.44 10.03
C ARG A 47 2.50 -1.02 8.57
N LEU A 48 2.29 -2.01 7.70
CA LEU A 48 2.09 -1.75 6.28
C LEU A 48 1.46 -2.95 5.59
N ILE A 49 1.25 -2.84 4.28
CA ILE A 49 0.66 -3.92 3.51
C ILE A 49 1.55 -4.29 2.32
N GLU A 50 2.21 -5.43 2.42
CA GLU A 50 3.09 -5.90 1.36
C GLU A 50 4.11 -4.82 0.97
N PRO A 51 5.04 -4.53 1.89
CA PRO A 51 6.07 -3.52 1.66
C PRO A 51 7.10 -3.96 0.62
N ILE A 52 8.16 -3.17 0.47
CA ILE A 52 9.21 -3.49 -0.48
C ILE A 52 8.65 -3.59 -1.90
N PRO A 53 8.28 -2.42 -2.48
CA PRO A 53 7.72 -2.36 -3.83
C PRO A 53 8.76 -2.66 -4.90
N ASP A 54 8.39 -2.47 -6.16
CA ASP A 54 9.29 -2.73 -7.27
C ASP A 54 9.68 -4.20 -7.33
N SER A 55 8.68 -5.07 -7.44
CA SER A 55 8.92 -6.51 -7.50
C SER A 55 7.94 -7.18 -8.46
N HIS A 56 8.44 -7.56 -9.63
CA HIS A 56 7.62 -8.22 -10.64
C HIS A 56 8.25 -9.53 -11.09
N ILE A 57 8.93 -10.20 -10.16
CA ILE A 57 9.57 -11.47 -10.45
C ILE A 57 8.74 -12.65 -9.95
N ARG A 58 8.53 -12.70 -8.64
CA ARG A 58 7.75 -13.76 -8.03
C ARG A 58 6.53 -13.20 -7.30
N GLY A 59 6.68 -11.99 -6.77
CA GLY A 59 5.57 -11.37 -6.06
C GLY A 59 5.76 -11.40 -4.55
N LEU A 60 5.02 -10.56 -3.85
CA LEU A 60 5.11 -10.50 -2.39
C LEU A 60 3.86 -11.08 -1.74
N MET A 61 3.90 -11.29 -0.43
CA MET A 61 2.77 -11.82 0.30
C MET A 61 2.14 -10.76 1.20
N CYS A 62 0.98 -11.09 1.76
CA CYS A 62 0.29 -10.15 2.63
C CYS A 62 0.98 -10.17 3.99
N LEU A 63 0.46 -9.34 4.89
CA LEU A 63 1.00 -9.23 6.24
C LEU A 63 0.95 -10.58 6.95
N GLU A 64 -0.26 -11.10 7.14
CA GLU A 64 -0.45 -12.38 7.81
C GLU A 64 -1.39 -13.28 7.00
N HIS A 65 -1.11 -13.43 5.72
CA HIS A 65 -1.93 -14.26 4.85
C HIS A 65 -1.06 -15.05 3.87
N GLU A 66 -0.49 -16.14 4.35
CA GLU A 66 0.36 -16.98 3.52
C GLU A 66 -0.47 -17.88 2.61
N ASP A 67 -1.62 -18.31 3.12
CA ASP A 67 -2.52 -19.18 2.36
C ASP A 67 -3.12 -18.43 1.17
N GLU A 68 -3.17 -17.10 1.29
CA GLU A 68 -3.73 -16.27 0.22
C GLU A 68 -2.77 -15.14 -0.15
N LYS A 69 -2.29 -15.17 -1.38
CA LYS A 69 -1.36 -14.16 -1.87
C LYS A 69 -2.11 -12.91 -2.33
N VAL A 70 -1.36 -11.85 -2.64
CA VAL A 70 -1.96 -10.61 -3.10
C VAL A 70 -2.33 -10.69 -4.58
N ASN A 71 -3.61 -10.49 -4.88
CA ASN A 71 -4.09 -10.53 -6.26
C ASN A 71 -5.05 -9.38 -6.53
N MET A 72 -4.96 -8.33 -5.73
CA MET A 72 -5.82 -7.17 -5.89
C MET A 72 -5.03 -5.87 -5.76
N TYR A 73 -5.69 -4.75 -6.02
CA TYR A 73 -5.04 -3.45 -5.93
C TYR A 73 -5.98 -2.40 -5.34
N CYS A 74 -5.47 -1.63 -4.39
CA CYS A 74 -6.28 -0.60 -3.75
C CYS A 74 -5.85 0.76 -4.30
N VAL A 75 -6.84 1.58 -4.62
CA VAL A 75 -6.59 2.91 -5.16
C VAL A 75 -6.33 3.92 -4.04
N THR A 76 -7.22 3.94 -3.06
CA THR A 76 -7.10 4.85 -1.93
C THR A 76 -5.72 4.74 -1.29
N ASP A 77 -5.12 3.55 -1.37
CA ASP A 77 -3.80 3.30 -0.81
C ASP A 77 -2.74 3.24 -1.89
N ASP A 78 -3.17 2.97 -3.12
CA ASP A 78 -2.26 2.88 -4.25
C ASP A 78 -1.27 1.74 -4.07
N GLN A 79 -1.71 0.69 -3.37
CA GLN A 79 -0.86 -0.47 -3.12
C GLN A 79 -1.57 -1.77 -3.49
N LEU A 80 -0.87 -2.88 -3.37
CA LEU A 80 -1.44 -4.18 -3.68
C LEU A 80 -2.02 -4.85 -2.45
N ILE A 81 -3.02 -5.70 -2.65
CA ILE A 81 -3.66 -6.41 -1.55
C ILE A 81 -4.18 -7.77 -1.98
N CYS A 82 -4.78 -8.49 -1.06
CA CYS A 82 -5.32 -9.81 -1.36
C CYS A 82 -6.84 -9.74 -1.25
N ALA A 83 -7.50 -10.60 -2.02
CA ALA A 83 -8.95 -10.67 -2.02
C ALA A 83 -9.49 -10.94 -0.62
N LEU A 84 -8.71 -11.63 0.19
CA LEU A 84 -9.10 -11.95 1.56
C LEU A 84 -9.14 -10.69 2.42
N CYS A 85 -8.43 -9.67 2.00
CA CYS A 85 -8.39 -8.41 2.74
C CYS A 85 -9.66 -7.63 2.42
N LYS A 86 -10.06 -7.70 1.14
CA LYS A 86 -11.26 -7.01 0.69
C LYS A 86 -12.52 -7.71 1.19
N LEU A 87 -12.41 -9.00 1.46
CA LEU A 87 -13.54 -9.78 1.95
C LEU A 87 -13.80 -9.50 3.42
N VAL A 88 -12.76 -9.63 4.24
CA VAL A 88 -12.87 -9.39 5.67
C VAL A 88 -13.48 -8.01 5.95
N GLY A 89 -13.10 -7.04 5.14
CA GLY A 89 -13.61 -5.69 5.32
C GLY A 89 -12.51 -4.64 5.34
N ARG A 90 -11.28 -5.10 5.52
CA ARG A 90 -10.13 -4.19 5.57
C ARG A 90 -10.12 -3.26 4.36
N HIS A 91 -10.64 -3.75 3.24
CA HIS A 91 -10.69 -2.96 2.01
C HIS A 91 -12.03 -3.14 1.31
N ARG A 92 -13.11 -3.11 2.09
CA ARG A 92 -14.45 -3.26 1.54
C ARG A 92 -14.95 -1.95 0.94
N ASP A 93 -14.87 -0.89 1.72
CA ASP A 93 -15.32 0.42 1.26
C ASP A 93 -14.29 1.05 0.31
N HIS A 94 -13.16 0.39 0.17
CA HIS A 94 -12.10 0.87 -0.71
C HIS A 94 -12.43 0.57 -2.18
N GLN A 95 -11.95 1.43 -3.07
CA GLN A 95 -12.19 1.26 -4.50
C GLN A 95 -11.05 0.48 -5.16
N VAL A 96 -11.25 -0.82 -5.33
CA VAL A 96 -10.24 -1.67 -5.95
C VAL A 96 -10.71 -2.17 -7.31
N ALA A 97 -9.81 -2.85 -8.02
CA ALA A 97 -10.13 -3.39 -9.33
C ALA A 97 -9.96 -4.91 -9.36
N ALA A 98 -10.90 -5.59 -10.01
CA ALA A 98 -10.87 -7.05 -10.11
C ALA A 98 -10.50 -7.48 -11.52
N LEU A 99 -9.26 -7.89 -11.72
CA LEU A 99 -8.79 -8.34 -13.02
C LEU A 99 -8.90 -9.85 -13.15
N SER A 100 -9.91 -10.32 -13.88
CA SER A 100 -10.12 -11.74 -14.08
C SER A 100 -10.13 -12.10 -15.57
N GLU A 101 -9.93 -13.37 -15.87
CA GLU A 101 -9.92 -13.84 -17.26
C GLU A 101 -8.82 -13.13 -18.05
N ALA A 1 -7.12 13.55 -12.82
CA ALA A 1 -6.35 12.32 -12.86
C ALA A 1 -7.07 11.21 -12.11
N GLU A 2 -6.52 9.99 -12.19
CA GLU A 2 -7.11 8.84 -11.52
C GLU A 2 -6.41 8.56 -10.20
N LYS A 3 -5.08 8.53 -10.23
CA LYS A 3 -4.29 8.27 -9.03
C LYS A 3 -4.32 9.47 -8.10
N VAL A 4 -4.29 9.21 -6.79
CA VAL A 4 -4.32 10.27 -5.80
C VAL A 4 -2.93 10.86 -5.60
N LEU A 5 -2.88 12.17 -5.38
CA LEU A 5 -1.62 12.86 -5.17
C LEU A 5 -1.33 13.04 -3.68
N CYS A 6 -0.05 12.94 -3.32
CA CYS A 6 0.34 13.09 -1.93
C CYS A 6 -0.20 14.43 -1.42
N GLN A 7 -1.23 14.34 -0.59
CA GLN A 7 -1.85 15.53 -0.02
C GLN A 7 -0.89 16.26 0.91
N PHE A 8 0.08 15.52 1.44
CA PHE A 8 1.06 16.10 2.35
C PHE A 8 2.38 16.37 1.62
N CYS A 9 2.27 16.83 0.38
CA CYS A 9 3.45 17.12 -0.42
C CYS A 9 3.47 18.63 -0.71
N ASP A 10 4.68 19.20 -0.62
CA ASP A 10 4.86 20.62 -0.87
C ASP A 10 6.01 20.85 -1.85
N GLN A 11 6.02 20.07 -2.92
CA GLN A 11 7.07 20.18 -3.95
C GLN A 11 6.68 21.22 -4.99
N ASP A 12 5.46 21.10 -5.52
CA ASP A 12 4.97 22.03 -6.53
C ASP A 12 5.84 21.96 -7.80
N PRO A 13 5.49 21.04 -8.69
CA PRO A 13 4.36 20.12 -8.49
C PRO A 13 4.62 19.09 -7.40
N ALA A 14 3.55 18.55 -6.85
CA ALA A 14 3.66 17.55 -5.78
C ALA A 14 3.80 16.15 -6.36
N GLN A 15 4.08 15.18 -5.48
CA GLN A 15 4.24 13.79 -5.91
C GLN A 15 2.96 13.00 -5.65
N ASP A 16 2.99 11.71 -6.01
CA ASP A 16 1.83 10.84 -5.83
C ASP A 16 2.09 9.85 -4.70
N ALA A 17 1.01 9.43 -4.03
CA ALA A 17 1.11 8.47 -2.94
C ALA A 17 1.22 7.04 -3.47
N VAL A 18 2.32 6.38 -3.14
CA VAL A 18 2.55 5.01 -3.58
C VAL A 18 2.48 4.04 -2.40
N LYS A 19 2.74 4.55 -1.20
CA LYS A 19 2.70 3.73 0.00
C LYS A 19 1.57 4.18 0.93
N THR A 20 1.15 3.28 1.82
CA THR A 20 0.08 3.58 2.77
C THR A 20 0.27 2.82 4.07
N CYS A 21 0.20 3.54 5.18
CA CYS A 21 0.36 2.92 6.48
C CYS A 21 -1.02 2.72 7.10
N VAL A 22 -1.33 1.46 7.38
CA VAL A 22 -2.62 1.09 7.96
C VAL A 22 -2.72 1.60 9.40
N THR A 23 -1.61 1.54 10.13
CA THR A 23 -1.58 1.98 11.52
C THR A 23 -1.76 3.50 11.61
N CYS A 24 -1.46 4.20 10.52
CA CYS A 24 -1.61 5.64 10.50
C CYS A 24 -2.95 5.98 9.87
N GLU A 25 -3.45 5.06 9.05
CA GLU A 25 -4.73 5.24 8.38
C GLU A 25 -4.67 6.41 7.39
N VAL A 26 -3.53 6.54 6.71
CA VAL A 26 -3.36 7.62 5.74
C VAL A 26 -2.53 7.14 4.54
N SER A 27 -2.72 7.81 3.40
CA SER A 27 -1.99 7.45 2.19
C SER A 27 -1.05 8.58 1.78
N TYR A 28 0.25 8.29 1.79
CA TYR A 28 1.25 9.28 1.43
C TYR A 28 2.23 8.70 0.41
N CYS A 29 3.20 9.52 0.00
CA CYS A 29 4.20 9.08 -0.96
C CYS A 29 5.42 8.58 -0.20
N ASP A 30 6.29 7.89 -0.92
CA ASP A 30 7.51 7.35 -0.33
C ASP A 30 8.35 8.47 0.28
N GLU A 31 8.40 9.62 -0.38
CA GLU A 31 9.16 10.75 0.10
C GLU A 31 8.80 11.08 1.54
N CYS A 32 7.56 11.51 1.76
CA CYS A 32 7.10 11.85 3.09
C CYS A 32 7.23 10.61 3.97
N LEU A 33 6.82 9.48 3.41
CA LEU A 33 6.88 8.20 4.13
C LEU A 33 8.26 7.98 4.73
N LYS A 34 9.27 8.58 4.10
CA LYS A 34 10.65 8.45 4.58
C LYS A 34 10.89 9.34 5.80
N ALA A 35 10.41 10.57 5.72
CA ALA A 35 10.58 11.52 6.82
C ALA A 35 9.75 11.10 8.03
N THR A 36 8.50 10.70 7.79
CA THR A 36 7.61 10.28 8.86
C THR A 36 8.05 8.94 9.44
N HIS A 37 8.34 7.98 8.57
CA HIS A 37 8.77 6.65 8.99
C HIS A 37 10.24 6.42 8.63
N PRO A 38 11.14 6.81 9.55
CA PRO A 38 12.58 6.65 9.35
C PRO A 38 13.02 5.19 9.40
N ASN A 39 14.33 4.97 9.42
CA ASN A 39 14.87 3.61 9.46
C ASN A 39 14.46 2.90 10.75
N LYS A 40 13.77 1.78 10.60
CA LYS A 40 13.32 1.01 11.76
C LYS A 40 12.74 -0.34 11.32
N LYS A 41 13.25 -0.86 10.20
CA LYS A 41 12.80 -2.13 9.67
C LYS A 41 12.74 -3.19 10.78
N PRO A 42 12.02 -4.29 10.51
CA PRO A 42 11.32 -4.48 9.24
C PRO A 42 10.13 -3.55 9.08
N PHE A 43 9.65 -3.41 7.85
CA PHE A 43 8.51 -2.54 7.57
C PHE A 43 8.74 -1.14 8.13
N THR A 44 10.01 -0.74 8.17
CA THR A 44 10.37 0.59 8.68
C THR A 44 9.85 0.78 10.11
N GLY A 45 9.51 -0.32 10.76
CA GLY A 45 9.00 -0.25 12.13
C GLY A 45 7.54 0.13 12.18
N HIS A 46 6.96 0.44 11.02
CA HIS A 46 5.56 0.82 10.94
C HIS A 46 4.80 -0.13 10.01
N ARG A 47 3.58 -0.49 10.42
CA ARG A 47 2.75 -1.39 9.63
C ARG A 47 2.57 -0.87 8.21
N LEU A 48 2.28 -1.77 7.28
CA LEU A 48 2.09 -1.40 5.89
C LEU A 48 1.71 -2.61 5.04
N ILE A 49 1.59 -2.41 3.74
CA ILE A 49 1.23 -3.49 2.83
C ILE A 49 2.14 -3.50 1.61
N GLU A 50 2.59 -4.70 1.24
CA GLU A 50 3.48 -4.85 0.08
C GLU A 50 4.74 -3.99 0.24
N PRO A 51 5.64 -4.44 1.12
CA PRO A 51 6.90 -3.72 1.39
C PRO A 51 7.86 -3.81 0.21
N ILE A 52 9.09 -3.35 0.44
CA ILE A 52 10.11 -3.37 -0.61
C ILE A 52 10.24 -4.75 -1.23
N PRO A 53 10.23 -4.81 -2.57
CA PRO A 53 10.34 -6.07 -3.32
C PRO A 53 11.73 -6.68 -3.20
N ASP A 54 11.78 -8.01 -3.11
CA ASP A 54 13.04 -8.72 -2.99
C ASP A 54 13.09 -9.91 -3.94
N SER A 55 14.23 -10.58 -4.00
CA SER A 55 14.40 -11.74 -4.88
C SER A 55 13.75 -12.97 -4.27
N HIS A 56 12.47 -13.17 -4.60
CA HIS A 56 11.73 -14.32 -4.09
C HIS A 56 11.43 -15.31 -5.20
N ILE A 57 10.50 -14.96 -6.09
CA ILE A 57 10.12 -15.81 -7.20
C ILE A 57 9.18 -15.09 -8.16
N ARG A 58 8.28 -14.28 -7.59
CA ARG A 58 7.33 -13.54 -8.40
C ARG A 58 6.43 -12.68 -7.51
N GLY A 59 6.30 -11.40 -7.88
CA GLY A 59 5.47 -10.49 -7.11
C GLY A 59 5.83 -10.49 -5.64
N LEU A 60 4.91 -10.01 -4.80
CA LEU A 60 5.14 -9.96 -3.36
C LEU A 60 3.97 -10.60 -2.61
N MET A 61 4.16 -10.82 -1.31
CA MET A 61 3.13 -11.42 -0.47
C MET A 61 2.54 -10.38 0.48
N CYS A 62 1.45 -10.76 1.15
CA CYS A 62 0.80 -9.86 2.09
C CYS A 62 1.59 -9.88 3.40
N LEU A 63 1.11 -9.09 4.35
CA LEU A 63 1.75 -9.00 5.66
C LEU A 63 1.78 -10.36 6.34
N GLU A 64 0.60 -10.91 6.60
CA GLU A 64 0.49 -12.21 7.25
C GLU A 64 -0.48 -13.12 6.51
N HIS A 65 -0.30 -13.22 5.19
CA HIS A 65 -1.16 -14.06 4.36
C HIS A 65 -0.34 -14.79 3.30
N GLU A 66 0.30 -15.88 3.70
CA GLU A 66 1.11 -16.68 2.79
C GLU A 66 0.24 -17.59 1.94
N ASP A 67 -0.85 -18.07 2.52
CA ASP A 67 -1.77 -18.96 1.81
C ASP A 67 -2.50 -18.20 0.70
N GLU A 68 -2.56 -16.89 0.82
CA GLU A 68 -3.22 -16.05 -0.17
C GLU A 68 -2.32 -14.90 -0.61
N LYS A 69 -1.94 -14.90 -1.88
CA LYS A 69 -1.09 -13.85 -2.42
C LYS A 69 -1.90 -12.61 -2.77
N VAL A 70 -1.20 -11.52 -3.10
CA VAL A 70 -1.87 -10.27 -3.46
C VAL A 70 -2.34 -10.30 -4.91
N ASN A 71 -3.64 -10.12 -5.11
CA ASN A 71 -4.22 -10.13 -6.44
C ASN A 71 -5.22 -8.99 -6.60
N MET A 72 -5.07 -7.96 -5.78
CA MET A 72 -5.96 -6.80 -5.84
C MET A 72 -5.17 -5.50 -5.70
N TYR A 73 -5.87 -4.38 -5.85
CA TYR A 73 -5.23 -3.08 -5.75
C TYR A 73 -6.19 -2.05 -5.17
N CYS A 74 -5.69 -1.23 -4.26
CA CYS A 74 -6.51 -0.21 -3.63
C CYS A 74 -6.13 1.15 -4.23
N VAL A 75 -7.15 1.94 -4.54
CA VAL A 75 -6.96 3.26 -5.11
C VAL A 75 -6.71 4.30 -4.02
N THR A 76 -7.57 4.29 -3.00
CA THR A 76 -7.44 5.24 -1.90
C THR A 76 -6.07 5.15 -1.26
N ASP A 77 -5.42 4.00 -1.39
CA ASP A 77 -4.10 3.78 -0.83
C ASP A 77 -3.04 3.72 -1.92
N ASP A 78 -3.47 3.42 -3.14
CA ASP A 78 -2.56 3.32 -4.28
C ASP A 78 -1.55 2.20 -4.07
N GLN A 79 -1.97 1.15 -3.37
CA GLN A 79 -1.11 0.01 -3.11
C GLN A 79 -1.79 -1.30 -3.51
N LEU A 80 -1.06 -2.40 -3.38
CA LEU A 80 -1.59 -3.72 -3.73
C LEU A 80 -2.09 -4.45 -2.49
N ILE A 81 -3.08 -5.31 -2.68
CA ILE A 81 -3.65 -6.08 -1.58
C ILE A 81 -4.12 -7.45 -2.05
N CYS A 82 -4.62 -8.25 -1.11
CA CYS A 82 -5.10 -9.58 -1.44
C CYS A 82 -6.62 -9.60 -1.24
N ALA A 83 -7.28 -10.48 -1.99
CA ALA A 83 -8.72 -10.63 -1.90
C ALA A 83 -9.16 -10.93 -0.47
N LEU A 84 -8.28 -11.58 0.28
CA LEU A 84 -8.57 -11.94 1.67
C LEU A 84 -8.58 -10.70 2.56
N CYS A 85 -7.94 -9.64 2.09
CA CYS A 85 -7.89 -8.40 2.86
C CYS A 85 -9.20 -7.65 2.64
N LYS A 86 -9.70 -7.73 1.42
CA LYS A 86 -10.96 -7.07 1.06
C LYS A 86 -12.15 -7.81 1.66
N LEU A 87 -11.97 -9.10 1.93
CA LEU A 87 -13.03 -9.91 2.50
C LEU A 87 -13.16 -9.66 4.00
N VAL A 88 -12.05 -9.77 4.72
CA VAL A 88 -12.04 -9.54 6.16
C VAL A 88 -12.68 -8.20 6.51
N GLY A 89 -12.40 -7.19 5.69
CA GLY A 89 -12.95 -5.87 5.93
C GLY A 89 -11.90 -4.78 5.83
N ARG A 90 -10.64 -5.18 5.78
CA ARG A 90 -9.54 -4.23 5.68
C ARG A 90 -9.77 -3.23 4.55
N HIS A 91 -10.32 -3.72 3.44
CA HIS A 91 -10.60 -2.89 2.29
C HIS A 91 -11.99 -3.17 1.72
N ARG A 92 -12.98 -3.20 2.60
CA ARG A 92 -14.36 -3.47 2.20
C ARG A 92 -15.02 -2.21 1.66
N ASP A 93 -14.99 -1.15 2.45
CA ASP A 93 -15.58 0.13 2.05
C ASP A 93 -14.70 0.86 1.06
N HIS A 94 -13.50 0.31 0.81
CA HIS A 94 -12.57 0.89 -0.12
C HIS A 94 -12.97 0.60 -1.57
N GLN A 95 -12.33 1.29 -2.51
CA GLN A 95 -12.62 1.10 -3.92
C GLN A 95 -11.44 0.45 -4.64
N VAL A 96 -11.55 -0.85 -4.90
CA VAL A 96 -10.51 -1.59 -5.58
C VAL A 96 -10.96 -2.07 -6.95
N ALA A 97 -10.05 -2.71 -7.68
CA ALA A 97 -10.37 -3.21 -9.01
C ALA A 97 -10.28 -4.74 -9.05
N ALA A 98 -11.31 -5.38 -9.58
CA ALA A 98 -11.35 -6.82 -9.68
C ALA A 98 -10.56 -7.31 -10.90
N LEU A 99 -10.47 -8.63 -11.05
CA LEU A 99 -9.74 -9.22 -12.17
C LEU A 99 -10.37 -10.55 -12.59
N SER A 100 -10.38 -10.81 -13.89
CA SER A 100 -10.96 -12.05 -14.42
C SER A 100 -10.30 -12.42 -15.75
N GLU A 101 -10.59 -13.63 -16.22
CA GLU A 101 -10.03 -14.12 -17.47
C GLU A 101 -11.06 -14.00 -18.59
N ALA A 1 -5.01 12.35 -14.74
CA ALA A 1 -4.78 11.05 -14.12
C ALA A 1 -5.99 10.59 -13.32
N GLU A 2 -5.93 9.36 -12.83
CA GLU A 2 -7.03 8.80 -12.05
C GLU A 2 -6.52 8.27 -10.71
N LYS A 3 -5.47 8.90 -10.19
CA LYS A 3 -4.89 8.50 -8.91
C LYS A 3 -4.88 9.65 -7.93
N VAL A 4 -4.76 9.34 -6.64
CA VAL A 4 -4.73 10.35 -5.61
C VAL A 4 -3.33 10.91 -5.43
N LEU A 5 -3.24 12.23 -5.25
CA LEU A 5 -1.95 12.90 -5.07
C LEU A 5 -1.58 12.96 -3.59
N CYS A 6 -0.30 12.82 -3.31
CA CYS A 6 0.18 12.86 -1.93
C CYS A 6 -0.29 14.18 -1.31
N GLN A 7 -1.30 14.06 -0.45
CA GLN A 7 -1.85 15.23 0.23
C GLN A 7 -0.83 15.86 1.16
N PHE A 8 0.14 15.05 1.60
CA PHE A 8 1.18 15.54 2.50
C PHE A 8 2.47 15.83 1.73
N CYS A 9 2.33 16.38 0.54
CA CYS A 9 3.48 16.71 -0.27
C CYS A 9 3.56 18.22 -0.44
N ASP A 10 4.78 18.73 -0.44
CA ASP A 10 5.02 20.16 -0.59
C ASP A 10 6.06 20.43 -1.67
N GLN A 11 5.96 19.70 -2.78
CA GLN A 11 6.89 19.87 -3.89
C GLN A 11 6.43 20.96 -4.83
N ASP A 12 5.17 20.88 -5.25
CA ASP A 12 4.60 21.87 -6.16
C ASP A 12 5.39 21.93 -7.47
N PRO A 13 4.99 21.07 -8.43
CA PRO A 13 3.88 20.13 -8.26
C PRO A 13 4.22 19.02 -7.26
N ALA A 14 3.18 18.40 -6.72
CA ALA A 14 3.36 17.32 -5.76
C ALA A 14 3.31 15.96 -6.44
N GLN A 15 3.81 14.93 -5.76
CA GLN A 15 3.83 13.58 -6.30
C GLN A 15 2.57 12.82 -5.91
N ASP A 16 2.47 11.58 -6.38
CA ASP A 16 1.31 10.74 -6.07
C ASP A 16 1.66 9.70 -5.02
N ALA A 17 0.65 9.22 -4.30
CA ALA A 17 0.84 8.22 -3.27
C ALA A 17 0.86 6.81 -3.86
N VAL A 18 1.99 6.12 -3.69
CA VAL A 18 2.15 4.77 -4.20
C VAL A 18 2.18 3.74 -3.06
N LYS A 19 2.68 4.17 -1.92
CA LYS A 19 2.77 3.30 -0.74
C LYS A 19 1.69 3.64 0.28
N THR A 20 1.49 2.74 1.24
CA THR A 20 0.49 2.95 2.28
C THR A 20 0.85 2.19 3.55
N CYS A 21 0.82 2.88 4.67
CA CYS A 21 1.15 2.25 5.95
C CYS A 21 -0.16 2.00 6.70
N VAL A 22 -0.36 0.74 7.07
CA VAL A 22 -1.55 0.34 7.80
C VAL A 22 -1.52 0.85 9.23
N THR A 23 -0.33 0.84 9.83
CA THR A 23 -0.17 1.31 11.21
C THR A 23 -0.38 2.81 11.30
N CYS A 24 -0.25 3.49 10.18
CA CYS A 24 -0.43 4.94 10.15
C CYS A 24 -1.87 5.23 9.74
N GLU A 25 -2.47 4.26 9.05
CA GLU A 25 -3.84 4.39 8.58
C GLU A 25 -3.97 5.53 7.57
N VAL A 26 -2.92 5.71 6.76
CA VAL A 26 -2.90 6.75 5.75
C VAL A 26 -2.04 6.35 4.56
N SER A 27 -2.42 6.82 3.37
CA SER A 27 -1.68 6.50 2.16
C SER A 27 -0.90 7.71 1.68
N TYR A 28 0.41 7.54 1.52
CA TYR A 28 1.28 8.62 1.06
C TYR A 28 2.24 8.14 -0.02
N CYS A 29 3.08 9.03 -0.49
CA CYS A 29 4.04 8.68 -1.52
C CYS A 29 5.31 8.15 -0.85
N ASP A 30 6.08 7.40 -1.61
CA ASP A 30 7.33 6.82 -1.11
C ASP A 30 8.19 7.88 -0.46
N GLU A 31 8.27 9.06 -1.09
CA GLU A 31 9.06 10.16 -0.58
C GLU A 31 8.78 10.39 0.91
N CYS A 32 7.56 10.81 1.21
CA CYS A 32 7.17 11.07 2.59
C CYS A 32 7.33 9.77 3.38
N LEU A 33 6.90 8.68 2.74
CA LEU A 33 6.97 7.36 3.36
C LEU A 33 8.36 7.12 3.96
N LYS A 34 9.38 7.69 3.32
CA LYS A 34 10.75 7.53 3.78
C LYS A 34 11.01 8.39 5.02
N ALA A 35 10.51 9.62 4.99
CA ALA A 35 10.68 10.54 6.11
C ALA A 35 9.91 10.06 7.33
N THR A 36 8.60 9.92 7.17
CA THR A 36 7.75 9.47 8.26
C THR A 36 8.28 8.19 8.90
N HIS A 37 8.90 7.34 8.09
CA HIS A 37 9.46 6.09 8.56
C HIS A 37 10.98 6.15 8.58
N PRO A 38 11.56 6.61 9.69
CA PRO A 38 13.01 6.73 9.85
C PRO A 38 13.68 5.36 9.96
N ASN A 39 14.93 5.28 9.48
CA ASN A 39 15.68 4.04 9.53
C ASN A 39 15.72 3.48 10.94
N LYS A 40 14.90 2.47 11.21
CA LYS A 40 14.84 1.85 12.53
C LYS A 40 15.13 0.36 12.44
N LYS A 41 15.26 -0.14 11.21
CA LYS A 41 15.54 -1.55 10.98
C LYS A 41 16.73 -2.01 11.82
N PRO A 42 16.80 -3.34 12.06
CA PRO A 42 15.81 -4.29 11.57
C PRO A 42 14.46 -4.14 12.26
N PHE A 43 13.39 -4.32 11.50
CA PHE A 43 12.05 -4.22 12.05
C PHE A 43 11.80 -2.81 12.60
N THR A 44 11.60 -1.85 11.70
CA THR A 44 11.36 -0.48 12.09
C THR A 44 10.13 -0.36 12.99
N GLY A 45 9.26 -1.37 12.91
CA GLY A 45 8.06 -1.36 13.73
C GLY A 45 6.85 -0.85 12.98
N HIS A 46 7.02 -0.62 11.67
CA HIS A 46 5.93 -0.13 10.84
C HIS A 46 5.63 -1.10 9.71
N ARG A 47 4.39 -1.56 9.64
CA ARG A 47 3.97 -2.50 8.61
C ARG A 47 3.23 -1.78 7.48
N LEU A 48 3.26 -2.37 6.29
CA LEU A 48 2.60 -1.78 5.13
C LEU A 48 1.86 -2.85 4.34
N ILE A 49 1.31 -2.45 3.19
CA ILE A 49 0.58 -3.38 2.34
C ILE A 49 1.34 -3.66 1.05
N GLU A 50 2.17 -4.71 1.07
CA GLU A 50 2.95 -5.09 -0.10
C GLU A 50 3.86 -3.94 -0.53
N PRO A 51 4.93 -3.70 0.24
CA PRO A 51 5.90 -2.64 -0.05
C PRO A 51 6.74 -2.94 -1.28
N ILE A 52 7.60 -1.99 -1.65
CA ILE A 52 8.46 -2.16 -2.81
C ILE A 52 9.94 -2.15 -2.41
N PRO A 53 10.39 -3.27 -1.81
CA PRO A 53 11.78 -3.42 -1.37
C PRO A 53 12.75 -3.53 -2.54
N ASP A 54 14.00 -3.85 -2.24
CA ASP A 54 15.03 -3.98 -3.26
C ASP A 54 14.56 -4.92 -4.37
N SER A 55 14.07 -6.09 -3.99
CA SER A 55 13.59 -7.08 -4.96
C SER A 55 12.71 -8.13 -4.27
N HIS A 56 13.34 -8.99 -3.47
CA HIS A 56 12.63 -10.03 -2.76
C HIS A 56 11.89 -10.94 -3.74
N ILE A 57 11.13 -11.89 -3.21
CA ILE A 57 10.36 -12.82 -4.03
C ILE A 57 9.52 -12.07 -5.06
N ARG A 58 9.35 -12.68 -6.23
CA ARG A 58 8.56 -12.08 -7.29
C ARG A 58 7.19 -11.66 -6.79
N GLY A 59 6.39 -12.64 -6.37
CA GLY A 59 5.06 -12.35 -5.87
C GLY A 59 5.04 -12.11 -4.37
N LEU A 60 4.69 -10.90 -3.97
CA LEU A 60 4.64 -10.55 -2.55
C LEU A 60 3.37 -11.09 -1.90
N MET A 61 3.43 -11.29 -0.58
CA MET A 61 2.28 -11.80 0.16
C MET A 61 1.68 -10.72 1.05
N CYS A 62 0.52 -11.01 1.62
CA CYS A 62 -0.14 -10.05 2.49
C CYS A 62 0.56 -10.07 3.85
N LEU A 63 0.05 -9.24 4.75
CA LEU A 63 0.61 -9.14 6.10
C LEU A 63 0.53 -10.49 6.82
N GLU A 64 -0.69 -10.98 7.00
CA GLU A 64 -0.90 -12.26 7.67
C GLU A 64 -1.88 -13.14 6.88
N HIS A 65 -1.61 -13.28 5.59
CA HIS A 65 -2.45 -14.09 4.72
C HIS A 65 -1.62 -14.92 3.75
N GLU A 66 -1.07 -16.04 4.24
CA GLU A 66 -0.25 -16.91 3.42
C GLU A 66 -1.11 -17.79 2.52
N ASP A 67 -2.28 -18.16 3.02
CA ASP A 67 -3.20 -19.01 2.27
C ASP A 67 -3.79 -18.24 1.08
N GLU A 68 -3.80 -16.92 1.19
CA GLU A 68 -4.34 -16.07 0.13
C GLU A 68 -3.35 -14.97 -0.24
N LYS A 69 -2.87 -15.01 -1.48
CA LYS A 69 -1.92 -14.02 -1.97
C LYS A 69 -2.63 -12.77 -2.46
N VAL A 70 -1.86 -11.74 -2.79
CA VAL A 70 -2.43 -10.49 -3.28
C VAL A 70 -2.78 -10.59 -4.76
N ASN A 71 -4.07 -10.37 -5.07
CA ASN A 71 -4.53 -10.44 -6.45
C ASN A 71 -5.51 -9.30 -6.74
N MET A 72 -5.39 -8.22 -5.98
CA MET A 72 -6.27 -7.06 -6.17
C MET A 72 -5.49 -5.76 -5.99
N TYR A 73 -6.16 -4.64 -6.25
CA TYR A 73 -5.53 -3.33 -6.13
C TYR A 73 -6.49 -2.32 -5.50
N CYS A 74 -5.98 -1.54 -4.57
CA CYS A 74 -6.81 -0.55 -3.90
C CYS A 74 -6.42 0.83 -4.44
N VAL A 75 -7.44 1.63 -4.73
CA VAL A 75 -7.24 2.97 -5.27
C VAL A 75 -6.98 3.97 -4.14
N THR A 76 -7.84 3.95 -3.12
CA THR A 76 -7.70 4.85 -1.98
C THR A 76 -6.30 4.79 -1.41
N ASP A 77 -5.66 3.63 -1.52
CA ASP A 77 -4.31 3.43 -1.01
C ASP A 77 -3.29 3.41 -2.14
N ASP A 78 -3.78 3.13 -3.35
CA ASP A 78 -2.91 3.06 -4.51
C ASP A 78 -1.88 1.95 -4.37
N GLN A 79 -2.25 0.89 -3.66
CA GLN A 79 -1.36 -0.24 -3.45
C GLN A 79 -2.06 -1.55 -3.78
N LEU A 80 -1.32 -2.65 -3.69
CA LEU A 80 -1.86 -3.97 -3.98
C LEU A 80 -2.45 -4.62 -2.73
N ILE A 81 -3.47 -5.45 -2.91
CA ILE A 81 -4.10 -6.13 -1.79
C ILE A 81 -4.65 -7.49 -2.22
N CYS A 82 -5.18 -8.23 -1.25
CA CYS A 82 -5.73 -9.54 -1.54
C CYS A 82 -7.25 -9.47 -1.39
N ALA A 83 -7.94 -10.29 -2.17
CA ALA A 83 -9.39 -10.34 -2.15
C ALA A 83 -9.90 -10.62 -0.74
N LEU A 84 -9.11 -11.34 0.05
CA LEU A 84 -9.49 -11.67 1.41
C LEU A 84 -9.53 -10.42 2.29
N CYS A 85 -8.83 -9.39 1.86
CA CYS A 85 -8.80 -8.14 2.61
C CYS A 85 -10.09 -7.36 2.30
N LYS A 86 -10.49 -7.42 1.04
CA LYS A 86 -11.69 -6.73 0.58
C LYS A 86 -12.95 -7.46 1.06
N LEU A 87 -12.81 -8.75 1.34
CA LEU A 87 -13.93 -9.56 1.80
C LEU A 87 -14.19 -9.31 3.29
N VAL A 88 -13.16 -9.46 4.11
CA VAL A 88 -13.28 -9.25 5.55
C VAL A 88 -13.89 -7.88 5.84
N GLY A 89 -13.50 -6.88 5.07
CA GLY A 89 -14.02 -5.54 5.27
C GLY A 89 -12.93 -4.49 5.33
N ARG A 90 -11.68 -4.95 5.48
CA ARG A 90 -10.54 -4.04 5.56
C ARG A 90 -10.53 -3.07 4.37
N HIS A 91 -11.08 -3.54 3.24
CA HIS A 91 -11.13 -2.71 2.04
C HIS A 91 -12.50 -2.81 1.38
N ARG A 92 -13.54 -2.97 2.20
CA ARG A 92 -14.90 -3.09 1.68
C ARG A 92 -15.36 -1.77 1.08
N ASP A 93 -15.26 -0.70 1.85
CA ASP A 93 -15.66 0.62 1.39
C ASP A 93 -14.67 1.17 0.37
N HIS A 94 -13.55 0.49 0.22
CA HIS A 94 -12.51 0.90 -0.72
C HIS A 94 -12.89 0.53 -2.14
N GLN A 95 -12.43 1.34 -3.10
CA GLN A 95 -12.72 1.10 -4.50
C GLN A 95 -11.56 0.38 -5.20
N VAL A 96 -11.75 -0.90 -5.48
CA VAL A 96 -10.71 -1.70 -6.13
C VAL A 96 -11.13 -2.08 -7.55
N ALA A 97 -10.21 -2.71 -8.27
CA ALA A 97 -10.48 -3.14 -9.64
C ALA A 97 -10.27 -4.63 -9.81
N ALA A 98 -11.27 -5.31 -10.37
CA ALA A 98 -11.18 -6.75 -10.58
C ALA A 98 -10.54 -7.06 -11.93
N LEU A 99 -9.27 -7.46 -11.90
CA LEU A 99 -8.54 -7.78 -13.12
C LEU A 99 -8.67 -9.27 -13.44
N SER A 100 -9.53 -9.59 -14.40
CA SER A 100 -9.75 -10.98 -14.80
C SER A 100 -10.63 -11.04 -16.04
N GLU A 101 -10.72 -12.23 -16.63
CA GLU A 101 -11.53 -12.43 -17.83
C GLU A 101 -12.99 -12.60 -17.47
N ALA A 1 -6.81 3.48 -13.34
CA ALA A 1 -6.69 4.90 -13.68
C ALA A 1 -7.03 5.78 -12.48
N GLU A 2 -7.02 7.09 -12.68
CA GLU A 2 -7.31 8.03 -11.62
C GLU A 2 -6.36 7.84 -10.44
N LYS A 3 -5.17 8.42 -10.54
CA LYS A 3 -4.17 8.32 -9.49
C LYS A 3 -4.37 9.40 -8.44
N VAL A 4 -4.21 9.03 -7.18
CA VAL A 4 -4.37 9.98 -6.08
C VAL A 4 -3.07 10.71 -5.79
N LEU A 5 -3.15 12.02 -5.58
CA LEU A 5 -1.97 12.83 -5.30
C LEU A 5 -1.75 12.95 -3.80
N CYS A 6 -0.49 13.02 -3.41
CA CYS A 6 -0.16 13.13 -1.99
C CYS A 6 -0.78 14.42 -1.45
N GLN A 7 -1.91 14.25 -0.76
CA GLN A 7 -2.63 15.37 -0.19
C GLN A 7 -1.80 16.06 0.89
N PHE A 8 -0.88 15.31 1.50
CA PHE A 8 -0.02 15.85 2.54
C PHE A 8 1.34 16.24 1.97
N CYS A 9 1.34 16.80 0.77
CA CYS A 9 2.57 17.22 0.13
C CYS A 9 2.54 18.73 -0.03
N ASP A 10 3.72 19.34 0.12
CA ASP A 10 3.86 20.78 -0.01
C ASP A 10 5.00 21.14 -0.96
N GLN A 11 5.05 20.45 -2.09
CA GLN A 11 6.09 20.70 -3.08
C GLN A 11 5.64 21.74 -4.11
N ASP A 12 4.45 21.53 -4.66
CA ASP A 12 3.90 22.45 -5.65
C ASP A 12 4.83 22.59 -6.85
N PRO A 13 4.66 21.70 -7.83
CA PRO A 13 3.63 20.66 -7.79
C PRO A 13 3.94 19.58 -6.75
N ALA A 14 2.91 18.85 -6.32
CA ALA A 14 3.08 17.80 -5.34
C ALA A 14 3.26 16.43 -6.01
N GLN A 15 3.72 15.45 -5.24
CA GLN A 15 3.93 14.11 -5.76
C GLN A 15 2.68 13.25 -5.59
N ASP A 16 2.75 12.02 -6.07
CA ASP A 16 1.62 11.10 -5.98
C ASP A 16 1.86 10.05 -4.90
N ALA A 17 0.78 9.62 -4.24
CA ALA A 17 0.89 8.63 -3.18
C ALA A 17 1.06 7.23 -3.77
N VAL A 18 2.18 6.58 -3.43
CA VAL A 18 2.46 5.25 -3.93
C VAL A 18 2.40 4.22 -2.80
N LYS A 19 2.70 4.67 -1.59
CA LYS A 19 2.68 3.78 -0.42
C LYS A 19 1.61 4.23 0.57
N THR A 20 1.36 3.40 1.57
CA THR A 20 0.36 3.70 2.60
C THR A 20 0.66 2.98 3.90
N CYS A 21 0.67 3.72 5.00
CA CYS A 21 0.95 3.14 6.30
C CYS A 21 -0.39 2.83 6.97
N VAL A 22 -0.49 1.60 7.48
CA VAL A 22 -1.70 1.15 8.16
C VAL A 22 -1.84 1.81 9.52
N THR A 23 -0.78 1.75 10.31
CA THR A 23 -0.79 2.35 11.65
C THR A 23 -1.10 3.84 11.58
N CYS A 24 -0.88 4.44 10.42
CA CYS A 24 -1.14 5.85 10.24
C CYS A 24 -2.57 6.00 9.70
N GLU A 25 -3.01 4.98 8.97
CA GLU A 25 -4.35 4.99 8.39
C GLU A 25 -4.48 6.08 7.32
N VAL A 26 -3.38 6.32 6.60
CA VAL A 26 -3.38 7.32 5.55
C VAL A 26 -2.43 6.93 4.42
N SER A 27 -2.74 7.38 3.21
CA SER A 27 -1.93 7.08 2.04
C SER A 27 -1.07 8.28 1.65
N TYR A 28 0.24 8.10 1.68
CA TYR A 28 1.17 9.16 1.34
C TYR A 28 2.11 8.72 0.22
N CYS A 29 3.01 9.62 -0.18
CA CYS A 29 3.96 9.31 -1.24
C CYS A 29 5.27 8.85 -0.58
N ASP A 30 6.11 8.22 -1.40
CA ASP A 30 7.40 7.73 -0.93
C ASP A 30 8.16 8.80 -0.17
N GLU A 31 8.12 10.03 -0.70
CA GLU A 31 8.81 11.15 -0.06
C GLU A 31 8.42 11.26 1.41
N CYS A 32 7.16 11.51 1.68
CA CYS A 32 6.68 11.64 3.04
C CYS A 32 6.95 10.31 3.77
N LEU A 33 6.88 9.23 3.00
CA LEU A 33 7.12 7.90 3.55
C LEU A 33 8.49 7.81 4.21
N LYS A 34 9.50 8.41 3.56
CA LYS A 34 10.85 8.41 4.09
C LYS A 34 10.99 9.41 5.24
N ALA A 35 10.07 10.35 5.30
CA ALA A 35 10.08 11.37 6.35
C ALA A 35 9.70 10.77 7.70
N THR A 36 8.49 10.23 7.79
CA THR A 36 8.01 9.63 9.02
C THR A 36 8.54 8.21 9.18
N HIS A 37 8.67 7.50 8.06
CA HIS A 37 9.17 6.12 8.08
C HIS A 37 10.52 6.02 7.37
N PRO A 38 11.61 6.22 8.14
CA PRO A 38 12.97 6.16 7.60
C PRO A 38 13.37 4.75 7.20
N ASN A 39 14.63 4.58 6.81
CA ASN A 39 15.14 3.28 6.40
C ASN A 39 15.44 2.40 7.62
N LYS A 40 14.42 1.67 8.07
CA LYS A 40 14.56 0.78 9.23
C LYS A 40 13.76 -0.50 9.03
N LYS A 41 13.32 -0.73 7.81
CA LYS A 41 12.54 -1.93 7.49
C LYS A 41 13.41 -3.18 7.57
N PRO A 42 12.76 -4.35 7.62
CA PRO A 42 11.30 -4.45 7.61
C PRO A 42 10.68 -3.93 8.90
N PHE A 43 11.50 -3.73 9.92
CA PHE A 43 11.04 -3.24 11.21
C PHE A 43 11.15 -1.72 11.29
N THR A 44 10.60 -1.03 10.28
CA THR A 44 10.64 0.42 10.24
C THR A 44 9.95 1.03 11.46
N GLY A 45 9.17 0.22 12.16
CA GLY A 45 8.47 0.70 13.34
C GLY A 45 6.98 0.86 13.10
N HIS A 46 6.59 0.92 11.83
CA HIS A 46 5.19 1.08 11.46
C HIS A 46 4.72 -0.07 10.58
N ARG A 47 3.41 -0.16 10.38
CA ARG A 47 2.84 -1.22 9.55
C ARG A 47 2.48 -0.69 8.17
N LEU A 48 2.85 -1.46 7.14
CA LEU A 48 2.57 -1.05 5.76
C LEU A 48 2.19 -2.27 4.91
N ILE A 49 1.00 -2.21 4.31
CA ILE A 49 0.52 -3.31 3.47
C ILE A 49 1.51 -3.60 2.34
N GLU A 50 2.33 -4.63 2.53
CA GLU A 50 3.31 -5.02 1.52
C GLU A 50 4.10 -6.23 1.98
N PRO A 51 4.69 -6.96 1.02
CA PRO A 51 5.48 -8.16 1.30
C PRO A 51 6.80 -7.83 1.98
N ILE A 52 7.54 -8.86 2.36
CA ILE A 52 8.83 -8.68 3.02
C ILE A 52 9.96 -8.53 2.00
N PRO A 53 10.81 -7.53 2.22
CA PRO A 53 11.94 -7.25 1.33
C PRO A 53 13.03 -8.32 1.42
N ASP A 54 14.13 -8.10 0.72
CA ASP A 54 15.24 -9.04 0.72
C ASP A 54 14.76 -10.44 0.37
N SER A 55 14.16 -10.58 -0.80
CA SER A 55 13.65 -11.87 -1.25
C SER A 55 13.44 -11.88 -2.76
N HIS A 56 13.48 -13.07 -3.36
CA HIS A 56 13.29 -13.20 -4.79
C HIS A 56 12.19 -14.22 -5.11
N ILE A 57 10.96 -13.74 -5.19
CA ILE A 57 9.82 -14.61 -5.48
C ILE A 57 8.94 -14.01 -6.58
N ARG A 58 8.15 -14.86 -7.23
CA ARG A 58 7.27 -14.42 -8.29
C ARG A 58 6.14 -13.53 -7.74
N GLY A 59 6.00 -12.34 -8.31
CA GLY A 59 4.98 -11.43 -7.86
C GLY A 59 5.19 -10.97 -6.43
N LEU A 60 4.25 -10.19 -5.92
CA LEU A 60 4.34 -9.68 -4.55
C LEU A 60 3.31 -10.36 -3.65
N MET A 61 3.66 -10.50 -2.38
CA MET A 61 2.77 -11.12 -1.41
C MET A 61 2.22 -10.09 -0.44
N CYS A 62 1.23 -10.51 0.36
CA CYS A 62 0.62 -9.61 1.32
C CYS A 62 1.47 -9.62 2.60
N LEU A 63 1.04 -8.83 3.56
CA LEU A 63 1.74 -8.73 4.85
C LEU A 63 1.80 -10.09 5.53
N GLU A 64 0.64 -10.65 5.83
CA GLU A 64 0.57 -11.95 6.49
C GLU A 64 -0.44 -12.87 5.80
N HIS A 65 -0.31 -12.96 4.48
CA HIS A 65 -1.20 -13.81 3.69
C HIS A 65 -0.43 -14.53 2.60
N GLU A 66 0.24 -15.62 2.97
CA GLU A 66 1.01 -16.40 2.02
C GLU A 66 0.11 -17.35 1.23
N ASP A 67 -0.94 -17.84 1.88
CA ASP A 67 -1.89 -18.75 1.23
C ASP A 67 -2.72 -18.01 0.18
N GLU A 68 -2.69 -16.69 0.24
CA GLU A 68 -3.46 -15.87 -0.71
C GLU A 68 -2.60 -14.71 -1.22
N LYS A 69 -2.33 -14.72 -2.51
CA LYS A 69 -1.53 -13.66 -3.14
C LYS A 69 -2.38 -12.44 -3.43
N VAL A 70 -1.73 -11.32 -3.74
CA VAL A 70 -2.43 -10.08 -4.05
C VAL A 70 -2.95 -10.08 -5.49
N ASN A 71 -4.26 -9.93 -5.63
CA ASN A 71 -4.89 -9.91 -6.95
C ASN A 71 -5.85 -8.73 -7.07
N MET A 72 -5.60 -7.69 -6.29
CA MET A 72 -6.45 -6.50 -6.33
C MET A 72 -5.61 -5.24 -6.10
N TYR A 73 -6.22 -4.09 -6.31
CA TYR A 73 -5.54 -2.81 -6.13
C TYR A 73 -6.44 -1.81 -5.42
N CYS A 74 -5.87 -1.06 -4.49
CA CYS A 74 -6.62 -0.07 -3.74
C CYS A 74 -6.25 1.32 -4.27
N VAL A 75 -7.28 2.13 -4.50
CA VAL A 75 -7.09 3.49 -5.01
C VAL A 75 -6.75 4.45 -3.88
N THR A 76 -7.56 4.42 -2.82
CA THR A 76 -7.34 5.30 -1.68
C THR A 76 -5.94 5.13 -1.10
N ASP A 77 -5.36 3.95 -1.33
CA ASP A 77 -4.02 3.65 -0.83
C ASP A 77 -3.02 3.62 -1.99
N ASP A 78 -3.53 3.53 -3.21
CA ASP A 78 -2.68 3.48 -4.39
C ASP A 78 -1.68 2.35 -4.30
N GLN A 79 -2.07 1.28 -3.62
CA GLN A 79 -1.20 0.12 -3.46
C GLN A 79 -1.91 -1.17 -3.86
N LEU A 80 -1.20 -2.28 -3.81
CA LEU A 80 -1.77 -3.58 -4.19
C LEU A 80 -2.28 -4.31 -2.96
N ILE A 81 -3.40 -5.03 -3.13
CA ILE A 81 -4.00 -5.77 -2.03
C ILE A 81 -4.48 -7.14 -2.51
N CYS A 82 -4.99 -7.94 -1.58
CA CYS A 82 -5.49 -9.26 -1.91
C CYS A 82 -6.98 -9.31 -1.62
N ALA A 83 -7.67 -10.19 -2.34
CA ALA A 83 -9.11 -10.35 -2.17
C ALA A 83 -9.46 -10.67 -0.73
N LEU A 84 -8.54 -11.31 -0.02
CA LEU A 84 -8.76 -11.68 1.37
C LEU A 84 -8.72 -10.46 2.26
N CYS A 85 -8.10 -9.38 1.77
CA CYS A 85 -8.02 -8.15 2.54
C CYS A 85 -9.35 -7.41 2.42
N LYS A 86 -9.91 -7.46 1.22
CA LYS A 86 -11.18 -6.81 0.94
C LYS A 86 -12.34 -7.55 1.60
N LEU A 87 -12.14 -8.85 1.83
CA LEU A 87 -13.17 -9.67 2.45
C LEU A 87 -13.23 -9.42 3.95
N VAL A 88 -12.08 -9.50 4.61
CA VAL A 88 -12.00 -9.28 6.05
C VAL A 88 -12.62 -7.94 6.43
N GLY A 89 -12.40 -6.93 5.60
CA GLY A 89 -12.95 -5.61 5.87
C GLY A 89 -11.91 -4.52 5.79
N ARG A 90 -10.64 -4.91 5.81
CA ARG A 90 -9.54 -3.95 5.74
C ARG A 90 -9.71 -3.02 4.55
N HIS A 91 -10.34 -3.52 3.49
CA HIS A 91 -10.57 -2.72 2.29
C HIS A 91 -11.97 -2.95 1.74
N ARG A 92 -12.95 -2.95 2.65
CA ARG A 92 -14.35 -3.15 2.27
C ARG A 92 -14.95 -1.87 1.72
N ASP A 93 -14.82 -0.79 2.47
CA ASP A 93 -15.35 0.51 2.06
C ASP A 93 -14.42 1.19 1.07
N HIS A 94 -13.29 0.55 0.79
CA HIS A 94 -12.31 1.09 -0.15
C HIS A 94 -12.76 0.88 -1.59
N GLN A 95 -12.31 1.76 -2.47
CA GLN A 95 -12.67 1.67 -3.89
C GLN A 95 -11.56 0.97 -4.68
N VAL A 96 -11.76 -0.31 -4.95
CA VAL A 96 -10.79 -1.09 -5.71
C VAL A 96 -11.34 -1.48 -7.08
N ALA A 97 -10.51 -2.16 -7.87
CA ALA A 97 -10.90 -2.59 -9.20
C ALA A 97 -10.76 -4.10 -9.35
N ALA A 98 -11.26 -4.63 -10.47
CA ALA A 98 -11.18 -6.06 -10.74
C ALA A 98 -10.81 -6.32 -12.19
N LEU A 99 -9.93 -7.29 -12.40
CA LEU A 99 -9.48 -7.64 -13.75
C LEU A 99 -9.23 -9.14 -13.86
N SER A 100 -9.61 -9.71 -15.00
CA SER A 100 -9.45 -11.14 -15.24
C SER A 100 -8.52 -11.39 -16.42
N GLU A 101 -7.95 -12.58 -16.49
CA GLU A 101 -7.04 -12.94 -17.57
C GLU A 101 -7.67 -13.99 -18.48
#